data_2DAD
#
_entry.id   2DAD
#
_entity_poly.entity_id   1
_entity_poly.type   'polypeptide(L)'
_entity_poly.pdbx_seq_one_letter_code
;GSSGSSGQIHLFSEPQFQGHSQSFEETTSQIDDSFSTKSCRVSGGSWVVYDGENFTGNQYVLEEGHYPCLSAMGCPPGAT
FKSLRFISGPSSG
;
_entity_poly.pdbx_strand_id   A
#
# COMPACT_ATOMS: atom_id res chain seq x y z
N GLY A 1 -4.00 24.61 3.89
CA GLY A 1 -5.11 24.49 2.96
C GLY A 1 -6.07 23.38 3.34
N SER A 2 -5.62 22.14 3.18
CA SER A 2 -6.45 20.98 3.51
C SER A 2 -5.73 20.04 4.48
N SER A 3 -6.38 19.78 5.61
CA SER A 3 -5.79 18.91 6.63
C SER A 3 -6.88 18.13 7.36
N GLY A 4 -6.49 17.02 7.97
CA GLY A 4 -7.44 16.19 8.70
C GLY A 4 -6.80 14.99 9.35
N SER A 5 -7.35 13.81 9.07
CA SER A 5 -6.82 12.57 9.64
C SER A 5 -5.56 12.12 8.90
N SER A 6 -4.51 11.86 9.65
CA SER A 6 -3.24 11.43 9.06
C SER A 6 -3.39 10.08 8.36
N GLY A 7 -2.55 9.84 7.38
CA GLY A 7 -2.59 8.58 6.64
C GLY A 7 -1.24 7.92 6.52
N GLN A 8 -1.23 6.59 6.48
CA GLN A 8 0.01 5.84 6.36
C GLN A 8 -0.26 4.40 5.93
N ILE A 9 0.71 3.79 5.25
CA ILE A 9 0.57 2.42 4.79
C ILE A 9 1.75 1.57 5.24
N HIS A 10 1.47 0.31 5.58
CA HIS A 10 2.50 -0.61 6.03
C HIS A 10 2.55 -1.86 5.14
N LEU A 11 3.61 -1.97 4.35
CA LEU A 11 3.78 -3.11 3.46
C LEU A 11 4.67 -4.17 4.08
N PHE A 12 4.40 -5.43 3.77
CA PHE A 12 5.18 -6.54 4.30
C PHE A 12 5.54 -7.53 3.19
N SER A 13 6.84 -7.67 2.94
CA SER A 13 7.31 -8.58 1.90
C SER A 13 6.61 -9.94 2.00
N GLU A 14 6.56 -10.48 3.21
CA GLU A 14 5.92 -11.77 3.45
C GLU A 14 4.49 -11.59 3.92
N PRO A 15 3.66 -12.63 3.74
CA PRO A 15 2.25 -12.62 4.14
C PRO A 15 2.08 -12.62 5.66
N GLN A 16 0.88 -12.26 6.10
CA GLN A 16 0.59 -12.23 7.54
C GLN A 16 1.46 -11.20 8.24
N PHE A 17 1.77 -10.12 7.54
CA PHE A 17 2.60 -9.05 8.11
C PHE A 17 3.91 -9.62 8.65
N GLN A 18 4.54 -10.49 7.86
CA GLN A 18 5.81 -11.10 8.26
C GLN A 18 6.92 -10.72 7.31
N GLY A 19 8.13 -11.20 7.59
CA GLY A 19 9.27 -10.91 6.74
C GLY A 19 9.63 -9.43 6.75
N HIS A 20 10.05 -8.92 5.59
CA HIS A 20 10.42 -7.52 5.46
C HIS A 20 9.20 -6.62 5.61
N SER A 21 9.43 -5.38 6.03
CA SER A 21 8.35 -4.42 6.21
C SER A 21 8.79 -3.02 5.78
N GLN A 22 7.85 -2.26 5.22
CA GLN A 22 8.14 -0.90 4.78
C GLN A 22 6.91 -0.01 4.89
N SER A 23 7.03 1.08 5.63
CA SER A 23 5.92 2.01 5.81
C SER A 23 6.16 3.30 5.05
N PHE A 24 5.10 3.84 4.46
CA PHE A 24 5.19 5.08 3.70
C PHE A 24 4.15 6.08 4.17
N GLU A 25 4.62 7.23 4.67
CA GLU A 25 3.73 8.27 5.15
C GLU A 25 3.38 9.25 4.04
N GLU A 26 4.30 9.42 3.10
CA GLU A 26 4.09 10.33 1.97
C GLU A 26 3.99 9.56 0.66
N THR A 27 3.59 10.25 -0.40
CA THR A 27 3.45 9.63 -1.71
C THR A 27 4.79 9.10 -2.21
N THR A 28 4.86 7.80 -2.45
CA THR A 28 6.08 7.17 -2.92
C THR A 28 6.04 6.94 -4.44
N SER A 29 7.21 6.93 -5.07
CA SER A 29 7.29 6.72 -6.51
C SER A 29 8.04 5.43 -6.83
N GLN A 30 9.00 5.09 -5.98
CA GLN A 30 9.80 3.88 -6.17
C GLN A 30 9.93 3.11 -4.87
N ILE A 31 9.75 1.79 -4.96
CA ILE A 31 9.85 0.93 -3.78
C ILE A 31 11.28 0.44 -3.58
N ASP A 32 11.67 0.28 -2.32
CA ASP A 32 13.01 -0.19 -1.99
C ASP A 32 13.34 -1.47 -2.74
N ASP A 33 14.12 -1.34 -3.80
CA ASP A 33 14.52 -2.50 -4.61
C ASP A 33 13.29 -3.26 -5.10
N SER A 34 12.20 -2.53 -5.33
CA SER A 34 10.95 -3.14 -5.79
C SER A 34 10.62 -4.38 -4.97
N PHE A 35 10.89 -4.31 -3.68
CA PHE A 35 10.61 -5.43 -2.77
C PHE A 35 9.14 -5.83 -2.84
N SER A 36 8.88 -7.05 -3.26
CA SER A 36 7.52 -7.56 -3.37
C SER A 36 6.76 -7.37 -2.05
N THR A 37 5.43 -7.45 -2.12
CA THR A 37 4.60 -7.29 -0.94
C THR A 37 3.36 -8.18 -1.02
N LYS A 38 3.29 -9.14 -0.11
CA LYS A 38 2.14 -10.06 -0.07
C LYS A 38 1.03 -9.51 0.81
N SER A 39 1.40 -8.87 1.91
CA SER A 39 0.43 -8.30 2.84
C SER A 39 0.72 -6.82 3.08
N CYS A 40 -0.31 -6.07 3.44
CA CYS A 40 -0.18 -4.64 3.70
C CYS A 40 -1.09 -4.21 4.84
N ARG A 41 -0.89 -2.98 5.32
CA ARG A 41 -1.69 -2.45 6.41
C ARG A 41 -2.02 -0.98 6.18
N VAL A 42 -3.28 -0.70 5.87
CA VAL A 42 -3.72 0.67 5.63
C VAL A 42 -4.18 1.34 6.91
N SER A 43 -3.87 2.62 7.04
CA SER A 43 -4.25 3.38 8.23
C SER A 43 -4.37 4.87 7.91
N GLY A 44 -5.60 5.36 7.85
CA GLY A 44 -5.83 6.77 7.56
C GLY A 44 -5.81 7.05 6.07
N GLY A 45 -6.94 6.81 5.40
CA GLY A 45 -7.02 7.05 3.98
C GLY A 45 -6.65 5.84 3.16
N SER A 46 -7.06 5.82 1.89
CA SER A 46 -6.78 4.70 1.01
C SER A 46 -5.38 4.83 0.41
N TRP A 47 -4.88 3.74 -0.17
CA TRP A 47 -3.57 3.72 -0.79
C TRP A 47 -3.59 2.96 -2.10
N VAL A 48 -3.04 3.59 -3.15
CA VAL A 48 -2.99 2.96 -4.47
C VAL A 48 -1.61 2.42 -4.77
N VAL A 49 -1.56 1.16 -5.22
CA VAL A 49 -0.29 0.52 -5.55
C VAL A 49 -0.22 0.18 -7.03
N TYR A 50 0.76 0.77 -7.72
CA TYR A 50 0.95 0.53 -9.15
C TYR A 50 2.11 -0.42 -9.40
N ASP A 51 1.87 -1.45 -10.21
CA ASP A 51 2.90 -2.43 -10.53
C ASP A 51 4.01 -1.80 -11.36
N GLY A 52 3.73 -0.63 -11.92
CA GLY A 52 4.72 0.07 -12.73
C GLY A 52 5.27 1.30 -12.05
N GLU A 53 6.40 1.79 -12.55
CA GLU A 53 7.04 2.97 -11.98
C GLU A 53 6.35 4.24 -12.45
N ASN A 54 6.50 5.32 -11.67
CA ASN A 54 5.89 6.60 -12.01
C ASN A 54 4.36 6.48 -12.03
N PHE A 55 3.83 5.67 -11.14
CA PHE A 55 2.39 5.48 -11.06
C PHE A 55 1.81 5.08 -12.41
N THR A 56 2.50 4.18 -13.10
CA THR A 56 2.07 3.72 -14.41
C THR A 56 1.54 2.29 -14.35
N GLY A 57 0.83 1.88 -15.39
CA GLY A 57 0.29 0.53 -15.43
C GLY A 57 -1.03 0.42 -14.69
N ASN A 58 -1.27 -0.73 -14.06
CA ASN A 58 -2.50 -0.96 -13.32
C ASN A 58 -2.41 -0.36 -11.92
N GLN A 59 -3.56 0.02 -11.37
CA GLN A 59 -3.62 0.61 -10.04
C GLN A 59 -4.61 -0.14 -9.15
N TYR A 60 -4.20 -0.43 -7.92
CA TYR A 60 -5.04 -1.14 -6.98
C TYR A 60 -5.10 -0.42 -5.63
N VAL A 61 -6.24 0.19 -5.36
CA VAL A 61 -6.43 0.92 -4.11
C VAL A 61 -6.61 -0.03 -2.93
N LEU A 62 -6.51 0.50 -1.72
CA LEU A 62 -6.67 -0.30 -0.51
C LEU A 62 -7.41 0.48 0.57
N GLU A 63 -8.51 -0.09 1.05
CA GLU A 63 -9.30 0.56 2.10
C GLU A 63 -8.61 0.46 3.45
N GLU A 64 -9.16 1.13 4.44
CA GLU A 64 -8.59 1.12 5.79
C GLU A 64 -8.84 -0.21 6.48
N GLY A 65 -7.76 -0.91 6.81
CA GLY A 65 -7.89 -2.19 7.47
C GLY A 65 -6.58 -2.97 7.48
N HIS A 66 -6.67 -4.27 7.78
CA HIS A 66 -5.49 -5.12 7.82
C HIS A 66 -5.59 -6.24 6.80
N TYR A 67 -4.71 -6.23 5.81
CA TYR A 67 -4.71 -7.24 4.77
C TYR A 67 -3.60 -8.26 5.00
N PRO A 68 -3.98 -9.44 5.52
CA PRO A 68 -3.03 -10.52 5.81
C PRO A 68 -2.48 -11.15 4.54
N CYS A 69 -3.28 -11.16 3.49
CA CYS A 69 -2.88 -11.75 2.21
C CYS A 69 -3.27 -10.84 1.05
N LEU A 70 -2.89 -11.23 -0.16
CA LEU A 70 -3.20 -10.45 -1.35
C LEU A 70 -4.66 -10.65 -1.77
N SER A 71 -5.07 -11.91 -1.87
CA SER A 71 -6.43 -12.23 -2.25
C SER A 71 -7.42 -11.23 -1.66
N ALA A 72 -7.39 -11.08 -0.35
CA ALA A 72 -8.28 -10.15 0.34
C ALA A 72 -8.19 -8.76 -0.27
N MET A 73 -6.99 -8.37 -0.67
CA MET A 73 -6.76 -7.06 -1.27
C MET A 73 -7.27 -7.03 -2.71
N GLY A 74 -7.22 -8.17 -3.38
CA GLY A 74 -7.67 -8.26 -4.75
C GLY A 74 -6.53 -8.52 -5.72
N CYS A 75 -5.36 -7.99 -5.40
CA CYS A 75 -4.18 -8.16 -6.25
C CYS A 75 -3.96 -9.64 -6.56
N PRO A 76 -3.50 -9.93 -7.79
CA PRO A 76 -3.23 -11.29 -8.25
C PRO A 76 -2.02 -11.91 -7.55
N PRO A 77 -1.92 -13.24 -7.61
CA PRO A 77 -0.82 -13.98 -6.99
C PRO A 77 0.52 -13.74 -7.71
N GLY A 78 1.24 -12.72 -7.28
CA GLY A 78 2.51 -12.41 -7.89
C GLY A 78 2.60 -10.98 -8.38
N ALA A 79 2.14 -10.04 -7.54
CA ALA A 79 2.16 -8.63 -7.90
C ALA A 79 3.28 -7.90 -7.17
N THR A 80 3.89 -6.93 -7.84
CA THR A 80 4.98 -6.16 -7.25
C THR A 80 4.73 -4.67 -7.39
N PHE A 81 4.50 -3.99 -6.26
CA PHE A 81 4.25 -2.55 -6.27
C PHE A 81 5.55 -1.78 -6.44
N LYS A 82 5.51 -0.77 -7.32
CA LYS A 82 6.69 0.05 -7.58
C LYS A 82 6.47 1.48 -7.09
N SER A 83 5.22 1.93 -7.15
CA SER A 83 4.87 3.28 -6.72
C SER A 83 3.65 3.27 -5.80
N LEU A 84 3.52 4.31 -4.99
CA LEU A 84 2.40 4.41 -4.06
C LEU A 84 1.81 5.81 -4.08
N ARG A 85 0.52 5.91 -3.76
CA ARG A 85 -0.18 7.19 -3.75
C ARG A 85 -1.13 7.28 -2.56
N PHE A 86 -0.73 8.04 -1.55
CA PHE A 86 -1.56 8.21 -0.35
C PHE A 86 -2.85 8.94 -0.69
N ILE A 87 -3.99 8.30 -0.39
CA ILE A 87 -5.29 8.90 -0.66
C ILE A 87 -5.90 9.47 0.62
N SER A 88 -6.12 10.78 0.63
CA SER A 88 -6.70 11.45 1.78
C SER A 88 -8.17 11.09 1.94
N GLY A 89 -8.65 10.20 1.07
CA GLY A 89 -10.04 9.79 1.13
C GLY A 89 -10.96 10.92 1.56
N PRO A 90 -11.28 10.95 2.87
CA PRO A 90 -12.16 11.97 3.43
C PRO A 90 -11.50 13.35 3.47
N SER A 91 -12.32 14.39 3.26
CA SER A 91 -11.81 15.76 3.26
C SER A 91 -12.83 16.71 3.87
N SER A 92 -12.39 17.48 4.86
CA SER A 92 -13.27 18.44 5.53
C SER A 92 -13.82 19.46 4.55
N GLY A 93 -12.91 20.13 3.83
CA GLY A 93 -13.32 21.13 2.86
C GLY A 93 -13.18 22.54 3.40
N GLY A 1 -8.84 19.40 20.49
CA GLY A 1 -10.00 19.60 19.65
C GLY A 1 -9.62 20.02 18.24
N SER A 2 -8.66 19.33 17.66
CA SER A 2 -8.20 19.64 16.30
C SER A 2 -8.69 18.59 15.32
N SER A 3 -8.93 19.02 14.08
CA SER A 3 -9.41 18.12 13.03
C SER A 3 -8.28 17.76 12.08
N GLY A 4 -8.33 16.54 11.55
CA GLY A 4 -7.31 16.09 10.62
C GLY A 4 -6.74 14.74 10.98
N SER A 5 -6.84 13.79 10.06
CA SER A 5 -6.35 12.44 10.28
C SER A 5 -5.02 12.21 9.56
N SER A 6 -4.25 11.23 10.04
CA SER A 6 -2.96 10.93 9.44
C SER A 6 -3.02 9.61 8.67
N GLY A 7 -2.48 9.62 7.46
CA GLY A 7 -2.48 8.42 6.63
C GLY A 7 -1.10 7.81 6.50
N GLN A 8 -1.03 6.49 6.59
CA GLN A 8 0.24 5.78 6.48
C GLN A 8 0.03 4.32 6.10
N ILE A 9 0.74 3.87 5.06
CA ILE A 9 0.62 2.50 4.60
C ILE A 9 1.79 1.65 5.09
N HIS A 10 1.50 0.38 5.38
CA HIS A 10 2.54 -0.54 5.86
C HIS A 10 2.55 -1.81 5.02
N LEU A 11 3.61 -1.98 4.24
CA LEU A 11 3.75 -3.16 3.39
C LEU A 11 4.62 -4.21 4.06
N PHE A 12 4.37 -5.48 3.72
CA PHE A 12 5.14 -6.59 4.29
C PHE A 12 5.55 -7.57 3.21
N SER A 13 6.86 -7.65 2.97
CA SER A 13 7.40 -8.55 1.94
C SER A 13 6.71 -9.91 2.02
N GLU A 14 6.67 -10.48 3.22
CA GLU A 14 6.05 -11.78 3.43
C GLU A 14 4.60 -11.63 3.87
N PRO A 15 3.80 -12.70 3.66
CA PRO A 15 2.38 -12.69 4.03
C PRO A 15 2.18 -12.71 5.54
N GLN A 16 0.95 -12.41 5.98
CA GLN A 16 0.63 -12.39 7.40
C GLN A 16 1.49 -11.37 8.14
N PHE A 17 1.82 -10.27 7.46
CA PHE A 17 2.63 -9.22 8.04
C PHE A 17 3.94 -9.78 8.60
N GLN A 18 4.59 -10.62 7.80
CA GLN A 18 5.85 -11.23 8.21
C GLN A 18 6.98 -10.80 7.28
N GLY A 19 8.20 -11.27 7.58
CA GLY A 19 9.34 -10.92 6.77
C GLY A 19 9.64 -9.43 6.77
N HIS A 20 10.27 -8.95 5.70
CA HIS A 20 10.62 -7.54 5.60
C HIS A 20 9.36 -6.67 5.66
N SER A 21 9.51 -5.46 6.20
CA SER A 21 8.39 -4.54 6.32
C SER A 21 8.81 -3.12 5.96
N GLN A 22 7.92 -2.40 5.28
CA GLN A 22 8.21 -1.02 4.87
C GLN A 22 6.95 -0.17 4.94
N SER A 23 7.04 0.96 5.64
CA SER A 23 5.91 1.86 5.78
C SER A 23 6.16 3.16 5.04
N PHE A 24 5.10 3.76 4.52
CA PHE A 24 5.20 5.01 3.78
C PHE A 24 4.19 6.04 4.31
N GLU A 25 4.66 7.26 4.51
CA GLU A 25 3.80 8.34 5.02
C GLU A 25 3.42 9.29 3.90
N GLU A 26 4.33 9.48 2.96
CA GLU A 26 4.09 10.38 1.82
C GLU A 26 3.97 9.59 0.53
N THR A 27 3.46 10.24 -0.51
CA THR A 27 3.28 9.61 -1.81
C THR A 27 4.59 9.04 -2.32
N THR A 28 4.67 7.71 -2.40
CA THR A 28 5.88 7.04 -2.87
C THR A 28 5.83 6.85 -4.39
N SER A 29 7.01 6.84 -5.01
CA SER A 29 7.11 6.67 -6.45
C SER A 29 7.89 5.40 -6.80
N GLN A 30 8.83 5.06 -5.93
CA GLN A 30 9.66 3.87 -6.14
C GLN A 30 9.83 3.09 -4.83
N ILE A 31 9.60 1.78 -4.90
CA ILE A 31 9.73 0.93 -3.73
C ILE A 31 11.17 0.46 -3.55
N ASP A 32 11.60 0.32 -2.30
CA ASP A 32 12.95 -0.12 -1.99
C ASP A 32 13.28 -1.42 -2.73
N ASP A 33 14.04 -1.29 -3.81
CA ASP A 33 14.43 -2.45 -4.61
C ASP A 33 13.21 -3.22 -5.09
N SER A 34 12.12 -2.50 -5.31
CA SER A 34 10.87 -3.11 -5.77
C SER A 34 10.57 -4.36 -4.96
N PHE A 35 10.84 -4.31 -3.66
CA PHE A 35 10.60 -5.44 -2.77
C PHE A 35 9.14 -5.87 -2.84
N SER A 36 8.90 -7.10 -3.27
CA SER A 36 7.55 -7.64 -3.38
C SER A 36 6.79 -7.46 -2.07
N THR A 37 5.46 -7.58 -2.15
CA THR A 37 4.62 -7.44 -0.96
C THR A 37 3.39 -8.33 -1.06
N LYS A 38 3.28 -9.29 -0.15
CA LYS A 38 2.15 -10.21 -0.12
C LYS A 38 1.02 -9.66 0.75
N SER A 39 1.39 -8.88 1.76
CA SER A 39 0.40 -8.30 2.67
C SER A 39 0.68 -6.82 2.90
N CYS A 40 -0.35 -6.07 3.23
CA CYS A 40 -0.21 -4.64 3.48
C CYS A 40 -1.10 -4.19 4.64
N ARG A 41 -0.94 -2.94 5.06
CA ARG A 41 -1.73 -2.40 6.17
C ARG A 41 -2.06 -0.94 5.92
N VAL A 42 -3.35 -0.65 5.72
CA VAL A 42 -3.81 0.71 5.48
C VAL A 42 -4.29 1.36 6.77
N SER A 43 -3.88 2.62 6.98
CA SER A 43 -4.26 3.35 8.18
C SER A 43 -4.33 4.85 7.90
N GLY A 44 -5.56 5.37 7.81
CA GLY A 44 -5.74 6.78 7.54
C GLY A 44 -5.74 7.10 6.07
N GLY A 45 -6.90 6.95 5.42
CA GLY A 45 -7.01 7.22 4.01
C GLY A 45 -6.68 6.01 3.16
N SER A 46 -7.09 6.05 1.90
CA SER A 46 -6.83 4.94 0.98
C SER A 46 -5.43 5.03 0.39
N TRP A 47 -4.97 3.93 -0.18
CA TRP A 47 -3.63 3.88 -0.78
C TRP A 47 -3.65 3.11 -2.10
N VAL A 48 -3.14 3.73 -3.15
CA VAL A 48 -3.09 3.09 -4.47
C VAL A 48 -1.71 2.53 -4.76
N VAL A 49 -1.67 1.27 -5.18
CA VAL A 49 -0.40 0.61 -5.49
C VAL A 49 -0.32 0.27 -6.98
N TYR A 50 0.70 0.79 -7.64
CA TYR A 50 0.89 0.53 -9.07
C TYR A 50 2.00 -0.49 -9.29
N ASP A 51 1.80 -1.36 -10.28
CA ASP A 51 2.79 -2.38 -10.60
C ASP A 51 3.93 -1.80 -11.43
N GLY A 52 3.73 -0.59 -11.93
CA GLY A 52 4.75 0.06 -12.74
C GLY A 52 5.36 1.26 -12.04
N GLU A 53 6.47 1.75 -12.58
CA GLU A 53 7.15 2.91 -12.00
C GLU A 53 6.49 4.20 -12.44
N ASN A 54 6.57 5.22 -11.59
CA ASN A 54 5.98 6.52 -11.89
C ASN A 54 4.45 6.42 -11.93
N PHE A 55 3.89 5.64 -11.01
CA PHE A 55 2.45 5.46 -10.94
C PHE A 55 1.89 5.00 -12.28
N THR A 56 2.59 4.06 -12.91
CA THR A 56 2.17 3.52 -14.19
C THR A 56 1.63 2.11 -14.05
N GLY A 57 1.01 1.61 -15.11
CA GLY A 57 0.46 0.26 -15.08
C GLY A 57 -0.87 0.20 -14.35
N ASN A 58 -1.28 -1.00 -13.98
CA ASN A 58 -2.54 -1.21 -13.27
C ASN A 58 -2.45 -0.67 -11.84
N GLN A 59 -3.54 -0.09 -11.37
CA GLN A 59 -3.58 0.46 -10.02
C GLN A 59 -4.60 -0.29 -9.15
N TYR A 60 -4.25 -0.48 -7.89
CA TYR A 60 -5.13 -1.19 -6.96
C TYR A 60 -5.22 -0.45 -5.63
N VAL A 61 -6.34 0.23 -5.40
CA VAL A 61 -6.54 0.98 -4.16
C VAL A 61 -6.71 0.03 -2.98
N LEU A 62 -6.52 0.57 -1.78
CA LEU A 62 -6.65 -0.22 -0.56
C LEU A 62 -7.29 0.60 0.57
N GLU A 63 -8.40 0.10 1.09
CA GLU A 63 -9.11 0.78 2.17
C GLU A 63 -8.46 0.49 3.52
N GLU A 64 -8.81 1.30 4.52
CA GLU A 64 -8.25 1.13 5.86
C GLU A 64 -8.60 -0.25 6.42
N GLY A 65 -7.58 -0.99 6.83
CA GLY A 65 -7.79 -2.31 7.38
C GLY A 65 -6.52 -3.13 7.44
N HIS A 66 -6.67 -4.41 7.76
CA HIS A 66 -5.52 -5.31 7.85
C HIS A 66 -5.60 -6.41 6.79
N TYR A 67 -4.72 -6.33 5.80
CA TYR A 67 -4.70 -7.31 4.72
C TYR A 67 -3.59 -8.33 4.94
N PRO A 68 -3.98 -9.53 5.41
CA PRO A 68 -3.03 -10.61 5.68
C PRO A 68 -2.45 -11.21 4.40
N CYS A 69 -3.23 -11.16 3.32
CA CYS A 69 -2.79 -11.68 2.05
C CYS A 69 -3.25 -10.79 0.89
N LEU A 70 -2.75 -11.06 -0.30
CA LEU A 70 -3.11 -10.28 -1.48
C LEU A 70 -4.58 -10.48 -1.85
N SER A 71 -5.00 -11.74 -1.89
CA SER A 71 -6.38 -12.07 -2.22
C SER A 71 -7.35 -11.06 -1.61
N ALA A 72 -7.33 -10.97 -0.28
CA ALA A 72 -8.21 -10.04 0.43
C ALA A 72 -8.14 -8.65 -0.19
N MET A 73 -6.95 -8.25 -0.62
CA MET A 73 -6.76 -6.94 -1.23
C MET A 73 -7.31 -6.92 -2.65
N GLY A 74 -7.33 -8.08 -3.30
CA GLY A 74 -7.83 -8.17 -4.65
C GLY A 74 -6.74 -8.49 -5.65
N CYS A 75 -5.54 -7.98 -5.40
CA CYS A 75 -4.41 -8.22 -6.29
C CYS A 75 -4.18 -9.71 -6.50
N PRO A 76 -3.62 -10.07 -7.68
CA PRO A 76 -3.35 -11.46 -8.02
C PRO A 76 -2.21 -12.05 -7.19
N PRO A 77 -2.17 -13.40 -7.12
CA PRO A 77 -1.14 -14.11 -6.35
C PRO A 77 0.24 -14.01 -7.01
N GLY A 78 0.94 -12.91 -6.70
CA GLY A 78 2.27 -12.71 -7.26
C GLY A 78 2.44 -11.34 -7.87
N ALA A 79 1.93 -10.32 -7.18
CA ALA A 79 2.03 -8.95 -7.67
C ALA A 79 3.17 -8.20 -6.98
N THR A 80 3.59 -7.10 -7.58
CA THR A 80 4.67 -6.29 -7.04
C THR A 80 4.38 -4.80 -7.20
N PHE A 81 4.41 -4.07 -6.09
CA PHE A 81 4.16 -2.64 -6.11
C PHE A 81 5.45 -1.87 -6.35
N LYS A 82 5.38 -0.87 -7.23
CA LYS A 82 6.54 -0.05 -7.56
C LYS A 82 6.37 1.36 -7.03
N SER A 83 5.13 1.85 -7.01
CA SER A 83 4.84 3.19 -6.53
C SER A 83 3.61 3.18 -5.61
N LEU A 84 3.38 4.29 -4.93
CA LEU A 84 2.25 4.42 -4.02
C LEU A 84 1.67 5.83 -4.08
N ARG A 85 0.40 5.95 -3.68
CA ARG A 85 -0.28 7.24 -3.69
C ARG A 85 -1.25 7.34 -2.51
N PHE A 86 -0.86 8.10 -1.49
CA PHE A 86 -1.69 8.29 -0.31
C PHE A 86 -2.93 9.12 -0.64
N ILE A 87 -4.09 8.47 -0.60
CA ILE A 87 -5.35 9.16 -0.90
C ILE A 87 -5.96 9.75 0.37
N SER A 88 -5.83 11.06 0.51
CA SER A 88 -6.37 11.76 1.67
C SER A 88 -7.86 11.47 1.85
N GLY A 89 -8.18 10.61 2.81
CA GLY A 89 -9.56 10.26 3.06
C GLY A 89 -9.93 8.90 2.50
N PRO A 90 -10.25 7.95 3.40
CA PRO A 90 -10.62 6.59 3.01
C PRO A 90 -11.97 6.53 2.33
N SER A 91 -12.58 7.70 2.13
CA SER A 91 -13.89 7.77 1.48
C SER A 91 -13.74 8.11 0.00
N SER A 92 -14.84 7.99 -0.74
CA SER A 92 -14.84 8.27 -2.17
C SER A 92 -15.76 9.45 -2.50
N GLY A 93 -15.15 10.57 -2.88
CA GLY A 93 -15.93 11.76 -3.21
C GLY A 93 -15.36 12.49 -4.41
N GLY A 1 9.29 7.75 12.86
CA GLY A 1 8.44 8.78 12.30
C GLY A 1 7.79 9.64 13.36
N SER A 2 7.65 10.93 13.07
CA SER A 2 7.06 11.86 14.02
C SER A 2 5.55 11.62 14.16
N SER A 3 4.85 11.66 13.04
CA SER A 3 3.40 11.45 13.03
C SER A 3 2.95 10.85 11.70
N GLY A 4 1.76 10.24 11.71
CA GLY A 4 1.23 9.63 10.50
C GLY A 4 -0.18 9.14 10.67
N SER A 5 -1.05 10.01 11.17
CA SER A 5 -2.45 9.66 11.40
C SER A 5 -3.27 9.89 10.14
N SER A 6 -3.05 11.03 9.50
CA SER A 6 -3.78 11.39 8.28
C SER A 6 -3.82 10.20 7.32
N GLY A 7 -2.82 9.34 7.40
CA GLY A 7 -2.76 8.18 6.54
C GLY A 7 -1.37 7.58 6.46
N GLN A 8 -1.30 6.25 6.51
CA GLN A 8 -0.02 5.55 6.45
C GLN A 8 -0.21 4.11 5.98
N ILE A 9 0.66 3.67 5.08
CA ILE A 9 0.59 2.32 4.55
C ILE A 9 1.77 1.48 5.03
N HIS A 10 1.50 0.23 5.41
CA HIS A 10 2.54 -0.66 5.88
C HIS A 10 2.59 -1.93 5.03
N LEU A 11 3.62 -2.05 4.21
CA LEU A 11 3.79 -3.22 3.34
C LEU A 11 4.69 -4.26 4.00
N PHE A 12 4.45 -5.53 3.65
CA PHE A 12 5.24 -6.62 4.21
C PHE A 12 5.67 -7.60 3.11
N SER A 13 6.98 -7.72 2.92
CA SER A 13 7.52 -8.61 1.89
C SER A 13 6.88 -10.00 1.99
N GLU A 14 6.60 -10.42 3.22
CA GLU A 14 5.99 -11.73 3.46
C GLU A 14 4.55 -11.58 3.92
N PRO A 15 3.75 -12.64 3.73
CA PRO A 15 2.34 -12.66 4.12
C PRO A 15 2.15 -12.67 5.63
N GLN A 16 0.95 -12.33 6.08
CA GLN A 16 0.65 -12.30 7.50
C GLN A 16 1.52 -11.28 8.23
N PHE A 17 1.82 -10.18 7.54
CA PHE A 17 2.66 -9.12 8.12
C PHE A 17 3.96 -9.70 8.68
N GLN A 18 4.58 -10.58 7.91
CA GLN A 18 5.84 -11.20 8.32
C GLN A 18 6.99 -10.76 7.42
N GLY A 19 8.19 -11.24 7.73
CA GLY A 19 9.35 -10.89 6.94
C GLY A 19 9.62 -9.40 6.94
N HIS A 20 10.33 -8.92 5.92
CA HIS A 20 10.65 -7.50 5.81
C HIS A 20 9.39 -6.67 5.70
N SER A 21 9.41 -5.47 6.30
CA SER A 21 8.26 -4.57 6.26
C SER A 21 8.70 -3.14 5.99
N GLN A 22 7.88 -2.41 5.24
CA GLN A 22 8.19 -1.03 4.91
C GLN A 22 6.93 -0.18 4.93
N SER A 23 7.03 1.00 5.54
CA SER A 23 5.89 1.92 5.64
C SER A 23 6.18 3.23 4.91
N PHE A 24 5.14 3.84 4.37
CA PHE A 24 5.28 5.10 3.65
C PHE A 24 4.22 6.11 4.11
N GLU A 25 4.64 7.36 4.26
CA GLU A 25 3.73 8.42 4.68
C GLU A 25 3.44 9.38 3.53
N GLU A 26 4.39 9.50 2.61
CA GLU A 26 4.23 10.38 1.47
C GLU A 26 4.06 9.58 0.18
N THR A 27 3.55 10.25 -0.87
CA THR A 27 3.35 9.60 -2.15
C THR A 27 4.65 9.03 -2.70
N THR A 28 4.81 7.72 -2.58
CA THR A 28 6.01 7.04 -3.07
C THR A 28 5.86 6.65 -4.54
N SER A 29 6.97 6.68 -5.27
CA SER A 29 6.96 6.32 -6.68
C SER A 29 7.85 5.12 -6.94
N GLN A 30 8.82 4.89 -6.05
CA GLN A 30 9.73 3.76 -6.19
C GLN A 30 9.85 3.01 -4.88
N ILE A 31 9.86 1.68 -4.97
CA ILE A 31 9.98 0.84 -3.78
C ILE A 31 11.40 0.32 -3.60
N ASP A 32 11.81 0.17 -2.35
CA ASP A 32 13.17 -0.31 -2.05
C ASP A 32 13.45 -1.61 -2.79
N ASP A 33 14.22 -1.51 -3.87
CA ASP A 33 14.58 -2.67 -4.67
C ASP A 33 13.33 -3.39 -5.16
N SER A 34 12.27 -2.63 -5.40
CA SER A 34 11.01 -3.20 -5.87
C SER A 34 10.63 -4.43 -5.06
N PHE A 35 10.90 -4.38 -3.76
CA PHE A 35 10.59 -5.50 -2.88
C PHE A 35 9.10 -5.83 -2.93
N SER A 36 8.79 -7.04 -3.38
CA SER A 36 7.40 -7.49 -3.48
C SER A 36 6.71 -7.41 -2.12
N THR A 37 5.38 -7.43 -2.15
CA THR A 37 4.59 -7.36 -0.92
C THR A 37 3.37 -8.27 -1.00
N LYS A 38 3.31 -9.25 -0.12
CA LYS A 38 2.18 -10.19 -0.09
C LYS A 38 1.06 -9.66 0.80
N SER A 39 1.42 -8.84 1.78
CA SER A 39 0.44 -8.27 2.70
C SER A 39 0.75 -6.81 2.98
N CYS A 40 -0.29 -6.04 3.32
CA CYS A 40 -0.13 -4.62 3.61
C CYS A 40 -1.07 -4.19 4.73
N ARG A 41 -0.85 -2.98 5.25
CA ARG A 41 -1.68 -2.45 6.31
C ARG A 41 -1.97 -0.97 6.10
N VAL A 42 -3.23 -0.65 5.80
CA VAL A 42 -3.63 0.74 5.57
C VAL A 42 -4.28 1.33 6.80
N SER A 43 -3.97 2.60 7.08
CA SER A 43 -4.53 3.28 8.23
C SER A 43 -4.60 4.79 7.99
N GLY A 44 -5.81 5.32 7.93
CA GLY A 44 -6.00 6.74 7.70
C GLY A 44 -6.08 7.08 6.23
N GLY A 45 -7.06 6.51 5.55
CA GLY A 45 -7.24 6.76 4.13
C GLY A 45 -6.81 5.59 3.27
N SER A 46 -7.31 5.55 2.04
CA SER A 46 -6.97 4.47 1.11
C SER A 46 -5.61 4.71 0.48
N TRP A 47 -5.07 3.65 -0.14
CA TRP A 47 -3.75 3.74 -0.79
C TRP A 47 -3.74 2.95 -2.08
N VAL A 48 -3.20 3.55 -3.14
CA VAL A 48 -3.12 2.89 -4.43
C VAL A 48 -1.71 2.41 -4.72
N VAL A 49 -1.59 1.20 -5.26
CA VAL A 49 -0.29 0.62 -5.58
C VAL A 49 -0.21 0.25 -7.05
N TYR A 50 0.75 0.84 -7.75
CA TYR A 50 0.94 0.57 -9.18
C TYR A 50 2.08 -0.42 -9.40
N ASP A 51 1.85 -1.39 -10.28
CA ASP A 51 2.86 -2.40 -10.58
C ASP A 51 4.02 -1.79 -11.36
N GLY A 52 3.81 -0.59 -11.90
CA GLY A 52 4.85 0.08 -12.65
C GLY A 52 5.44 1.25 -11.91
N GLU A 53 6.55 1.79 -12.43
CA GLU A 53 7.21 2.93 -11.80
C GLU A 53 6.58 4.24 -12.26
N ASN A 54 6.69 5.27 -11.42
CA ASN A 54 6.14 6.58 -11.73
C ASN A 54 4.62 6.51 -11.82
N PHE A 55 4.01 5.67 -11.00
CA PHE A 55 2.57 5.51 -10.99
C PHE A 55 2.04 5.16 -12.38
N THR A 56 2.71 4.22 -13.03
CA THR A 56 2.31 3.79 -14.37
C THR A 56 1.62 2.43 -14.33
N GLY A 57 1.16 1.97 -15.49
CA GLY A 57 0.49 0.68 -15.56
C GLY A 57 -0.86 0.70 -14.88
N ASN A 58 -1.20 -0.42 -14.23
CA ASN A 58 -2.48 -0.53 -13.54
C ASN A 58 -2.38 0.04 -12.13
N GLN A 59 -3.54 0.31 -11.53
CA GLN A 59 -3.58 0.86 -10.18
C GLN A 59 -4.57 0.09 -9.30
N TYR A 60 -4.17 -0.19 -8.07
CA TYR A 60 -5.01 -0.93 -7.14
C TYR A 60 -5.09 -0.21 -5.79
N VAL A 61 -6.29 0.20 -5.42
CA VAL A 61 -6.52 0.89 -4.16
C VAL A 61 -6.64 -0.09 -3.00
N LEU A 62 -6.56 0.41 -1.78
CA LEU A 62 -6.67 -0.42 -0.59
C LEU A 62 -7.45 0.29 0.51
N GLU A 63 -8.51 -0.35 0.99
CA GLU A 63 -9.34 0.23 2.05
C GLU A 63 -8.62 0.20 3.38
N GLU A 64 -9.10 0.99 4.33
CA GLU A 64 -8.49 1.05 5.66
C GLU A 64 -8.72 -0.26 6.42
N GLY A 65 -7.62 -0.91 6.80
CA GLY A 65 -7.72 -2.15 7.53
C GLY A 65 -6.45 -2.97 7.46
N HIS A 66 -6.49 -4.19 8.01
CA HIS A 66 -5.32 -5.06 8.00
C HIS A 66 -5.49 -6.16 6.95
N TYR A 67 -4.55 -6.22 6.01
CA TYR A 67 -4.58 -7.22 4.95
C TYR A 67 -3.48 -8.26 5.14
N PRO A 68 -3.85 -9.43 5.66
CA PRO A 68 -2.92 -10.53 5.90
C PRO A 68 -2.40 -11.16 4.60
N CYS A 69 -3.22 -11.09 3.56
CA CYS A 69 -2.85 -11.64 2.25
C CYS A 69 -3.27 -10.71 1.13
N LEU A 70 -2.89 -11.06 -0.10
CA LEU A 70 -3.23 -10.26 -1.26
C LEU A 70 -4.70 -10.40 -1.64
N SER A 71 -5.17 -11.65 -1.69
CA SER A 71 -6.56 -11.92 -2.02
C SER A 71 -7.49 -10.90 -1.38
N ALA A 72 -7.42 -10.79 -0.06
CA ALA A 72 -8.25 -9.85 0.69
C ALA A 72 -8.19 -8.46 0.07
N MET A 73 -6.99 -8.08 -0.39
CA MET A 73 -6.78 -6.77 -1.00
C MET A 73 -7.38 -6.72 -2.40
N GLY A 74 -7.41 -7.87 -3.06
CA GLY A 74 -7.95 -7.94 -4.41
C GLY A 74 -6.89 -8.23 -5.45
N CYS A 75 -5.69 -7.72 -5.23
CA CYS A 75 -4.58 -7.93 -6.16
C CYS A 75 -4.39 -9.41 -6.46
N PRO A 76 -3.91 -9.71 -7.67
CA PRO A 76 -3.69 -11.09 -8.11
C PRO A 76 -2.51 -11.75 -7.38
N PRO A 77 -2.42 -13.08 -7.48
CA PRO A 77 -1.36 -13.85 -6.84
C PRO A 77 0.00 -13.60 -7.49
N GLY A 78 0.69 -12.57 -7.04
CA GLY A 78 2.01 -12.26 -7.59
C GLY A 78 2.09 -10.82 -8.09
N ALA A 79 1.52 -9.89 -7.33
CA ALA A 79 1.54 -8.49 -7.69
C ALA A 79 2.63 -7.74 -6.94
N THR A 80 3.51 -7.08 -7.69
CA THR A 80 4.61 -6.32 -7.09
C THR A 80 4.38 -4.82 -7.23
N PHE A 81 4.27 -4.14 -6.10
CA PHE A 81 4.06 -2.69 -6.10
C PHE A 81 5.36 -1.94 -6.32
N LYS A 82 5.32 -0.91 -7.15
CA LYS A 82 6.50 -0.11 -7.45
C LYS A 82 6.31 1.34 -7.00
N SER A 83 5.06 1.78 -6.97
CA SER A 83 4.74 3.15 -6.57
C SER A 83 3.45 3.18 -5.75
N LEU A 84 3.40 4.08 -4.77
CA LEU A 84 2.23 4.22 -3.91
C LEU A 84 1.63 5.61 -4.03
N ARG A 85 0.37 5.74 -3.62
CA ARG A 85 -0.32 7.03 -3.68
C ARG A 85 -1.33 7.15 -2.54
N PHE A 86 -1.01 8.02 -1.58
CA PHE A 86 -1.90 8.24 -0.44
C PHE A 86 -3.18 8.93 -0.86
N ILE A 87 -4.30 8.20 -0.77
CA ILE A 87 -5.59 8.74 -1.15
C ILE A 87 -6.30 9.36 0.06
N SER A 88 -6.29 10.69 0.12
CA SER A 88 -6.93 11.41 1.22
C SER A 88 -8.44 11.17 1.22
N GLY A 89 -8.90 10.33 2.14
CA GLY A 89 -10.31 10.03 2.23
C GLY A 89 -11.05 11.00 3.13
N PRO A 90 -11.38 10.55 4.35
CA PRO A 90 -12.10 11.38 5.33
C PRO A 90 -11.24 12.51 5.87
N SER A 91 -10.03 12.64 5.34
CA SER A 91 -9.11 13.68 5.78
C SER A 91 -9.37 14.99 5.02
N SER A 92 -9.24 14.94 3.70
CA SER A 92 -9.46 16.11 2.87
C SER A 92 -10.59 15.86 1.87
N GLY A 93 -11.75 16.44 2.14
CA GLY A 93 -12.89 16.27 1.26
C GLY A 93 -14.21 16.23 2.01
N GLY A 1 -13.00 9.18 18.59
CA GLY A 1 -12.97 10.57 19.00
C GLY A 1 -12.08 11.41 18.11
N SER A 2 -12.68 12.08 17.13
CA SER A 2 -11.94 12.93 16.21
C SER A 2 -10.77 12.16 15.59
N SER A 3 -11.01 10.90 15.26
CA SER A 3 -9.99 10.05 14.66
C SER A 3 -9.66 10.51 13.25
N GLY A 4 -8.43 10.23 12.81
CA GLY A 4 -8.01 10.62 11.48
C GLY A 4 -6.89 11.64 11.51
N SER A 5 -5.83 11.34 12.24
CA SER A 5 -4.68 12.24 12.36
C SER A 5 -3.99 12.39 11.01
N SER A 6 -3.53 11.27 10.45
CA SER A 6 -2.84 11.28 9.17
C SER A 6 -2.87 9.90 8.53
N GLY A 7 -2.55 9.85 7.23
CA GLY A 7 -2.54 8.58 6.53
C GLY A 7 -1.18 7.91 6.54
N GLN A 8 -1.18 6.59 6.61
CA GLN A 8 0.06 5.83 6.63
C GLN A 8 -0.16 4.40 6.13
N ILE A 9 0.76 3.91 5.31
CA ILE A 9 0.66 2.56 4.77
C ILE A 9 1.83 1.69 5.24
N HIS A 10 1.53 0.43 5.54
CA HIS A 10 2.55 -0.51 5.99
C HIS A 10 2.57 -1.77 5.13
N LEU A 11 3.62 -1.91 4.33
CA LEU A 11 3.75 -3.07 3.46
C LEU A 11 4.65 -4.14 4.10
N PHE A 12 4.41 -5.40 3.73
CA PHE A 12 5.20 -6.51 4.26
C PHE A 12 5.61 -7.45 3.15
N SER A 13 6.92 -7.57 2.94
CA SER A 13 7.45 -8.45 1.90
C SER A 13 6.77 -9.81 1.94
N GLU A 14 6.71 -10.40 3.13
CA GLU A 14 6.08 -11.70 3.30
C GLU A 14 4.64 -11.56 3.79
N PRO A 15 3.82 -12.59 3.54
CA PRO A 15 2.42 -12.60 3.95
C PRO A 15 2.25 -12.72 5.46
N GLN A 16 1.04 -12.45 5.94
CA GLN A 16 0.76 -12.52 7.37
C GLN A 16 1.59 -11.49 8.14
N PHE A 17 1.88 -10.36 7.50
CA PHE A 17 2.67 -9.32 8.13
C PHE A 17 3.98 -9.88 8.67
N GLN A 18 4.63 -10.74 7.90
CA GLN A 18 5.89 -11.34 8.31
C GLN A 18 7.02 -10.93 7.38
N GLY A 19 8.23 -11.40 7.68
CA GLY A 19 9.38 -11.06 6.87
C GLY A 19 9.69 -9.58 6.88
N HIS A 20 10.30 -9.09 5.80
CA HIS A 20 10.65 -7.69 5.69
C HIS A 20 9.42 -6.81 5.80
N SER A 21 9.61 -5.58 6.26
CA SER A 21 8.51 -4.63 6.41
C SER A 21 8.92 -3.24 5.97
N GLN A 22 8.02 -2.54 5.29
CA GLN A 22 8.28 -1.19 4.80
C GLN A 22 7.04 -0.31 4.91
N SER A 23 7.15 0.77 5.68
CA SER A 23 6.04 1.69 5.87
C SER A 23 6.29 3.01 5.15
N PHE A 24 5.23 3.58 4.61
CA PHE A 24 5.33 4.85 3.89
C PHE A 24 4.31 5.86 4.40
N GLU A 25 4.79 6.86 5.13
CA GLU A 25 3.93 7.89 5.68
C GLU A 25 3.42 8.83 4.58
N GLU A 26 4.28 9.08 3.59
CA GLU A 26 3.93 9.95 2.49
C GLU A 26 3.87 9.18 1.18
N THR A 27 3.41 9.86 0.12
CA THR A 27 3.30 9.24 -1.20
C THR A 27 4.64 8.68 -1.67
N THR A 28 4.61 7.55 -2.35
CA THR A 28 5.82 6.92 -2.85
C THR A 28 5.77 6.76 -4.37
N SER A 29 6.93 6.82 -5.01
CA SER A 29 7.02 6.69 -6.45
C SER A 29 7.80 5.44 -6.84
N GLN A 30 8.75 5.06 -5.99
CA GLN A 30 9.56 3.87 -6.24
C GLN A 30 9.79 3.08 -4.95
N ILE A 31 9.34 1.82 -4.96
CA ILE A 31 9.48 0.96 -3.79
C ILE A 31 10.94 0.55 -3.59
N ASP A 32 11.35 0.42 -2.34
CA ASP A 32 12.72 0.03 -2.02
C ASP A 32 13.11 -1.25 -2.75
N ASP A 33 13.87 -1.10 -3.82
CA ASP A 33 14.31 -2.24 -4.61
C ASP A 33 13.12 -3.05 -5.11
N SER A 34 12.01 -2.36 -5.37
CA SER A 34 10.80 -3.01 -5.85
C SER A 34 10.49 -4.26 -5.03
N PHE A 35 10.80 -4.20 -3.74
CA PHE A 35 10.56 -5.34 -2.85
C PHE A 35 9.10 -5.77 -2.91
N SER A 36 8.87 -6.99 -3.37
CA SER A 36 7.52 -7.54 -3.47
C SER A 36 6.78 -7.42 -2.15
N THR A 37 5.46 -7.57 -2.19
CA THR A 37 4.65 -7.48 -0.98
C THR A 37 3.39 -8.34 -1.11
N LYS A 38 3.19 -9.22 -0.14
CA LYS A 38 2.03 -10.10 -0.13
C LYS A 38 0.92 -9.55 0.77
N SER A 39 1.32 -8.82 1.80
CA SER A 39 0.36 -8.23 2.74
C SER A 39 0.66 -6.75 2.95
N CYS A 40 -0.36 -6.00 3.36
CA CYS A 40 -0.21 -4.57 3.60
C CYS A 40 -1.14 -4.11 4.72
N ARG A 41 -0.94 -2.89 5.18
CA ARG A 41 -1.76 -2.33 6.25
C ARG A 41 -2.07 -0.86 6.00
N VAL A 42 -3.34 -0.56 5.79
CA VAL A 42 -3.77 0.82 5.54
C VAL A 42 -4.38 1.45 6.78
N SER A 43 -4.04 2.71 7.03
CA SER A 43 -4.54 3.42 8.20
C SER A 43 -4.50 4.93 7.96
N GLY A 44 -5.68 5.54 7.84
CA GLY A 44 -5.76 6.97 7.62
C GLY A 44 -5.83 7.33 6.15
N GLY A 45 -6.83 6.78 5.46
CA GLY A 45 -6.98 7.06 4.04
C GLY A 45 -6.60 5.87 3.17
N SER A 46 -7.06 5.88 1.93
CA SER A 46 -6.78 4.79 1.00
C SER A 46 -5.39 4.95 0.39
N TRP A 47 -4.90 3.89 -0.23
CA TRP A 47 -3.58 3.91 -0.85
C TRP A 47 -3.60 3.16 -2.19
N VAL A 48 -3.08 3.81 -3.23
CA VAL A 48 -3.03 3.20 -4.55
C VAL A 48 -1.69 2.53 -4.81
N VAL A 49 -1.73 1.24 -5.14
CA VAL A 49 -0.51 0.49 -5.41
C VAL A 49 -0.43 0.09 -6.87
N TYR A 50 0.55 0.65 -7.58
CA TYR A 50 0.74 0.36 -9.00
C TYR A 50 1.88 -0.64 -9.20
N ASP A 51 1.72 -1.53 -10.18
CA ASP A 51 2.74 -2.53 -10.48
C ASP A 51 3.78 -1.97 -11.44
N GLY A 52 3.82 -0.65 -11.57
CA GLY A 52 4.77 -0.01 -12.47
C GLY A 52 5.32 1.28 -11.91
N GLU A 53 6.54 1.62 -12.29
CA GLU A 53 7.18 2.84 -11.82
C GLU A 53 6.45 4.08 -12.35
N ASN A 54 6.50 5.16 -11.58
CA ASN A 54 5.84 6.40 -11.96
C ASN A 54 4.33 6.21 -12.06
N PHE A 55 3.79 5.37 -11.18
CA PHE A 55 2.35 5.09 -11.18
C PHE A 55 1.87 4.65 -12.56
N THR A 56 2.67 3.82 -13.22
CA THR A 56 2.32 3.33 -14.55
C THR A 56 1.68 1.95 -14.48
N GLY A 57 1.19 1.47 -15.62
CA GLY A 57 0.56 0.17 -15.66
C GLY A 57 -0.83 0.17 -15.03
N ASN A 58 -1.06 -0.76 -14.10
CA ASN A 58 -2.34 -0.86 -13.42
C ASN A 58 -2.28 -0.22 -12.04
N GLN A 59 -3.44 0.00 -11.44
CA GLN A 59 -3.52 0.61 -10.12
C GLN A 59 -4.55 -0.11 -9.25
N TYR A 60 -4.22 -0.28 -7.98
CA TYR A 60 -5.13 -0.95 -7.05
C TYR A 60 -5.17 -0.22 -5.71
N VAL A 61 -6.36 0.25 -5.34
CA VAL A 61 -6.54 0.97 -4.08
C VAL A 61 -6.75 -0.01 -2.92
N LEU A 62 -6.36 0.42 -1.73
CA LEU A 62 -6.50 -0.41 -0.53
C LEU A 62 -7.21 0.36 0.58
N GLU A 63 -8.33 -0.19 1.05
CA GLU A 63 -9.10 0.43 2.11
C GLU A 63 -8.43 0.24 3.47
N GLU A 64 -9.01 0.84 4.50
CA GLU A 64 -8.46 0.74 5.85
C GLU A 64 -8.73 -0.65 6.44
N GLY A 65 -7.66 -1.37 6.75
CA GLY A 65 -7.80 -2.70 7.31
C GLY A 65 -6.53 -3.51 7.19
N HIS A 66 -6.37 -4.50 8.08
CA HIS A 66 -5.18 -5.36 8.07
C HIS A 66 -5.33 -6.47 7.04
N TYR A 67 -4.63 -6.34 5.92
CA TYR A 67 -4.68 -7.33 4.85
C TYR A 67 -3.57 -8.36 5.02
N PRO A 68 -3.97 -9.58 5.44
CA PRO A 68 -3.02 -10.69 5.65
C PRO A 68 -2.46 -11.22 4.34
N CYS A 69 -3.28 -11.17 3.29
CA CYS A 69 -2.86 -11.65 1.98
C CYS A 69 -3.32 -10.70 0.87
N LEU A 70 -2.87 -10.96 -0.35
CA LEU A 70 -3.23 -10.13 -1.49
C LEU A 70 -4.71 -10.33 -1.85
N SER A 71 -5.14 -11.58 -1.89
CA SER A 71 -6.52 -11.90 -2.23
C SER A 71 -7.48 -10.87 -1.63
N ALA A 72 -7.36 -10.66 -0.32
CA ALA A 72 -8.21 -9.71 0.37
C ALA A 72 -8.07 -8.31 -0.22
N MET A 73 -6.85 -7.97 -0.64
CA MET A 73 -6.58 -6.66 -1.22
C MET A 73 -7.12 -6.58 -2.64
N GLY A 74 -7.15 -7.72 -3.32
CA GLY A 74 -7.64 -7.76 -4.68
C GLY A 74 -6.54 -8.04 -5.69
N CYS A 75 -5.34 -7.54 -5.41
CA CYS A 75 -4.20 -7.73 -6.29
C CYS A 75 -4.01 -9.21 -6.62
N PRO A 76 -3.40 -9.50 -7.77
CA PRO A 76 -3.14 -10.87 -8.21
C PRO A 76 -2.08 -11.56 -7.37
N PRO A 77 -1.94 -12.88 -7.54
CA PRO A 77 -0.96 -13.69 -6.81
C PRO A 77 0.48 -13.39 -7.23
N GLY A 78 1.24 -12.78 -6.33
CA GLY A 78 2.62 -12.45 -6.62
C GLY A 78 2.77 -11.07 -7.26
N ALA A 79 2.04 -10.10 -6.71
CA ALA A 79 2.09 -8.74 -7.23
C ALA A 79 3.20 -7.94 -6.56
N THR A 80 3.90 -7.14 -7.37
CA THR A 80 5.00 -6.33 -6.86
C THR A 80 4.73 -4.84 -7.06
N PHE A 81 4.44 -4.14 -5.97
CA PHE A 81 4.17 -2.70 -6.04
C PHE A 81 5.45 -1.91 -6.32
N LYS A 82 5.33 -0.88 -7.15
CA LYS A 82 6.47 -0.06 -7.49
C LYS A 82 6.25 1.39 -7.04
N SER A 83 5.00 1.84 -7.11
CA SER A 83 4.65 3.20 -6.70
C SER A 83 3.42 3.20 -5.82
N LEU A 84 3.36 4.16 -4.90
CA LEU A 84 2.22 4.27 -3.99
C LEU A 84 1.59 5.66 -4.07
N ARG A 85 0.32 5.75 -3.72
CA ARG A 85 -0.39 7.03 -3.75
C ARG A 85 -1.35 7.14 -2.56
N PHE A 86 -0.99 7.97 -1.60
CA PHE A 86 -1.81 8.17 -0.41
C PHE A 86 -3.03 9.02 -0.73
N ILE A 87 -4.20 8.40 -0.68
CA ILE A 87 -5.45 9.10 -0.97
C ILE A 87 -6.05 9.71 0.29
N SER A 88 -5.90 11.02 0.44
CA SER A 88 -6.42 11.73 1.61
C SER A 88 -7.94 11.57 1.71
N GLY A 89 -8.37 10.68 2.60
CA GLY A 89 -9.79 10.45 2.78
C GLY A 89 -10.47 11.55 3.57
N PRO A 90 -10.01 11.74 4.82
CA PRO A 90 -10.54 12.77 5.72
C PRO A 90 -10.21 14.18 5.26
N SER A 91 -9.70 14.29 4.04
CA SER A 91 -9.33 15.60 3.48
C SER A 91 -10.48 16.58 3.58
N SER A 92 -10.20 17.76 4.12
CA SER A 92 -11.23 18.79 4.28
C SER A 92 -11.42 19.57 2.97
N GLY A 93 -10.32 20.10 2.44
CA GLY A 93 -10.38 20.85 1.20
C GLY A 93 -9.18 21.74 1.01
N GLY A 1 -13.30 13.15 17.83
CA GLY A 1 -12.12 12.84 18.62
C GLY A 1 -11.12 11.99 17.86
N SER A 2 -10.41 12.61 16.92
CA SER A 2 -9.43 11.90 16.12
C SER A 2 -8.17 12.75 15.93
N SER A 3 -7.06 12.29 16.52
CA SER A 3 -5.80 13.01 16.42
C SER A 3 -5.07 12.67 15.12
N GLY A 4 -4.95 11.37 14.85
CA GLY A 4 -4.27 10.93 13.63
C GLY A 4 -4.84 11.59 12.39
N SER A 5 -5.63 10.83 11.63
CA SER A 5 -6.24 11.35 10.41
C SER A 5 -5.18 11.95 9.49
N SER A 6 -4.01 11.31 9.44
CA SER A 6 -2.91 11.79 8.62
C SER A 6 -2.62 10.82 7.48
N GLY A 7 -3.01 9.56 7.67
CA GLY A 7 -2.79 8.54 6.65
C GLY A 7 -1.43 7.88 6.79
N GLN A 8 -1.44 6.55 6.78
CA GLN A 8 -0.20 5.78 6.91
C GLN A 8 -0.36 4.38 6.33
N ILE A 9 0.61 3.96 5.53
CA ILE A 9 0.57 2.65 4.91
C ILE A 9 1.78 1.80 5.34
N HIS A 10 1.54 0.49 5.49
CA HIS A 10 2.61 -0.41 5.89
C HIS A 10 2.57 -1.70 5.06
N LEU A 11 3.66 -1.94 4.33
CA LEU A 11 3.75 -3.13 3.49
C LEU A 11 4.63 -4.20 4.14
N PHE A 12 4.38 -5.45 3.81
CA PHE A 12 5.14 -6.56 4.36
C PHE A 12 5.59 -7.52 3.25
N SER A 13 6.90 -7.57 3.01
CA SER A 13 7.45 -8.43 1.98
C SER A 13 6.78 -9.80 2.00
N GLU A 14 6.71 -10.40 3.18
CA GLU A 14 6.10 -11.71 3.34
C GLU A 14 4.64 -11.58 3.80
N PRO A 15 3.84 -12.62 3.52
CA PRO A 15 2.43 -12.65 3.90
C PRO A 15 2.23 -12.77 5.41
N GLN A 16 1.02 -12.45 5.87
CA GLN A 16 0.69 -12.52 7.28
C GLN A 16 1.51 -11.51 8.08
N PHE A 17 1.80 -10.37 7.45
CA PHE A 17 2.58 -9.31 8.09
C PHE A 17 3.90 -9.86 8.62
N GLN A 18 4.60 -10.62 7.78
CA GLN A 18 5.87 -11.21 8.16
C GLN A 18 6.98 -10.77 7.21
N GLY A 19 8.21 -11.20 7.49
CA GLY A 19 9.33 -10.84 6.64
C GLY A 19 9.65 -9.36 6.71
N HIS A 20 10.39 -8.88 5.71
CA HIS A 20 10.76 -7.46 5.66
C HIS A 20 9.54 -6.57 5.80
N SER A 21 9.76 -5.34 6.26
CA SER A 21 8.67 -4.39 6.46
C SER A 21 9.08 -3.00 5.95
N GLN A 22 8.13 -2.32 5.31
CA GLN A 22 8.39 -0.98 4.78
C GLN A 22 7.13 -0.13 4.84
N SER A 23 7.21 0.98 5.56
CA SER A 23 6.08 1.89 5.70
C SER A 23 6.34 3.20 4.96
N PHE A 24 5.25 3.84 4.51
CA PHE A 24 5.36 5.09 3.78
C PHE A 24 4.41 6.14 4.36
N GLU A 25 4.89 7.36 4.49
CA GLU A 25 4.08 8.46 5.02
C GLU A 25 3.61 9.39 3.90
N GLU A 26 4.43 9.53 2.87
CA GLU A 26 4.10 10.39 1.75
C GLU A 26 4.01 9.59 0.45
N THR A 27 3.50 10.21 -0.60
CA THR A 27 3.35 9.56 -1.88
C THR A 27 4.69 9.03 -2.39
N THR A 28 4.81 7.70 -2.46
CA THR A 28 6.03 7.06 -2.91
C THR A 28 5.98 6.77 -4.41
N SER A 29 7.13 6.80 -5.05
CA SER A 29 7.22 6.54 -6.49
C SER A 29 8.07 5.31 -6.77
N GLN A 30 8.98 5.00 -5.85
CA GLN A 30 9.86 3.84 -6.01
C GLN A 30 9.88 3.01 -4.72
N ILE A 31 9.95 1.70 -4.89
CA ILE A 31 9.98 0.79 -3.75
C ILE A 31 11.37 0.18 -3.56
N ASP A 32 11.69 -0.21 -2.33
CA ASP A 32 12.98 -0.79 -2.02
C ASP A 32 13.28 -1.96 -2.97
N ASP A 33 14.12 -1.72 -3.96
CA ASP A 33 14.50 -2.74 -4.93
C ASP A 33 13.26 -3.48 -5.44
N SER A 34 12.14 -2.76 -5.51
CA SER A 34 10.89 -3.35 -5.97
C SER A 34 10.51 -4.57 -5.13
N PHE A 35 10.82 -4.50 -3.84
CA PHE A 35 10.51 -5.59 -2.92
C PHE A 35 9.03 -5.96 -2.99
N SER A 36 8.76 -7.19 -3.43
CA SER A 36 7.39 -7.66 -3.54
C SER A 36 6.66 -7.57 -2.21
N THR A 37 5.34 -7.43 -2.27
CA THR A 37 4.53 -7.32 -1.06
C THR A 37 3.29 -8.22 -1.15
N LYS A 38 3.09 -9.04 -0.13
CA LYS A 38 1.95 -9.94 -0.09
C LYS A 38 0.85 -9.40 0.82
N SER A 39 1.26 -8.72 1.89
CA SER A 39 0.32 -8.16 2.85
C SER A 39 0.60 -6.67 3.06
N CYS A 40 -0.43 -5.93 3.45
CA CYS A 40 -0.29 -4.49 3.68
C CYS A 40 -1.18 -4.05 4.85
N ARG A 41 -1.01 -2.80 5.27
CA ARG A 41 -1.80 -2.25 6.37
C ARG A 41 -2.15 -0.80 6.12
N VAL A 42 -3.43 -0.54 5.86
CA VAL A 42 -3.91 0.81 5.60
C VAL A 42 -4.55 1.42 6.84
N SER A 43 -4.23 2.68 7.12
CA SER A 43 -4.77 3.37 8.28
C SER A 43 -4.69 4.89 8.09
N GLY A 44 -5.85 5.51 7.92
CA GLY A 44 -5.89 6.95 7.73
C GLY A 44 -6.05 7.34 6.27
N GLY A 45 -6.81 6.55 5.53
CA GLY A 45 -7.02 6.83 4.12
C GLY A 45 -6.65 5.66 3.23
N SER A 46 -7.11 5.70 1.98
CA SER A 46 -6.82 4.63 1.03
C SER A 46 -5.44 4.81 0.42
N TRP A 47 -4.93 3.75 -0.21
CA TRP A 47 -3.62 3.79 -0.84
C TRP A 47 -3.62 3.00 -2.15
N VAL A 48 -3.11 3.63 -3.20
CA VAL A 48 -3.05 2.99 -4.52
C VAL A 48 -1.64 2.48 -4.81
N VAL A 49 -1.54 1.22 -5.20
CA VAL A 49 -0.26 0.62 -5.52
C VAL A 49 -0.17 0.23 -7.00
N TYR A 50 0.77 0.83 -7.71
CA TYR A 50 0.95 0.55 -9.13
C TYR A 50 2.11 -0.41 -9.35
N ASP A 51 1.92 -1.36 -10.26
CA ASP A 51 2.95 -2.34 -10.56
C ASP A 51 4.06 -1.72 -11.40
N GLY A 52 3.78 -0.54 -11.95
CA GLY A 52 4.77 0.15 -12.77
C GLY A 52 5.32 1.38 -12.10
N GLU A 53 6.45 1.87 -12.60
CA GLU A 53 7.09 3.06 -12.04
C GLU A 53 6.34 4.32 -12.48
N ASN A 54 6.40 5.36 -11.63
CA ASN A 54 5.75 6.62 -11.94
C ASN A 54 4.23 6.44 -11.98
N PHE A 55 3.71 5.62 -11.08
CA PHE A 55 2.28 5.37 -11.02
C PHE A 55 1.74 4.93 -12.37
N THR A 56 2.48 4.06 -13.05
CA THR A 56 2.08 3.57 -14.35
C THR A 56 1.51 2.16 -14.25
N GLY A 57 1.01 1.65 -15.38
CA GLY A 57 0.44 0.31 -15.39
C GLY A 57 -0.89 0.24 -14.67
N ASN A 58 -1.19 -0.93 -14.11
CA ASN A 58 -2.44 -1.12 -13.38
C ASN A 58 -2.35 -0.54 -11.98
N GLN A 59 -3.48 -0.07 -11.45
CA GLN A 59 -3.52 0.52 -10.12
C GLN A 59 -4.50 -0.24 -9.24
N TYR A 60 -4.14 -0.41 -7.96
CA TYR A 60 -5.00 -1.11 -7.01
C TYR A 60 -5.05 -0.37 -5.67
N VAL A 61 -6.23 0.12 -5.32
CA VAL A 61 -6.42 0.84 -4.08
C VAL A 61 -6.62 -0.12 -2.91
N LEU A 62 -6.46 0.40 -1.69
CA LEU A 62 -6.62 -0.42 -0.49
C LEU A 62 -7.38 0.35 0.59
N GLU A 63 -8.48 -0.22 1.07
CA GLU A 63 -9.29 0.40 2.10
C GLU A 63 -8.67 0.20 3.47
N GLU A 64 -9.18 0.92 4.46
CA GLU A 64 -8.67 0.82 5.83
C GLU A 64 -8.92 -0.57 6.40
N GLY A 65 -7.84 -1.28 6.70
CA GLY A 65 -7.96 -2.63 7.24
C GLY A 65 -6.67 -3.42 7.13
N HIS A 66 -6.53 -4.45 7.94
CA HIS A 66 -5.34 -5.30 7.92
C HIS A 66 -5.47 -6.40 6.88
N TYR A 67 -4.66 -6.31 5.83
CA TYR A 67 -4.69 -7.30 4.76
C TYR A 67 -3.59 -8.34 4.95
N PRO A 68 -3.97 -9.52 5.45
CA PRO A 68 -3.03 -10.63 5.69
C PRO A 68 -2.51 -11.23 4.39
N CYS A 69 -3.34 -11.21 3.36
CA CYS A 69 -2.97 -11.76 2.06
C CYS A 69 -3.31 -10.79 0.94
N LEU A 70 -2.90 -11.12 -0.28
CA LEU A 70 -3.16 -10.29 -1.44
C LEU A 70 -4.63 -10.38 -1.86
N SER A 71 -5.13 -11.60 -1.98
CA SER A 71 -6.52 -11.83 -2.37
C SER A 71 -7.43 -10.79 -1.74
N ALA A 72 -7.47 -10.77 -0.41
CA ALA A 72 -8.31 -9.83 0.33
C ALA A 72 -8.19 -8.43 -0.25
N MET A 73 -6.98 -8.07 -0.67
CA MET A 73 -6.72 -6.74 -1.24
C MET A 73 -7.27 -6.66 -2.66
N GLY A 74 -7.30 -7.79 -3.35
CA GLY A 74 -7.80 -7.82 -4.71
C GLY A 74 -6.69 -7.80 -5.75
N CYS A 75 -5.48 -8.15 -5.32
CA CYS A 75 -4.33 -8.17 -6.21
C CYS A 75 -4.06 -9.58 -6.72
N PRO A 76 -3.48 -9.68 -7.92
CA PRO A 76 -3.16 -10.96 -8.55
C PRO A 76 -2.02 -11.69 -7.83
N PRO A 77 -1.87 -12.99 -8.12
CA PRO A 77 -0.83 -13.82 -7.52
C PRO A 77 0.57 -13.45 -8.00
N GLY A 78 1.36 -12.88 -7.11
CA GLY A 78 2.72 -12.49 -7.47
C GLY A 78 2.79 -11.05 -7.94
N ALA A 79 2.06 -10.16 -7.28
CA ALA A 79 2.04 -8.75 -7.64
C ALA A 79 3.11 -7.99 -6.87
N THR A 80 3.76 -7.05 -7.55
CA THR A 80 4.81 -6.24 -6.94
C THR A 80 4.54 -4.75 -7.12
N PHE A 81 4.45 -4.03 -6.01
CA PHE A 81 4.19 -2.59 -6.03
C PHE A 81 5.47 -1.81 -6.32
N LYS A 82 5.36 -0.78 -7.14
CA LYS A 82 6.51 0.05 -7.49
C LYS A 82 6.30 1.48 -7.04
N SER A 83 5.04 1.91 -7.00
CA SER A 83 4.71 3.26 -6.59
C SER A 83 3.47 3.28 -5.70
N LEU A 84 3.39 4.26 -4.80
CA LEU A 84 2.27 4.38 -3.90
C LEU A 84 1.65 5.77 -3.97
N ARG A 85 0.37 5.87 -3.61
CA ARG A 85 -0.34 7.15 -3.64
C ARG A 85 -1.31 7.26 -2.48
N PHE A 86 -0.93 8.03 -1.47
CA PHE A 86 -1.78 8.21 -0.30
C PHE A 86 -3.05 8.99 -0.65
N ILE A 87 -4.18 8.30 -0.60
CA ILE A 87 -5.46 8.92 -0.91
C ILE A 87 -6.11 9.51 0.33
N SER A 88 -6.02 10.83 0.48
CA SER A 88 -6.60 11.52 1.63
C SER A 88 -8.12 11.35 1.66
N GLY A 89 -8.60 10.55 2.59
CA GLY A 89 -10.03 10.32 2.70
C GLY A 89 -10.65 11.12 3.84
N PRO A 90 -11.27 10.40 4.79
CA PRO A 90 -11.93 11.02 5.95
C PRO A 90 -10.93 11.64 6.92
N SER A 91 -10.59 12.91 6.69
CA SER A 91 -9.63 13.60 7.55
C SER A 91 -10.32 14.10 8.83
N SER A 92 -11.39 14.86 8.65
CA SER A 92 -12.12 15.42 9.78
C SER A 92 -11.23 16.30 10.64
N GLY A 93 -10.41 17.12 9.99
CA GLY A 93 -9.51 18.01 10.70
C GLY A 93 -9.03 19.15 9.84
N GLY A 1 -10.77 17.00 6.28
CA GLY A 1 -10.35 18.32 5.84
C GLY A 1 -9.00 18.30 5.16
N SER A 2 -8.91 18.95 3.99
CA SER A 2 -7.67 19.00 3.24
C SER A 2 -6.47 19.23 4.16
N SER A 3 -6.56 20.28 4.97
CA SER A 3 -5.49 20.62 5.89
C SER A 3 -5.49 19.67 7.10
N GLY A 4 -4.35 19.04 7.35
CA GLY A 4 -4.25 18.12 8.46
C GLY A 4 -4.69 16.71 8.10
N SER A 5 -4.17 16.21 6.98
CA SER A 5 -4.51 14.86 6.52
C SER A 5 -3.76 13.81 7.31
N SER A 6 -4.34 12.62 7.42
CA SER A 6 -3.72 11.52 8.15
C SER A 6 -3.81 10.23 7.36
N GLY A 7 -2.67 9.56 7.20
CA GLY A 7 -2.64 8.31 6.46
C GLY A 7 -1.26 7.68 6.44
N GLN A 8 -1.22 6.35 6.48
CA GLN A 8 0.05 5.62 6.47
C GLN A 8 -0.14 4.20 5.98
N ILE A 9 0.74 3.75 5.11
CA ILE A 9 0.67 2.40 4.56
C ILE A 9 1.86 1.56 5.02
N HIS A 10 1.58 0.31 5.40
CA HIS A 10 2.63 -0.59 5.86
C HIS A 10 2.64 -1.87 5.03
N LEU A 11 3.68 -2.04 4.22
CA LEU A 11 3.82 -3.22 3.37
C LEU A 11 4.73 -4.25 4.01
N PHE A 12 4.48 -5.52 3.71
CA PHE A 12 5.29 -6.61 4.25
C PHE A 12 5.68 -7.61 3.16
N SER A 13 6.97 -7.68 2.86
CA SER A 13 7.47 -8.58 1.84
C SER A 13 6.80 -9.96 1.95
N GLU A 14 6.66 -10.44 3.18
CA GLU A 14 6.04 -11.73 3.43
C GLU A 14 4.61 -11.57 3.92
N PRO A 15 3.77 -12.59 3.70
CA PRO A 15 2.37 -12.59 4.10
C PRO A 15 2.21 -12.66 5.62
N GLN A 16 1.02 -12.30 6.10
CA GLN A 16 0.74 -12.33 7.54
C GLN A 16 1.58 -11.29 8.28
N PHE A 17 1.87 -10.18 7.60
CA PHE A 17 2.67 -9.12 8.19
C PHE A 17 3.99 -9.67 8.74
N GLN A 18 4.65 -10.50 7.96
CA GLN A 18 5.92 -11.10 8.37
C GLN A 18 7.03 -10.71 7.40
N GLY A 19 8.25 -11.16 7.70
CA GLY A 19 9.39 -10.85 6.85
C GLY A 19 9.68 -9.37 6.80
N HIS A 20 10.37 -8.94 5.75
CA HIS A 20 10.72 -7.53 5.59
C HIS A 20 9.46 -6.66 5.57
N SER A 21 9.51 -5.56 6.31
CA SER A 21 8.38 -4.64 6.39
C SER A 21 8.80 -3.22 6.05
N GLN A 22 7.98 -2.54 5.25
CA GLN A 22 8.28 -1.17 4.85
C GLN A 22 7.00 -0.33 4.81
N SER A 23 6.98 0.75 5.60
CA SER A 23 5.82 1.63 5.66
C SER A 23 6.12 2.96 5.00
N PHE A 24 5.12 3.54 4.34
CA PHE A 24 5.28 4.83 3.68
C PHE A 24 4.21 5.82 4.13
N GLU A 25 4.66 6.95 4.67
CA GLU A 25 3.74 7.98 5.14
C GLU A 25 3.34 8.93 4.01
N GLU A 26 4.29 9.21 3.11
CA GLU A 26 4.04 10.09 1.99
C GLU A 26 3.99 9.31 0.68
N THR A 27 3.59 9.99 -0.39
CA THR A 27 3.49 9.36 -1.70
C THR A 27 4.84 8.81 -2.15
N THR A 28 4.85 7.57 -2.64
CA THR A 28 6.08 6.94 -3.10
C THR A 28 6.03 6.66 -4.60
N SER A 29 7.18 6.71 -5.25
CA SER A 29 7.27 6.48 -6.68
C SER A 29 8.01 5.18 -6.97
N GLN A 30 8.96 4.84 -6.11
CA GLN A 30 9.74 3.62 -6.27
C GLN A 30 9.88 2.87 -4.95
N ILE A 31 9.85 1.55 -5.02
CA ILE A 31 9.96 0.72 -3.83
C ILE A 31 11.40 0.25 -3.62
N ASP A 32 11.80 0.13 -2.36
CA ASP A 32 13.16 -0.31 -2.04
C ASP A 32 13.48 -1.62 -2.75
N ASP A 33 14.28 -1.52 -3.82
CA ASP A 33 14.67 -2.69 -4.59
C ASP A 33 13.44 -3.44 -5.11
N SER A 34 12.37 -2.69 -5.38
CA SER A 34 11.14 -3.29 -5.88
C SER A 34 10.76 -4.52 -5.06
N PHE A 35 11.04 -4.46 -3.76
CA PHE A 35 10.73 -5.58 -2.86
C PHE A 35 9.25 -5.93 -2.92
N SER A 36 8.95 -7.14 -3.37
CA SER A 36 7.58 -7.61 -3.49
C SER A 36 6.83 -7.41 -2.17
N THR A 37 5.49 -7.48 -2.24
CA THR A 37 4.67 -7.31 -1.06
C THR A 37 3.41 -8.18 -1.13
N LYS A 38 3.28 -9.10 -0.18
CA LYS A 38 2.13 -9.99 -0.14
C LYS A 38 1.02 -9.41 0.73
N SER A 39 1.40 -8.77 1.83
CA SER A 39 0.45 -8.17 2.75
C SER A 39 0.73 -6.68 2.93
N CYS A 40 -0.29 -5.94 3.35
CA CYS A 40 -0.15 -4.50 3.57
C CYS A 40 -1.02 -4.05 4.74
N ARG A 41 -0.85 -2.79 5.14
CA ARG A 41 -1.62 -2.24 6.25
C ARG A 41 -2.02 -0.79 5.96
N VAL A 42 -3.32 -0.57 5.80
CA VAL A 42 -3.83 0.78 5.51
C VAL A 42 -4.42 1.41 6.78
N SER A 43 -4.10 2.69 6.98
CA SER A 43 -4.60 3.41 8.16
C SER A 43 -4.62 4.91 7.89
N GLY A 44 -5.81 5.48 7.78
CA GLY A 44 -5.94 6.90 7.54
C GLY A 44 -5.98 7.23 6.06
N GLY A 45 -7.08 6.87 5.40
CA GLY A 45 -7.21 7.15 3.98
C GLY A 45 -6.84 5.95 3.12
N SER A 46 -7.26 5.97 1.87
CA SER A 46 -6.99 4.88 0.95
C SER A 46 -5.57 4.98 0.39
N TRP A 47 -5.08 3.88 -0.18
CA TRP A 47 -3.74 3.86 -0.75
C TRP A 47 -3.72 3.07 -2.06
N VAL A 48 -3.28 3.72 -3.13
CA VAL A 48 -3.21 3.08 -4.44
C VAL A 48 -1.83 2.51 -4.70
N VAL A 49 -1.78 1.22 -5.05
CA VAL A 49 -0.51 0.55 -5.32
C VAL A 49 -0.39 0.22 -6.81
N TYR A 50 0.64 0.77 -7.45
CA TYR A 50 0.88 0.53 -8.87
C TYR A 50 2.13 -0.32 -9.07
N ASP A 51 1.99 -1.41 -9.80
CA ASP A 51 3.11 -2.29 -10.08
C ASP A 51 4.01 -1.71 -11.16
N GLY A 52 3.80 -0.44 -11.49
CA GLY A 52 4.59 0.22 -12.51
C GLY A 52 5.24 1.49 -12.01
N GLU A 53 6.43 1.79 -12.51
CA GLU A 53 7.16 2.98 -12.11
C GLU A 53 6.44 4.24 -12.60
N ASN A 54 6.47 5.29 -11.79
CA ASN A 54 5.82 6.55 -12.12
C ASN A 54 4.30 6.39 -12.16
N PHE A 55 3.79 5.52 -11.30
CA PHE A 55 2.36 5.27 -11.22
C PHE A 55 1.81 4.84 -12.58
N THR A 56 2.53 3.94 -13.23
CA THR A 56 2.12 3.44 -14.55
C THR A 56 1.60 2.01 -14.45
N GLY A 57 0.89 1.57 -15.49
CA GLY A 57 0.35 0.23 -15.50
C GLY A 57 -1.02 0.15 -14.85
N ASN A 58 -1.20 -0.84 -13.99
CA ASN A 58 -2.47 -1.03 -13.30
C ASN A 58 -2.41 -0.48 -11.88
N GLN A 59 -3.54 0.02 -11.39
CA GLN A 59 -3.61 0.58 -10.04
C GLN A 59 -4.63 -0.18 -9.19
N TYR A 60 -4.32 -0.36 -7.92
CA TYR A 60 -5.20 -1.06 -7.01
C TYR A 60 -5.28 -0.34 -5.66
N VAL A 61 -6.42 0.28 -5.40
CA VAL A 61 -6.63 1.01 -4.14
C VAL A 61 -6.76 0.04 -2.97
N LEU A 62 -6.69 0.58 -1.76
CA LEU A 62 -6.81 -0.22 -0.55
C LEU A 62 -7.53 0.54 0.55
N GLU A 63 -8.60 -0.05 1.07
CA GLU A 63 -9.38 0.58 2.14
C GLU A 63 -8.69 0.42 3.48
N GLU A 64 -9.19 1.12 4.49
CA GLU A 64 -8.61 1.06 5.83
C GLU A 64 -8.83 -0.32 6.45
N GLY A 65 -7.74 -1.04 6.68
CA GLY A 65 -7.83 -2.37 7.26
C GLY A 65 -6.53 -3.13 7.16
N HIS A 66 -6.46 -4.27 7.85
CA HIS A 66 -5.26 -5.11 7.82
C HIS A 66 -5.38 -6.20 6.77
N TYR A 67 -4.53 -6.14 5.76
CA TYR A 67 -4.53 -7.13 4.69
C TYR A 67 -3.47 -8.19 4.91
N PRO A 68 -3.90 -9.37 5.39
CA PRO A 68 -2.99 -10.49 5.67
C PRO A 68 -2.43 -11.10 4.39
N CYS A 69 -3.23 -11.09 3.33
CA CYS A 69 -2.82 -11.65 2.04
C CYS A 69 -3.24 -10.74 0.90
N LEU A 70 -2.81 -11.09 -0.31
CA LEU A 70 -3.13 -10.30 -1.50
C LEU A 70 -4.60 -10.48 -1.88
N SER A 71 -5.06 -11.72 -1.85
CA SER A 71 -6.45 -12.03 -2.19
C SER A 71 -7.39 -10.97 -1.63
N ALA A 72 -7.41 -10.83 -0.31
CA ALA A 72 -8.27 -9.86 0.35
C ALA A 72 -8.15 -8.50 -0.30
N MET A 73 -6.93 -8.14 -0.71
CA MET A 73 -6.68 -6.86 -1.35
C MET A 73 -7.20 -6.85 -2.78
N GLY A 74 -7.24 -8.02 -3.39
CA GLY A 74 -7.72 -8.13 -4.76
C GLY A 74 -6.61 -8.42 -5.75
N CYS A 75 -5.41 -7.91 -5.47
CA CYS A 75 -4.27 -8.12 -6.34
C CYS A 75 -4.03 -9.61 -6.57
N PRO A 76 -3.52 -9.95 -7.77
CA PRO A 76 -3.24 -11.34 -8.14
C PRO A 76 -2.05 -11.91 -7.37
N PRO A 77 -1.95 -13.25 -7.36
CA PRO A 77 -0.87 -13.95 -6.65
C PRO A 77 0.48 -13.76 -7.34
N GLY A 78 1.13 -12.62 -7.05
CA GLY A 78 2.42 -12.34 -7.65
C GLY A 78 2.51 -10.92 -8.18
N ALA A 79 2.03 -9.97 -7.40
CA ALA A 79 2.06 -8.56 -7.79
C ALA A 79 3.08 -7.78 -6.96
N THR A 80 3.95 -7.05 -7.65
CA THR A 80 4.98 -6.26 -6.97
C THR A 80 4.73 -4.77 -7.16
N PHE A 81 4.43 -4.08 -6.06
CA PHE A 81 4.17 -2.65 -6.12
C PHE A 81 5.46 -1.87 -6.36
N LYS A 82 5.36 -0.80 -7.14
CA LYS A 82 6.51 0.03 -7.46
C LYS A 82 6.32 1.45 -6.94
N SER A 83 5.09 1.93 -6.97
CA SER A 83 4.78 3.28 -6.50
C SER A 83 3.50 3.28 -5.67
N LEU A 84 3.39 4.25 -4.77
CA LEU A 84 2.21 4.35 -3.90
C LEU A 84 1.61 5.76 -3.99
N ARG A 85 0.37 5.88 -3.54
CA ARG A 85 -0.32 7.17 -3.56
C ARG A 85 -1.32 7.27 -2.41
N PHE A 86 -0.98 8.07 -1.40
CA PHE A 86 -1.85 8.25 -0.24
C PHE A 86 -3.07 9.09 -0.61
N ILE A 87 -4.24 8.46 -0.60
CA ILE A 87 -5.48 9.14 -0.92
C ILE A 87 -6.13 9.73 0.32
N SER A 88 -5.98 11.03 0.50
CA SER A 88 -6.55 11.72 1.65
C SER A 88 -8.06 11.52 1.71
N GLY A 89 -8.50 10.64 2.61
CA GLY A 89 -9.92 10.38 2.75
C GLY A 89 -10.39 9.26 1.83
N PRO A 90 -11.29 8.42 2.35
CA PRO A 90 -11.85 7.29 1.58
C PRO A 90 -12.77 7.76 0.46
N SER A 91 -13.33 6.80 -0.28
CA SER A 91 -14.22 7.12 -1.38
C SER A 91 -15.40 6.15 -1.41
N SER A 92 -16.59 6.67 -1.70
CA SER A 92 -17.79 5.85 -1.76
C SER A 92 -18.64 6.22 -2.97
N GLY A 93 -18.61 5.38 -4.00
CA GLY A 93 -19.38 5.64 -5.20
C GLY A 93 -20.87 5.40 -5.00
N GLY A 1 -11.94 11.58 15.17
CA GLY A 1 -12.34 12.34 14.00
C GLY A 1 -11.91 13.80 14.09
N SER A 2 -12.23 14.44 15.21
CA SER A 2 -11.88 15.85 15.40
C SER A 2 -10.37 16.02 15.47
N SER A 3 -9.72 15.22 16.30
CA SER A 3 -8.27 15.29 16.45
C SER A 3 -7.57 15.23 15.09
N GLY A 4 -8.06 14.35 14.22
CA GLY A 4 -7.47 14.20 12.90
C GLY A 4 -6.30 13.25 12.88
N SER A 5 -6.38 12.24 12.03
CA SER A 5 -5.31 11.24 11.92
C SER A 5 -4.74 11.21 10.50
N SER A 6 -3.45 11.47 10.39
CA SER A 6 -2.78 11.47 9.09
C SER A 6 -2.85 10.09 8.44
N GLY A 7 -2.53 10.03 7.16
CA GLY A 7 -2.56 8.77 6.44
C GLY A 7 -1.20 8.10 6.38
N GLN A 8 -1.18 6.78 6.32
CA GLN A 8 0.06 6.02 6.25
C GLN A 8 -0.19 4.59 5.80
N ILE A 9 0.83 3.97 5.20
CA ILE A 9 0.72 2.61 4.71
C ILE A 9 1.86 1.75 5.23
N HIS A 10 1.62 0.44 5.32
CA HIS A 10 2.63 -0.50 5.80
C HIS A 10 2.62 -1.78 4.98
N LEU A 11 3.67 -1.97 4.19
CA LEU A 11 3.78 -3.17 3.34
C LEU A 11 4.67 -4.21 4.01
N PHE A 12 4.42 -5.48 3.67
CA PHE A 12 5.21 -6.58 4.24
C PHE A 12 5.61 -7.56 3.14
N SER A 13 6.91 -7.65 2.87
CA SER A 13 7.43 -8.54 1.85
C SER A 13 6.72 -9.90 1.90
N GLU A 14 6.64 -10.47 3.11
CA GLU A 14 6.00 -11.75 3.29
C GLU A 14 4.56 -11.58 3.76
N PRO A 15 3.73 -12.62 3.53
CA PRO A 15 2.31 -12.59 3.91
C PRO A 15 2.12 -12.65 5.42
N GLN A 16 0.90 -12.35 5.87
CA GLN A 16 0.60 -12.37 7.29
C GLN A 16 1.46 -11.36 8.06
N PHE A 17 1.81 -10.27 7.40
CA PHE A 17 2.63 -9.24 8.01
C PHE A 17 3.94 -9.82 8.53
N GLN A 18 4.58 -10.65 7.71
CA GLN A 18 5.83 -11.29 8.09
C GLN A 18 6.97 -10.82 7.18
N GLY A 19 8.18 -11.31 7.46
CA GLY A 19 9.33 -10.93 6.66
C GLY A 19 9.60 -9.44 6.70
N HIS A 20 10.31 -8.94 5.69
CA HIS A 20 10.65 -7.52 5.62
C HIS A 20 9.39 -6.67 5.76
N SER A 21 9.58 -5.40 6.13
CA SER A 21 8.46 -4.48 6.30
C SER A 21 8.88 -3.06 5.92
N GLN A 22 7.97 -2.33 5.27
CA GLN A 22 8.24 -0.97 4.86
C GLN A 22 6.98 -0.11 4.96
N SER A 23 7.07 0.98 5.73
CA SER A 23 5.94 1.88 5.91
C SER A 23 6.16 3.20 5.17
N PHE A 24 5.09 3.72 4.57
CA PHE A 24 5.18 4.97 3.83
C PHE A 24 4.10 5.94 4.30
N GLU A 25 4.49 7.20 4.51
CA GLU A 25 3.55 8.23 4.95
C GLU A 25 3.22 9.18 3.81
N GLU A 26 4.20 9.42 2.94
CA GLU A 26 4.01 10.33 1.82
C GLU A 26 3.88 9.55 0.51
N THR A 27 3.53 10.25 -0.56
CA THR A 27 3.36 9.63 -1.86
C THR A 27 4.69 9.06 -2.38
N THR A 28 4.81 7.74 -2.35
CA THR A 28 6.02 7.07 -2.81
C THR A 28 5.97 6.82 -4.31
N SER A 29 7.14 6.85 -4.95
CA SER A 29 7.23 6.63 -6.39
C SER A 29 8.02 5.36 -6.68
N GLN A 30 8.97 5.04 -5.82
CA GLN A 30 9.79 3.85 -5.98
C GLN A 30 9.89 3.06 -4.69
N ILE A 31 9.89 1.74 -4.80
CA ILE A 31 9.98 0.87 -3.63
C ILE A 31 11.40 0.35 -3.44
N ASP A 32 11.78 0.15 -2.18
CA ASP A 32 13.11 -0.36 -1.86
C ASP A 32 13.43 -1.62 -2.66
N ASP A 33 14.22 -1.48 -3.71
CA ASP A 33 14.60 -2.61 -4.54
C ASP A 33 13.36 -3.33 -5.06
N SER A 34 12.29 -2.57 -5.28
CA SER A 34 11.04 -3.15 -5.77
C SER A 34 10.68 -4.41 -5.00
N PHE A 35 11.02 -4.44 -3.72
CA PHE A 35 10.74 -5.60 -2.88
C PHE A 35 9.27 -5.98 -2.96
N SER A 36 9.00 -7.19 -3.43
CA SER A 36 7.64 -7.68 -3.57
C SER A 36 6.87 -7.52 -2.25
N THR A 37 5.55 -7.50 -2.34
CA THR A 37 4.71 -7.36 -1.17
C THR A 37 3.46 -8.22 -1.28
N LYS A 38 3.23 -9.07 -0.28
CA LYS A 38 2.07 -9.95 -0.26
C LYS A 38 0.98 -9.40 0.65
N SER A 39 1.39 -8.76 1.74
CA SER A 39 0.44 -8.18 2.69
C SER A 39 0.78 -6.72 2.96
N CYS A 40 -0.23 -5.95 3.36
CA CYS A 40 -0.05 -4.54 3.66
C CYS A 40 -0.96 -4.10 4.80
N ARG A 41 -0.77 -2.87 5.26
CA ARG A 41 -1.58 -2.33 6.35
C ARG A 41 -1.90 -0.85 6.11
N VAL A 42 -3.16 -0.56 5.79
CA VAL A 42 -3.59 0.80 5.54
C VAL A 42 -4.16 1.44 6.81
N SER A 43 -3.89 2.73 6.98
CA SER A 43 -4.37 3.45 8.16
C SER A 43 -4.41 4.95 7.88
N GLY A 44 -5.60 5.52 7.91
CA GLY A 44 -5.76 6.94 7.66
C GLY A 44 -5.86 7.27 6.19
N GLY A 45 -6.91 6.75 5.54
CA GLY A 45 -7.09 6.99 4.13
C GLY A 45 -6.71 5.81 3.26
N SER A 46 -7.19 5.79 2.03
CA SER A 46 -6.90 4.70 1.10
C SER A 46 -5.52 4.85 0.50
N TRP A 47 -5.02 3.77 -0.10
CA TRP A 47 -3.69 3.79 -0.71
C TRP A 47 -3.69 2.99 -2.01
N VAL A 48 -3.20 3.60 -3.08
CA VAL A 48 -3.14 2.93 -4.38
C VAL A 48 -1.73 2.41 -4.66
N VAL A 49 -1.66 1.13 -5.01
CA VAL A 49 -0.38 0.50 -5.31
C VAL A 49 -0.27 0.13 -6.79
N TYR A 50 0.73 0.68 -7.46
CA TYR A 50 0.93 0.41 -8.88
C TYR A 50 2.10 -0.56 -9.08
N ASP A 51 1.98 -1.39 -10.12
CA ASP A 51 3.03 -2.37 -10.43
C ASP A 51 4.15 -1.73 -11.23
N GLY A 52 3.86 -0.57 -11.83
CA GLY A 52 4.87 0.12 -12.62
C GLY A 52 5.37 1.38 -11.94
N GLU A 53 6.54 1.86 -12.37
CA GLU A 53 7.13 3.06 -11.80
C GLU A 53 6.43 4.31 -12.31
N ASN A 54 6.47 5.36 -11.50
CA ASN A 54 5.84 6.63 -11.87
C ASN A 54 4.32 6.48 -11.94
N PHE A 55 3.78 5.63 -11.07
CA PHE A 55 2.34 5.40 -11.03
C PHE A 55 1.82 5.00 -12.40
N THR A 56 2.57 4.14 -13.10
CA THR A 56 2.18 3.68 -14.42
C THR A 56 1.59 2.28 -14.36
N GLY A 57 0.98 1.84 -15.46
CA GLY A 57 0.39 0.52 -15.51
C GLY A 57 -0.96 0.46 -14.82
N ASN A 58 -1.21 -0.63 -14.11
CA ASN A 58 -2.48 -0.81 -13.41
C ASN A 58 -2.40 -0.23 -12.00
N GLN A 59 -3.56 0.01 -11.39
CA GLN A 59 -3.62 0.56 -10.04
C GLN A 59 -4.59 -0.24 -9.18
N TYR A 60 -4.25 -0.38 -7.91
CA TYR A 60 -5.10 -1.11 -6.97
C TYR A 60 -5.21 -0.38 -5.64
N VAL A 61 -6.36 0.23 -5.40
CA VAL A 61 -6.60 0.97 -4.16
C VAL A 61 -6.78 0.02 -2.99
N LEU A 62 -6.41 0.49 -1.80
CA LEU A 62 -6.56 -0.32 -0.59
C LEU A 62 -7.28 0.45 0.51
N GLU A 63 -8.39 -0.11 0.99
CA GLU A 63 -9.18 0.52 2.04
C GLU A 63 -8.49 0.38 3.39
N GLU A 64 -9.08 0.99 4.41
CA GLU A 64 -8.53 0.93 5.76
C GLU A 64 -8.79 -0.43 6.41
N GLY A 65 -7.73 -1.19 6.63
CA GLY A 65 -7.86 -2.51 7.23
C GLY A 65 -6.60 -3.33 7.11
N HIS A 66 -6.45 -4.31 8.01
CA HIS A 66 -5.28 -5.18 8.00
C HIS A 66 -5.42 -6.28 6.95
N TYR A 67 -4.60 -6.20 5.91
CA TYR A 67 -4.64 -7.19 4.84
C TYR A 67 -3.54 -8.25 5.03
N PRO A 68 -3.94 -9.42 5.52
CA PRO A 68 -3.02 -10.53 5.76
C PRO A 68 -2.50 -11.14 4.46
N CYS A 69 -3.36 -11.21 3.46
CA CYS A 69 -2.99 -11.77 2.16
C CYS A 69 -3.49 -10.88 1.02
N LEU A 70 -3.03 -11.18 -0.19
CA LEU A 70 -3.43 -10.41 -1.37
C LEU A 70 -4.89 -10.67 -1.71
N SER A 71 -5.28 -11.94 -1.68
CA SER A 71 -6.66 -12.32 -1.99
C SER A 71 -7.65 -11.28 -1.48
N ALA A 72 -7.66 -11.07 -0.17
CA ALA A 72 -8.55 -10.09 0.44
C ALA A 72 -8.46 -8.75 -0.27
N MET A 73 -7.27 -8.40 -0.73
CA MET A 73 -7.05 -7.14 -1.43
C MET A 73 -7.59 -7.21 -2.85
N GLY A 74 -7.55 -8.41 -3.43
CA GLY A 74 -8.03 -8.59 -4.80
C GLY A 74 -6.90 -8.76 -5.78
N CYS A 75 -5.76 -8.16 -5.49
CA CYS A 75 -4.59 -8.25 -6.38
C CYS A 75 -4.25 -9.70 -6.67
N PRO A 76 -3.65 -9.94 -7.85
CA PRO A 76 -3.26 -11.28 -8.28
C PRO A 76 -2.10 -11.85 -7.47
N PRO A 77 -1.91 -13.17 -7.55
CA PRO A 77 -0.84 -13.85 -6.81
C PRO A 77 0.55 -13.52 -7.37
N GLY A 78 1.18 -12.50 -6.81
CA GLY A 78 2.50 -12.10 -7.26
C GLY A 78 2.51 -10.67 -7.78
N ALA A 79 1.85 -9.77 -7.07
CA ALA A 79 1.81 -8.37 -7.47
C ALA A 79 2.86 -7.56 -6.74
N THR A 80 3.84 -7.05 -7.49
CA THR A 80 4.91 -6.24 -6.91
C THR A 80 4.64 -4.75 -7.07
N PHE A 81 4.56 -4.05 -5.95
CA PHE A 81 4.31 -2.61 -5.96
C PHE A 81 5.58 -1.83 -6.20
N LYS A 82 5.50 -0.79 -7.03
CA LYS A 82 6.65 0.04 -7.33
C LYS A 82 6.42 1.47 -6.88
N SER A 83 5.17 1.92 -6.92
CA SER A 83 4.82 3.27 -6.51
C SER A 83 3.56 3.27 -5.67
N LEU A 84 3.42 4.29 -4.82
CA LEU A 84 2.26 4.40 -3.95
C LEU A 84 1.65 5.80 -4.03
N ARG A 85 0.37 5.91 -3.70
CA ARG A 85 -0.33 7.19 -3.75
C ARG A 85 -1.31 7.31 -2.59
N PHE A 86 -0.95 8.11 -1.59
CA PHE A 86 -1.80 8.31 -0.42
C PHE A 86 -3.07 9.06 -0.80
N ILE A 87 -4.20 8.36 -0.75
CA ILE A 87 -5.49 8.96 -1.09
C ILE A 87 -6.14 9.59 0.14
N SER A 88 -6.08 10.90 0.23
CA SER A 88 -6.66 11.63 1.36
C SER A 88 -8.16 11.33 1.47
N GLY A 89 -8.50 10.47 2.41
CA GLY A 89 -9.90 10.11 2.61
C GLY A 89 -10.45 9.25 1.49
N PRO A 90 -11.23 8.23 1.85
CA PRO A 90 -11.84 7.31 0.89
C PRO A 90 -12.92 7.98 0.04
N SER A 91 -13.09 9.29 0.23
CA SER A 91 -14.08 10.04 -0.52
C SER A 91 -13.81 9.98 -2.02
N SER A 92 -12.61 10.41 -2.41
CA SER A 92 -12.22 10.42 -3.82
C SER A 92 -10.72 10.22 -3.96
N GLY A 93 -10.31 9.61 -5.07
CA GLY A 93 -8.90 9.37 -5.32
C GLY A 93 -8.59 9.23 -6.79
N GLY A 1 -9.92 11.55 19.29
CA GLY A 1 -8.84 10.64 18.94
C GLY A 1 -7.55 10.97 19.67
N SER A 2 -7.05 10.01 20.43
CA SER A 2 -5.82 10.20 21.20
C SER A 2 -4.78 10.95 20.37
N SER A 3 -4.48 10.42 19.19
CA SER A 3 -3.50 11.05 18.30
C SER A 3 -4.10 11.31 16.93
N GLY A 4 -3.42 12.15 16.14
CA GLY A 4 -3.91 12.47 14.81
C GLY A 4 -2.95 12.04 13.72
N SER A 5 -3.44 11.22 12.80
CA SER A 5 -2.62 10.73 11.70
C SER A 5 -2.99 11.41 10.39
N SER A 6 -2.03 11.47 9.47
CA SER A 6 -2.26 12.10 8.17
C SER A 6 -2.30 11.06 7.06
N GLY A 7 -2.49 9.80 7.44
CA GLY A 7 -2.55 8.73 6.46
C GLY A 7 -1.19 8.07 6.25
N GLN A 8 -1.16 6.74 6.33
CA GLN A 8 0.07 6.00 6.14
C GLN A 8 -0.20 4.61 5.58
N ILE A 9 0.86 3.89 5.25
CA ILE A 9 0.73 2.54 4.70
C ILE A 9 1.94 1.68 5.06
N HIS A 10 1.68 0.45 5.48
CA HIS A 10 2.74 -0.47 5.85
C HIS A 10 2.66 -1.76 5.03
N LEU A 11 3.71 -2.02 4.24
CA LEU A 11 3.75 -3.21 3.41
C LEU A 11 4.64 -4.28 4.03
N PHE A 12 4.39 -5.53 3.67
CA PHE A 12 5.17 -6.64 4.20
C PHE A 12 5.57 -7.61 3.08
N SER A 13 6.86 -7.69 2.80
CA SER A 13 7.37 -8.56 1.76
C SER A 13 6.69 -9.93 1.82
N GLU A 14 6.58 -10.48 3.02
CA GLU A 14 5.96 -11.78 3.21
C GLU A 14 4.52 -11.63 3.72
N PRO A 15 3.69 -12.65 3.47
CA PRO A 15 2.29 -12.65 3.89
C PRO A 15 2.14 -12.77 5.41
N GLN A 16 0.94 -12.49 5.89
CA GLN A 16 0.67 -12.56 7.32
C GLN A 16 1.53 -11.56 8.10
N PHE A 17 1.83 -10.44 7.46
CA PHE A 17 2.65 -9.40 8.10
C PHE A 17 3.97 -9.98 8.58
N GLN A 18 4.62 -10.76 7.73
CA GLN A 18 5.89 -11.38 8.06
C GLN A 18 7.00 -10.88 7.14
N GLY A 19 8.23 -11.35 7.38
CA GLY A 19 9.36 -10.95 6.56
C GLY A 19 9.60 -9.46 6.60
N HIS A 20 10.33 -8.95 5.61
CA HIS A 20 10.63 -7.53 5.53
C HIS A 20 9.35 -6.70 5.44
N SER A 21 9.39 -5.49 5.97
CA SER A 21 8.23 -4.60 5.95
C SER A 21 8.66 -3.14 5.86
N GLN A 22 7.88 -2.34 5.14
CA GLN A 22 8.19 -0.93 4.97
C GLN A 22 6.94 -0.07 5.21
N SER A 23 7.16 1.19 5.56
CA SER A 23 6.07 2.11 5.84
C SER A 23 6.26 3.42 5.08
N PHE A 24 5.17 3.93 4.52
CA PHE A 24 5.21 5.18 3.76
C PHE A 24 4.10 6.13 4.20
N GLU A 25 4.46 7.39 4.43
CA GLU A 25 3.50 8.39 4.86
C GLU A 25 3.14 9.33 3.71
N GLU A 26 4.11 9.58 2.83
CA GLU A 26 3.90 10.47 1.69
C GLU A 26 3.77 9.67 0.41
N THR A 27 3.22 10.30 -0.63
CA THR A 27 3.04 9.65 -1.92
C THR A 27 4.38 9.19 -2.50
N THR A 28 4.61 7.88 -2.46
CA THR A 28 5.85 7.31 -2.98
C THR A 28 5.68 6.87 -4.43
N SER A 29 6.78 6.89 -5.18
CA SER A 29 6.76 6.49 -6.58
C SER A 29 7.66 5.29 -6.82
N GLN A 30 8.60 5.09 -5.92
CA GLN A 30 9.54 3.97 -6.03
C GLN A 30 9.60 3.18 -4.73
N ILE A 31 9.83 1.88 -4.84
CA ILE A 31 9.92 1.01 -3.68
C ILE A 31 11.33 0.46 -3.50
N ASP A 32 11.73 0.28 -2.25
CA ASP A 32 13.06 -0.24 -1.94
C ASP A 32 13.32 -1.54 -2.72
N ASP A 33 14.10 -1.42 -3.80
CA ASP A 33 14.43 -2.58 -4.62
C ASP A 33 13.16 -3.27 -5.12
N SER A 34 12.11 -2.49 -5.33
CA SER A 34 10.84 -3.03 -5.80
C SER A 34 10.48 -4.30 -5.04
N PHE A 35 10.77 -4.32 -3.75
CA PHE A 35 10.49 -5.48 -2.91
C PHE A 35 8.99 -5.83 -2.96
N SER A 36 8.69 -7.03 -3.44
CA SER A 36 7.31 -7.49 -3.53
C SER A 36 6.58 -7.32 -2.21
N THR A 37 5.25 -7.36 -2.27
CA THR A 37 4.44 -7.21 -1.07
C THR A 37 3.18 -8.07 -1.14
N LYS A 38 3.13 -9.11 -0.32
CA LYS A 38 1.98 -10.01 -0.31
C LYS A 38 0.89 -9.48 0.62
N SER A 39 1.31 -8.82 1.70
CA SER A 39 0.37 -8.27 2.67
C SER A 39 0.69 -6.80 2.95
N CYS A 40 -0.34 -6.04 3.29
CA CYS A 40 -0.18 -4.62 3.59
C CYS A 40 -1.10 -4.18 4.73
N ARG A 41 -0.87 -2.98 5.24
CA ARG A 41 -1.68 -2.45 6.33
C ARG A 41 -1.95 -0.96 6.14
N VAL A 42 -3.17 -0.63 5.77
CA VAL A 42 -3.56 0.76 5.55
C VAL A 42 -3.98 1.42 6.86
N SER A 43 -3.75 2.73 6.96
CA SER A 43 -4.09 3.48 8.16
C SER A 43 -4.24 4.96 7.84
N GLY A 44 -5.48 5.43 7.81
CA GLY A 44 -5.74 6.84 7.52
C GLY A 44 -5.84 7.11 6.03
N GLY A 45 -7.04 6.96 5.48
CA GLY A 45 -7.24 7.19 4.07
C GLY A 45 -6.85 6.00 3.22
N SER A 46 -7.34 5.97 1.98
CA SER A 46 -7.04 4.88 1.06
C SER A 46 -5.64 5.01 0.49
N TRP A 47 -5.14 3.93 -0.09
CA TRP A 47 -3.80 3.93 -0.69
C TRP A 47 -3.79 3.14 -2.00
N VAL A 48 -3.17 3.72 -3.02
CA VAL A 48 -3.08 3.07 -4.32
C VAL A 48 -1.72 2.41 -4.53
N VAL A 49 -1.73 1.21 -5.09
CA VAL A 49 -0.48 0.48 -5.34
C VAL A 49 -0.37 0.08 -6.80
N TYR A 50 0.61 0.65 -7.49
CA TYR A 50 0.83 0.34 -8.91
C TYR A 50 1.95 -0.66 -9.08
N ASP A 51 1.87 -1.47 -10.14
CA ASP A 51 2.88 -2.47 -10.42
C ASP A 51 3.93 -1.93 -11.39
N GLY A 52 4.00 -0.60 -11.50
CA GLY A 52 4.96 0.03 -12.39
C GLY A 52 5.55 1.28 -11.80
N GLU A 53 6.84 1.50 -12.06
CA GLU A 53 7.53 2.68 -11.53
C GLU A 53 6.92 3.96 -12.10
N ASN A 54 6.89 5.00 -11.27
CA ASN A 54 6.33 6.29 -11.69
C ASN A 54 4.83 6.18 -11.89
N PHE A 55 4.18 5.36 -11.07
CA PHE A 55 2.74 5.17 -11.16
C PHE A 55 2.33 4.71 -12.56
N THR A 56 3.03 3.71 -13.07
CA THR A 56 2.75 3.17 -14.40
C THR A 56 2.10 1.80 -14.31
N GLY A 57 1.36 1.43 -15.34
CA GLY A 57 0.70 0.14 -15.37
C GLY A 57 -0.69 0.20 -14.77
N ASN A 58 -0.99 -0.77 -13.90
CA ASN A 58 -2.30 -0.82 -13.25
C ASN A 58 -2.24 -0.22 -11.85
N GLN A 59 -3.41 -0.01 -11.25
CA GLN A 59 -3.50 0.57 -9.91
C GLN A 59 -4.56 -0.14 -9.08
N TYR A 60 -4.25 -0.35 -7.80
CA TYR A 60 -5.17 -1.03 -6.90
C TYR A 60 -5.23 -0.32 -5.54
N VAL A 61 -6.37 0.29 -5.24
CA VAL A 61 -6.56 1.00 -3.99
C VAL A 61 -6.70 0.02 -2.83
N LEU A 62 -6.59 0.54 -1.61
CA LEU A 62 -6.71 -0.27 -0.41
C LEU A 62 -7.40 0.50 0.71
N GLU A 63 -8.48 -0.08 1.25
CA GLU A 63 -9.22 0.55 2.34
C GLU A 63 -8.47 0.42 3.65
N GLU A 64 -8.94 1.14 4.68
CA GLU A 64 -8.32 1.11 5.99
C GLU A 64 -8.60 -0.22 6.69
N GLY A 65 -7.55 -1.00 6.93
CA GLY A 65 -7.71 -2.28 7.60
C GLY A 65 -6.44 -3.09 7.59
N HIS A 66 -6.56 -4.40 7.83
CA HIS A 66 -5.41 -5.29 7.84
C HIS A 66 -5.55 -6.38 6.77
N TYR A 67 -4.62 -6.40 5.83
CA TYR A 67 -4.64 -7.38 4.75
C TYR A 67 -3.52 -8.40 4.93
N PRO A 68 -3.88 -9.59 5.42
CA PRO A 68 -2.92 -10.67 5.65
C PRO A 68 -2.39 -11.27 4.34
N CYS A 69 -3.22 -11.21 3.30
CA CYS A 69 -2.84 -11.74 1.99
C CYS A 69 -3.29 -10.81 0.88
N LEU A 70 -2.84 -11.09 -0.34
CA LEU A 70 -3.19 -10.27 -1.50
C LEU A 70 -4.66 -10.47 -1.87
N SER A 71 -5.08 -11.73 -1.94
CA SER A 71 -6.45 -12.06 -2.29
C SER A 71 -7.43 -11.05 -1.69
N ALA A 72 -7.45 -10.99 -0.36
CA ALA A 72 -8.33 -10.07 0.35
C ALA A 72 -8.25 -8.67 -0.24
N MET A 73 -7.06 -8.28 -0.65
CA MET A 73 -6.83 -6.96 -1.24
C MET A 73 -7.34 -6.91 -2.68
N GLY A 74 -7.36 -8.07 -3.33
CA GLY A 74 -7.83 -8.13 -4.71
C GLY A 74 -6.69 -8.37 -5.69
N CYS A 75 -5.51 -7.85 -5.37
CA CYS A 75 -4.35 -8.01 -6.23
C CYS A 75 -4.10 -9.49 -6.55
N PRO A 76 -3.53 -9.75 -7.73
CA PRO A 76 -3.23 -11.12 -8.18
C PRO A 76 -2.11 -11.75 -7.38
N PRO A 77 -1.99 -13.08 -7.47
CA PRO A 77 -0.97 -13.84 -6.76
C PRO A 77 0.43 -13.60 -7.32
N GLY A 78 1.14 -12.64 -6.73
CA GLY A 78 2.49 -12.32 -7.18
C GLY A 78 2.59 -10.91 -7.73
N ALA A 79 2.08 -9.95 -6.97
CA ALA A 79 2.12 -8.55 -7.39
C ALA A 79 3.23 -7.79 -6.66
N THR A 80 3.93 -6.94 -7.39
CA THR A 80 5.02 -6.15 -6.80
C THR A 80 4.76 -4.66 -6.97
N PHE A 81 4.44 -4.00 -5.86
CA PHE A 81 4.17 -2.56 -5.87
C PHE A 81 5.45 -1.78 -6.15
N LYS A 82 5.33 -0.76 -7.00
CA LYS A 82 6.48 0.08 -7.34
C LYS A 82 6.24 1.52 -6.92
N SER A 83 4.98 1.93 -6.89
CA SER A 83 4.62 3.29 -6.50
C SER A 83 3.35 3.30 -5.66
N LEU A 84 3.29 4.22 -4.70
CA LEU A 84 2.13 4.33 -3.82
C LEU A 84 1.49 5.70 -3.94
N ARG A 85 0.21 5.79 -3.59
CA ARG A 85 -0.52 7.05 -3.66
C ARG A 85 -1.49 7.18 -2.49
N PHE A 86 -1.17 8.06 -1.55
CA PHE A 86 -2.01 8.28 -0.38
C PHE A 86 -3.23 9.14 -0.75
N ILE A 87 -4.39 8.50 -0.82
CA ILE A 87 -5.63 9.20 -1.15
C ILE A 87 -6.24 9.85 0.08
N SER A 88 -6.06 11.17 0.21
CA SER A 88 -6.59 11.90 1.34
C SER A 88 -8.12 11.78 1.40
N GLY A 89 -8.61 10.98 2.33
CA GLY A 89 -10.04 10.79 2.48
C GLY A 89 -10.65 11.77 3.46
N PRO A 90 -11.17 11.24 4.58
CA PRO A 90 -11.79 12.04 5.64
C PRO A 90 -10.78 12.90 6.39
N SER A 91 -10.54 14.10 5.88
CA SER A 91 -9.59 15.03 6.50
C SER A 91 -10.04 16.48 6.33
N SER A 92 -9.36 17.39 7.01
CA SER A 92 -9.68 18.80 6.93
C SER A 92 -9.58 19.31 5.50
N GLY A 93 -10.42 20.28 5.16
CA GLY A 93 -10.40 20.83 3.82
C GLY A 93 -10.18 22.33 3.81
N GLY A 1 -0.24 16.42 18.58
CA GLY A 1 1.21 16.38 18.46
C GLY A 1 1.71 17.12 17.23
N SER A 2 3.02 17.07 17.00
CA SER A 2 3.61 17.74 15.85
C SER A 2 3.64 16.82 14.63
N SER A 3 4.26 15.66 14.79
CA SER A 3 4.36 14.70 13.70
C SER A 3 3.10 13.85 13.61
N GLY A 4 2.69 13.52 12.39
CA GLY A 4 1.50 12.72 12.19
C GLY A 4 0.84 13.00 10.85
N SER A 5 0.88 12.01 9.97
CA SER A 5 0.28 12.14 8.64
C SER A 5 -1.16 11.64 8.64
N SER A 6 -2.03 12.34 7.91
CA SER A 6 -3.43 11.97 7.83
C SER A 6 -3.59 10.49 7.50
N GLY A 7 -2.56 9.92 6.87
CA GLY A 7 -2.60 8.52 6.51
C GLY A 7 -1.24 7.85 6.61
N GLN A 8 -1.24 6.52 6.65
CA GLN A 8 0.00 5.77 6.75
C GLN A 8 -0.18 4.34 6.25
N ILE A 9 0.73 3.90 5.40
CA ILE A 9 0.67 2.56 4.84
C ILE A 9 1.88 1.73 5.25
N HIS A 10 1.65 0.47 5.61
CA HIS A 10 2.72 -0.43 6.02
C HIS A 10 2.69 -1.72 5.22
N LEU A 11 3.66 -1.89 4.33
CA LEU A 11 3.75 -3.08 3.49
C LEU A 11 4.65 -4.13 4.13
N PHE A 12 4.42 -5.39 3.78
CA PHE A 12 5.22 -6.48 4.32
C PHE A 12 5.64 -7.44 3.22
N SER A 13 6.96 -7.56 3.02
CA SER A 13 7.50 -8.44 1.99
C SER A 13 6.83 -9.80 2.04
N GLU A 14 6.68 -10.35 3.23
CA GLU A 14 6.05 -11.66 3.40
C GLU A 14 4.61 -11.51 3.88
N PRO A 15 3.79 -12.54 3.62
CA PRO A 15 2.38 -12.54 4.01
C PRO A 15 2.19 -12.66 5.52
N GLN A 16 0.98 -12.38 5.99
CA GLN A 16 0.68 -12.45 7.41
C GLN A 16 1.51 -11.44 8.19
N PHE A 17 1.78 -10.30 7.58
CA PHE A 17 2.58 -9.26 8.22
C PHE A 17 3.89 -9.82 8.75
N GLN A 18 4.52 -10.68 7.95
CA GLN A 18 5.79 -11.29 8.33
C GLN A 18 6.91 -10.84 7.40
N GLY A 19 8.12 -11.33 7.67
CA GLY A 19 9.26 -10.97 6.84
C GLY A 19 9.53 -9.48 6.84
N HIS A 20 10.27 -9.01 5.84
CA HIS A 20 10.61 -7.60 5.73
C HIS A 20 9.35 -6.74 5.70
N SER A 21 9.45 -5.53 6.22
CA SER A 21 8.31 -4.61 6.26
C SER A 21 8.76 -3.17 6.03
N GLN A 22 7.96 -2.43 5.28
CA GLN A 22 8.28 -1.03 4.98
C GLN A 22 7.04 -0.15 5.11
N SER A 23 7.22 1.04 5.67
CA SER A 23 6.12 1.97 5.87
C SER A 23 6.36 3.26 5.08
N PHE A 24 5.29 3.81 4.53
CA PHE A 24 5.38 5.04 3.75
C PHE A 24 4.37 6.08 4.25
N GLU A 25 4.88 7.13 4.88
CA GLU A 25 4.03 8.19 5.42
C GLU A 25 3.55 9.11 4.29
N GLU A 26 4.40 9.31 3.30
CA GLU A 26 4.07 10.17 2.17
C GLU A 26 4.01 9.37 0.87
N THR A 27 3.53 10.01 -0.19
CA THR A 27 3.42 9.35 -1.50
C THR A 27 4.77 8.84 -1.97
N THR A 28 4.80 7.60 -2.44
CA THR A 28 6.03 7.00 -2.93
C THR A 28 6.02 6.86 -4.44
N SER A 29 7.20 6.90 -5.05
CA SER A 29 7.32 6.78 -6.50
C SER A 29 8.03 5.48 -6.89
N GLN A 30 8.95 5.05 -6.04
CA GLN A 30 9.70 3.82 -6.29
C GLN A 30 9.92 3.04 -4.99
N ILE A 31 9.53 1.78 -4.99
CA ILE A 31 9.68 0.93 -3.82
C ILE A 31 11.13 0.46 -3.67
N ASP A 32 11.58 0.33 -2.42
CA ASP A 32 12.94 -0.11 -2.15
C ASP A 32 13.25 -1.41 -2.88
N ASP A 33 14.01 -1.28 -3.97
CA ASP A 33 14.38 -2.45 -4.76
C ASP A 33 13.14 -3.23 -5.21
N SER A 34 12.04 -2.51 -5.42
CA SER A 34 10.79 -3.14 -5.85
C SER A 34 10.51 -4.39 -5.02
N PHE A 35 10.79 -4.31 -3.72
CA PHE A 35 10.57 -5.44 -2.82
C PHE A 35 9.12 -5.90 -2.89
N SER A 36 8.91 -7.13 -3.32
CA SER A 36 7.57 -7.70 -3.44
C SER A 36 6.81 -7.55 -2.13
N THR A 37 5.48 -7.60 -2.22
CA THR A 37 4.63 -7.47 -1.03
C THR A 37 3.37 -8.31 -1.18
N LYS A 38 3.16 -9.22 -0.24
CA LYS A 38 1.99 -10.08 -0.25
C LYS A 38 0.89 -9.53 0.66
N SER A 39 1.30 -8.86 1.73
CA SER A 39 0.35 -8.28 2.67
C SER A 39 0.62 -6.79 2.87
N CYS A 40 -0.42 -6.05 3.26
CA CYS A 40 -0.30 -4.62 3.47
C CYS A 40 -1.14 -4.17 4.67
N ARG A 41 -0.99 -2.91 5.06
CA ARG A 41 -1.73 -2.37 6.19
C ARG A 41 -2.07 -0.90 5.96
N VAL A 42 -3.36 -0.61 5.82
CA VAL A 42 -3.82 0.76 5.59
C VAL A 42 -4.36 1.36 6.87
N SER A 43 -4.06 2.64 7.09
CA SER A 43 -4.52 3.35 8.28
C SER A 43 -4.54 4.85 8.05
N GLY A 44 -5.73 5.43 7.95
CA GLY A 44 -5.87 6.86 7.72
C GLY A 44 -5.94 7.21 6.26
N GLY A 45 -6.92 6.65 5.57
CA GLY A 45 -7.08 6.93 4.14
C GLY A 45 -6.68 5.75 3.27
N SER A 46 -7.10 5.77 2.01
CA SER A 46 -6.80 4.70 1.08
C SER A 46 -5.41 4.88 0.47
N TRP A 47 -4.90 3.83 -0.16
CA TRP A 47 -3.59 3.88 -0.79
C TRP A 47 -3.60 3.12 -2.12
N VAL A 48 -3.01 3.73 -3.15
CA VAL A 48 -2.95 3.10 -4.46
C VAL A 48 -1.59 2.45 -4.70
N VAL A 49 -1.62 1.26 -5.28
CA VAL A 49 -0.40 0.52 -5.57
C VAL A 49 -0.30 0.13 -7.04
N TYR A 50 0.66 0.72 -7.74
CA TYR A 50 0.85 0.43 -9.15
C TYR A 50 1.99 -0.56 -9.37
N ASP A 51 1.81 -1.45 -10.35
CA ASP A 51 2.82 -2.45 -10.65
C ASP A 51 3.98 -1.84 -11.44
N GLY A 52 3.76 -0.63 -11.95
CA GLY A 52 4.79 0.05 -12.72
C GLY A 52 5.37 1.25 -11.99
N GLU A 53 6.52 1.72 -12.44
CA GLU A 53 7.16 2.88 -11.83
C GLU A 53 6.52 4.18 -12.30
N ASN A 54 6.62 5.21 -11.46
CA ASN A 54 6.04 6.51 -11.79
C ASN A 54 4.53 6.41 -11.93
N PHE A 55 3.92 5.58 -11.10
CA PHE A 55 2.47 5.39 -11.13
C PHE A 55 2.01 4.97 -12.52
N THR A 56 2.69 3.98 -13.09
CA THR A 56 2.35 3.48 -14.41
C THR A 56 1.71 2.11 -14.33
N GLY A 57 0.98 1.72 -15.38
CA GLY A 57 0.33 0.43 -15.41
C GLY A 57 -0.99 0.44 -14.67
N ASN A 58 -1.37 -0.73 -14.14
CA ASN A 58 -2.62 -0.86 -13.41
C ASN A 58 -2.48 -0.31 -12.00
N GLN A 59 -3.58 0.14 -11.42
CA GLN A 59 -3.59 0.70 -10.07
C GLN A 59 -4.60 -0.02 -9.18
N TYR A 60 -4.19 -0.32 -7.96
CA TYR A 60 -5.07 -1.01 -7.01
C TYR A 60 -5.11 -0.28 -5.68
N VAL A 61 -6.27 0.27 -5.33
CA VAL A 61 -6.43 0.99 -4.08
C VAL A 61 -6.59 0.02 -2.91
N LEU A 62 -6.44 0.55 -1.70
CA LEU A 62 -6.56 -0.27 -0.49
C LEU A 62 -7.33 0.48 0.59
N GLU A 63 -8.41 -0.13 1.07
CA GLU A 63 -9.24 0.48 2.11
C GLU A 63 -8.63 0.23 3.49
N GLU A 64 -9.08 1.01 4.47
CA GLU A 64 -8.59 0.88 5.83
C GLU A 64 -8.88 -0.50 6.39
N GLY A 65 -7.83 -1.29 6.59
CA GLY A 65 -8.00 -2.63 7.13
C GLY A 65 -6.71 -3.44 7.06
N HIS A 66 -6.61 -4.44 7.92
CA HIS A 66 -5.42 -5.29 7.95
C HIS A 66 -5.51 -6.39 6.88
N TYR A 67 -4.66 -6.28 5.86
CA TYR A 67 -4.63 -7.25 4.78
C TYR A 67 -3.55 -8.29 5.00
N PRO A 68 -3.97 -9.50 5.44
CA PRO A 68 -3.04 -10.60 5.71
C PRO A 68 -2.44 -11.17 4.42
N CYS A 69 -3.23 -11.15 3.35
CA CYS A 69 -2.77 -11.66 2.06
C CYS A 69 -3.22 -10.75 0.93
N LEU A 70 -2.82 -11.10 -0.30
CA LEU A 70 -3.19 -10.31 -1.47
C LEU A 70 -4.67 -10.50 -1.82
N SER A 71 -5.11 -11.75 -1.84
CA SER A 71 -6.50 -12.06 -2.15
C SER A 71 -7.44 -11.03 -1.55
N ALA A 72 -7.38 -10.89 -0.22
CA ALA A 72 -8.22 -9.93 0.48
C ALA A 72 -8.11 -8.55 -0.14
N MET A 73 -6.90 -8.18 -0.55
CA MET A 73 -6.66 -6.88 -1.16
C MET A 73 -7.20 -6.83 -2.59
N GLY A 74 -7.23 -7.99 -3.25
CA GLY A 74 -7.73 -8.06 -4.61
C GLY A 74 -6.63 -8.33 -5.61
N CYS A 75 -5.44 -7.81 -5.35
CA CYS A 75 -4.31 -8.00 -6.25
C CYS A 75 -4.11 -9.48 -6.56
N PRO A 76 -3.53 -9.76 -7.74
CA PRO A 76 -3.27 -11.14 -8.19
C PRO A 76 -2.17 -11.81 -7.39
N PRO A 77 -2.13 -13.14 -7.43
CA PRO A 77 -1.11 -13.93 -6.72
C PRO A 77 0.28 -13.77 -7.31
N GLY A 78 1.02 -12.78 -6.81
CA GLY A 78 2.36 -12.54 -7.31
C GLY A 78 2.52 -11.14 -7.89
N ALA A 79 1.98 -10.15 -7.18
CA ALA A 79 2.07 -8.77 -7.62
C ALA A 79 3.20 -8.04 -6.92
N THR A 80 3.80 -7.07 -7.60
CA THR A 80 4.90 -6.30 -7.05
C THR A 80 4.67 -4.80 -7.22
N PHE A 81 4.37 -4.12 -6.11
CA PHE A 81 4.12 -2.68 -6.15
C PHE A 81 5.42 -1.92 -6.39
N LYS A 82 5.35 -0.92 -7.26
CA LYS A 82 6.52 -0.10 -7.58
C LYS A 82 6.32 1.34 -7.13
N SER A 83 5.06 1.79 -7.12
CA SER A 83 4.74 3.15 -6.71
C SER A 83 3.52 3.16 -5.80
N LEU A 84 3.44 4.17 -4.94
CA LEU A 84 2.32 4.31 -4.02
C LEU A 84 1.69 5.70 -4.11
N ARG A 85 0.44 5.80 -3.71
CA ARG A 85 -0.28 7.07 -3.74
C ARG A 85 -1.26 7.18 -2.58
N PHE A 86 -0.88 7.94 -1.56
CA PHE A 86 -1.73 8.12 -0.39
C PHE A 86 -2.99 8.90 -0.73
N ILE A 87 -4.12 8.20 -0.71
CA ILE A 87 -5.41 8.83 -1.02
C ILE A 87 -6.01 9.52 0.20
N SER A 88 -5.87 10.84 0.26
CA SER A 88 -6.41 11.61 1.37
C SER A 88 -7.92 11.48 1.45
N GLY A 89 -8.39 10.69 2.42
CA GLY A 89 -9.82 10.50 2.58
C GLY A 89 -10.34 11.12 3.87
N PRO A 90 -10.81 10.27 4.80
CA PRO A 90 -11.34 10.73 6.09
C PRO A 90 -10.27 11.30 6.99
N SER A 91 -10.17 12.62 7.04
CA SER A 91 -9.18 13.29 7.88
C SER A 91 -9.82 13.89 9.12
N SER A 92 -9.00 14.46 9.99
CA SER A 92 -9.49 15.07 11.23
C SER A 92 -10.11 16.43 10.95
N GLY A 93 -11.36 16.60 11.35
CA GLY A 93 -12.06 17.86 11.13
C GLY A 93 -11.64 18.92 12.13
N GLY A 1 -15.27 10.86 9.47
CA GLY A 1 -14.96 12.25 9.19
C GLY A 1 -13.84 12.41 8.17
N SER A 2 -12.66 11.91 8.52
CA SER A 2 -11.50 12.00 7.63
C SER A 2 -11.29 13.44 7.17
N SER A 3 -11.43 14.38 8.09
CA SER A 3 -11.26 15.80 7.78
C SER A 3 -9.79 16.12 7.52
N GLY A 4 -8.93 15.68 8.45
CA GLY A 4 -7.51 15.93 8.29
C GLY A 4 -6.66 14.86 8.97
N SER A 5 -7.06 13.61 8.81
CA SER A 5 -6.34 12.50 9.41
C SER A 5 -5.20 12.03 8.50
N SER A 6 -3.99 12.05 9.03
CA SER A 6 -2.81 11.64 8.27
C SER A 6 -2.88 10.16 7.95
N GLY A 7 -2.50 9.80 6.73
CA GLY A 7 -2.51 8.41 6.31
C GLY A 7 -1.14 7.77 6.38
N GLN A 8 -1.12 6.44 6.48
CA GLN A 8 0.14 5.70 6.55
C GLN A 8 -0.05 4.25 6.13
N ILE A 9 0.74 3.82 5.15
CA ILE A 9 0.66 2.45 4.66
C ILE A 9 1.79 1.60 5.21
N HIS A 10 1.53 0.31 5.37
CA HIS A 10 2.53 -0.62 5.89
C HIS A 10 2.54 -1.92 5.08
N LEU A 11 3.57 -2.09 4.25
CA LEU A 11 3.69 -3.28 3.42
C LEU A 11 4.69 -4.26 4.02
N PHE A 12 4.40 -5.55 3.90
CA PHE A 12 5.27 -6.58 4.44
C PHE A 12 5.67 -7.58 3.34
N SER A 13 6.95 -7.63 3.04
CA SER A 13 7.47 -8.52 2.02
C SER A 13 6.77 -9.87 2.08
N GLU A 14 6.69 -10.43 3.28
CA GLU A 14 6.05 -11.73 3.48
C GLU A 14 4.60 -11.56 3.95
N PRO A 15 3.77 -12.57 3.68
CA PRO A 15 2.36 -12.55 4.07
C PRO A 15 2.17 -12.66 5.57
N GLN A 16 0.96 -12.34 6.03
CA GLN A 16 0.65 -12.40 7.46
C GLN A 16 1.49 -11.41 8.24
N PHE A 17 1.79 -10.27 7.62
CA PHE A 17 2.59 -9.24 8.26
C PHE A 17 3.90 -9.81 8.79
N GLN A 18 4.55 -10.63 7.97
CA GLN A 18 5.82 -11.25 8.34
C GLN A 18 6.95 -10.81 7.41
N GLY A 19 8.16 -11.27 7.70
CA GLY A 19 9.29 -10.92 6.87
C GLY A 19 9.56 -9.43 6.85
N HIS A 20 10.27 -8.97 5.82
CA HIS A 20 10.59 -7.56 5.70
C HIS A 20 9.32 -6.70 5.77
N SER A 21 9.48 -5.45 6.20
CA SER A 21 8.35 -4.54 6.33
C SER A 21 8.77 -3.11 6.01
N GLN A 22 7.92 -2.39 5.30
CA GLN A 22 8.21 -1.00 4.93
C GLN A 22 6.94 -0.15 4.99
N SER A 23 7.05 1.01 5.64
CA SER A 23 5.91 1.91 5.77
C SER A 23 6.16 3.21 5.01
N PHE A 24 5.10 3.76 4.42
CA PHE A 24 5.20 5.00 3.66
C PHE A 24 4.19 6.03 4.15
N GLU A 25 4.66 7.24 4.41
CA GLU A 25 3.79 8.31 4.88
C GLU A 25 3.41 9.26 3.76
N GLU A 26 4.33 9.42 2.80
CA GLU A 26 4.11 10.30 1.66
C GLU A 26 4.05 9.51 0.37
N THR A 27 3.64 10.17 -0.71
CA THR A 27 3.54 9.53 -2.01
C THR A 27 4.88 8.95 -2.46
N THR A 28 4.90 7.66 -2.75
CA THR A 28 6.12 6.99 -3.18
C THR A 28 6.11 6.74 -4.68
N SER A 29 7.28 6.84 -5.30
CA SER A 29 7.41 6.63 -6.74
C SER A 29 8.19 5.35 -7.03
N GLN A 30 9.06 4.97 -6.10
CA GLN A 30 9.87 3.76 -6.26
C GLN A 30 10.01 3.03 -4.94
N ILE A 31 9.64 1.74 -4.93
CA ILE A 31 9.73 0.93 -3.73
C ILE A 31 11.14 0.37 -3.54
N ASP A 32 11.53 0.15 -2.29
CA ASP A 32 12.85 -0.38 -1.98
C ASP A 32 13.12 -1.65 -2.78
N ASP A 33 13.93 -1.54 -3.83
CA ASP A 33 14.28 -2.67 -4.67
C ASP A 33 13.01 -3.37 -5.17
N SER A 34 11.95 -2.60 -5.37
CA SER A 34 10.68 -3.14 -5.84
C SER A 34 10.33 -4.42 -5.08
N PHE A 35 10.67 -4.45 -3.80
CA PHE A 35 10.39 -5.62 -2.96
C PHE A 35 8.93 -6.02 -3.06
N SER A 36 8.68 -7.26 -3.48
CA SER A 36 7.32 -7.76 -3.61
C SER A 36 6.52 -7.54 -2.33
N THR A 37 5.22 -7.30 -2.48
CA THR A 37 4.35 -7.06 -1.34
C THR A 37 3.15 -8.01 -1.35
N LYS A 38 3.13 -8.94 -0.40
CA LYS A 38 2.04 -9.91 -0.31
C LYS A 38 0.96 -9.42 0.66
N SER A 39 1.38 -8.74 1.73
CA SER A 39 0.46 -8.23 2.72
C SER A 39 0.66 -6.72 2.93
N CYS A 40 -0.39 -6.03 3.31
CA CYS A 40 -0.33 -4.59 3.55
C CYS A 40 -1.21 -4.19 4.73
N ARG A 41 -1.06 -2.95 5.19
CA ARG A 41 -1.84 -2.45 6.31
C ARG A 41 -2.14 -0.97 6.13
N VAL A 42 -3.38 -0.67 5.72
CA VAL A 42 -3.79 0.71 5.52
C VAL A 42 -4.33 1.32 6.81
N SER A 43 -3.95 2.56 7.07
CA SER A 43 -4.39 3.26 8.28
C SER A 43 -4.42 4.77 8.05
N GLY A 44 -5.62 5.31 7.88
CA GLY A 44 -5.77 6.74 7.65
C GLY A 44 -5.85 7.10 6.19
N GLY A 45 -6.92 6.68 5.54
CA GLY A 45 -7.10 6.96 4.13
C GLY A 45 -6.76 5.77 3.24
N SER A 46 -7.14 5.85 1.98
CA SER A 46 -6.88 4.77 1.03
C SER A 46 -5.49 4.90 0.44
N TRP A 47 -5.00 3.81 -0.16
CA TRP A 47 -3.68 3.80 -0.77
C TRP A 47 -3.69 3.02 -2.08
N VAL A 48 -3.23 3.66 -3.15
CA VAL A 48 -3.19 3.02 -4.46
C VAL A 48 -1.79 2.48 -4.76
N VAL A 49 -1.72 1.18 -5.03
CA VAL A 49 -0.45 0.53 -5.34
C VAL A 49 -0.34 0.22 -6.83
N TYR A 50 0.69 0.76 -7.47
CA TYR A 50 0.91 0.54 -8.90
C TYR A 50 2.13 -0.34 -9.13
N ASP A 51 1.94 -1.42 -9.88
CA ASP A 51 3.02 -2.35 -10.18
C ASP A 51 3.90 -1.81 -11.31
N GLY A 52 3.75 -0.53 -11.60
CA GLY A 52 4.53 0.09 -12.66
C GLY A 52 5.22 1.36 -12.21
N GLU A 53 6.54 1.42 -12.39
CA GLU A 53 7.30 2.60 -11.99
C GLU A 53 6.70 3.87 -12.58
N ASN A 54 6.82 4.97 -11.85
CA ASN A 54 6.28 6.25 -12.31
C ASN A 54 4.76 6.20 -12.42
N PHE A 55 4.14 5.47 -11.49
CA PHE A 55 2.68 5.34 -11.48
C PHE A 55 2.17 4.88 -12.84
N THR A 56 2.86 3.90 -13.42
CA THR A 56 2.47 3.38 -14.73
C THR A 56 1.81 2.00 -14.59
N GLY A 57 1.10 1.59 -15.64
CA GLY A 57 0.44 0.30 -15.61
C GLY A 57 -0.92 0.36 -14.98
N ASN A 58 -1.23 -0.62 -14.12
CA ASN A 58 -2.53 -0.67 -13.45
C ASN A 58 -2.44 -0.05 -12.06
N GLN A 59 -3.59 0.14 -11.43
CA GLN A 59 -3.65 0.74 -10.09
C GLN A 59 -4.67 0.02 -9.22
N TYR A 60 -4.29 -0.27 -7.99
CA TYR A 60 -5.18 -0.96 -7.05
C TYR A 60 -5.23 -0.24 -5.71
N VAL A 61 -6.41 0.27 -5.36
CA VAL A 61 -6.59 0.99 -4.10
C VAL A 61 -6.72 0.02 -2.94
N LEU A 62 -6.63 0.54 -1.73
CA LEU A 62 -6.74 -0.27 -0.52
C LEU A 62 -7.41 0.51 0.61
N GLU A 63 -8.49 -0.05 1.14
CA GLU A 63 -9.23 0.58 2.22
C GLU A 63 -8.57 0.31 3.57
N GLU A 64 -8.89 1.13 4.55
CA GLU A 64 -8.33 0.98 5.90
C GLU A 64 -8.59 -0.43 6.44
N GLY A 65 -7.52 -1.14 6.79
CA GLY A 65 -7.65 -2.48 7.30
C GLY A 65 -6.39 -3.30 7.14
N HIS A 66 -6.24 -4.34 7.97
CA HIS A 66 -5.07 -5.20 7.91
C HIS A 66 -5.23 -6.27 6.83
N TYR A 67 -4.32 -6.28 5.87
CA TYR A 67 -4.37 -7.25 4.78
C TYR A 67 -3.29 -8.31 4.96
N PRO A 68 -3.71 -9.49 5.43
CA PRO A 68 -2.80 -10.62 5.65
C PRO A 68 -2.28 -11.22 4.34
N CYS A 69 -3.13 -11.21 3.32
CA CYS A 69 -2.75 -11.74 2.01
C CYS A 69 -3.18 -10.80 0.89
N LEU A 70 -2.77 -11.11 -0.32
CA LEU A 70 -3.10 -10.29 -1.49
C LEU A 70 -4.57 -10.46 -1.87
N SER A 71 -5.02 -11.72 -1.95
CA SER A 71 -6.40 -12.01 -2.30
C SER A 71 -7.35 -11.01 -1.65
N ALA A 72 -7.25 -10.89 -0.33
CA ALA A 72 -8.11 -9.97 0.42
C ALA A 72 -8.02 -8.57 -0.15
N MET A 73 -6.83 -8.17 -0.57
CA MET A 73 -6.62 -6.84 -1.13
C MET A 73 -7.17 -6.75 -2.55
N GLY A 74 -7.17 -7.89 -3.24
CA GLY A 74 -7.68 -7.92 -4.61
C GLY A 74 -6.58 -8.19 -5.62
N CYS A 75 -5.39 -7.67 -5.37
CA CYS A 75 -4.26 -7.86 -6.26
C CYS A 75 -4.05 -9.33 -6.57
N PRO A 76 -3.42 -9.62 -7.73
CA PRO A 76 -3.14 -10.99 -8.16
C PRO A 76 -2.09 -11.67 -7.30
N PRO A 77 -2.05 -13.01 -7.34
CA PRO A 77 -1.08 -13.81 -6.58
C PRO A 77 0.34 -13.65 -7.10
N GLY A 78 1.08 -12.69 -6.54
CA GLY A 78 2.44 -12.47 -6.96
C GLY A 78 2.63 -11.11 -7.62
N ALA A 79 2.13 -10.06 -6.96
CA ALA A 79 2.24 -8.71 -7.50
C ALA A 79 3.38 -7.95 -6.82
N THR A 80 3.90 -6.94 -7.51
CA THR A 80 5.00 -6.13 -6.98
C THR A 80 4.74 -4.66 -7.20
N PHE A 81 4.49 -3.94 -6.11
CA PHE A 81 4.22 -2.50 -6.18
C PHE A 81 5.52 -1.72 -6.33
N LYS A 82 5.52 -0.75 -7.23
CA LYS A 82 6.70 0.08 -7.47
C LYS A 82 6.46 1.52 -7.01
N SER A 83 5.19 1.95 -7.04
CA SER A 83 4.84 3.30 -6.64
C SER A 83 3.56 3.29 -5.80
N LEU A 84 3.41 4.30 -4.96
CA LEU A 84 2.24 4.42 -4.10
C LEU A 84 1.64 5.82 -4.18
N ARG A 85 0.41 5.96 -3.68
CA ARG A 85 -0.27 7.24 -3.69
C ARG A 85 -1.28 7.34 -2.54
N PHE A 86 -0.89 8.06 -1.50
CA PHE A 86 -1.75 8.22 -0.32
C PHE A 86 -2.99 9.03 -0.68
N ILE A 87 -4.15 8.36 -0.74
CA ILE A 87 -5.40 9.01 -1.07
C ILE A 87 -6.03 9.64 0.17
N SER A 88 -5.89 10.95 0.30
CA SER A 88 -6.45 11.68 1.44
C SER A 88 -7.97 11.53 1.50
N GLY A 89 -8.43 10.66 2.38
CA GLY A 89 -9.86 10.43 2.52
C GLY A 89 -10.46 9.79 1.29
N PRO A 90 -11.08 8.62 1.47
CA PRO A 90 -11.71 7.87 0.37
C PRO A 90 -12.97 8.56 -0.14
N SER A 91 -13.54 8.04 -1.22
CA SER A 91 -14.73 8.60 -1.82
C SER A 91 -15.98 8.17 -1.05
N SER A 92 -16.76 9.14 -0.60
CA SER A 92 -17.98 8.86 0.16
C SER A 92 -19.20 8.87 -0.75
N GLY A 93 -20.15 7.98 -0.46
CA GLY A 93 -21.35 7.90 -1.27
C GLY A 93 -22.61 7.93 -0.43
N GLY A 1 -6.60 3.28 14.33
CA GLY A 1 -7.31 2.73 15.48
C GLY A 1 -8.55 3.53 15.84
N SER A 2 -8.50 4.22 16.97
CA SER A 2 -9.62 5.03 17.43
C SER A 2 -9.87 6.20 16.48
N SER A 3 -8.84 7.02 16.29
CA SER A 3 -8.94 8.18 15.42
C SER A 3 -7.62 8.43 14.69
N GLY A 4 -7.71 8.65 13.38
CA GLY A 4 -6.52 8.90 12.59
C GLY A 4 -6.57 10.24 11.87
N SER A 5 -5.51 11.03 12.03
CA SER A 5 -5.44 12.35 11.40
C SER A 5 -4.82 12.24 10.02
N SER A 6 -3.71 11.51 9.92
CA SER A 6 -3.02 11.35 8.65
C SER A 6 -3.08 9.89 8.19
N GLY A 7 -2.79 9.67 6.91
CA GLY A 7 -2.81 8.32 6.37
C GLY A 7 -1.44 7.69 6.32
N GLN A 8 -1.40 6.36 6.45
CA GLN A 8 -0.13 5.63 6.43
C GLN A 8 -0.33 4.22 5.90
N ILE A 9 0.70 3.68 5.26
CA ILE A 9 0.64 2.33 4.71
C ILE A 9 1.80 1.48 5.20
N HIS A 10 1.53 0.20 5.44
CA HIS A 10 2.57 -0.71 5.91
C HIS A 10 2.60 -1.98 5.06
N LEU A 11 3.66 -2.13 4.28
CA LEU A 11 3.81 -3.29 3.41
C LEU A 11 4.78 -4.31 4.03
N PHE A 12 4.51 -5.59 3.79
CA PHE A 12 5.35 -6.65 4.32
C PHE A 12 5.67 -7.69 3.24
N SER A 13 6.93 -7.76 2.84
CA SER A 13 7.35 -8.71 1.81
C SER A 13 6.63 -10.04 1.98
N GLU A 14 6.55 -10.51 3.20
CA GLU A 14 5.89 -11.78 3.49
C GLU A 14 4.47 -11.56 4.01
N PRO A 15 3.61 -12.56 3.83
CA PRO A 15 2.21 -12.49 4.27
C PRO A 15 2.07 -12.52 5.79
N GLN A 16 0.89 -12.19 6.28
CA GLN A 16 0.63 -12.17 7.72
C GLN A 16 1.51 -11.15 8.41
N PHE A 17 1.83 -10.06 7.71
CA PHE A 17 2.67 -9.01 8.27
C PHE A 17 3.99 -9.57 8.76
N GLN A 18 4.62 -10.40 7.94
CA GLN A 18 5.90 -11.02 8.30
C GLN A 18 6.98 -10.65 7.28
N GLY A 19 8.20 -11.11 7.54
CA GLY A 19 9.31 -10.82 6.64
C GLY A 19 9.64 -9.34 6.62
N HIS A 20 10.30 -8.91 5.54
CA HIS A 20 10.69 -7.51 5.40
C HIS A 20 9.50 -6.59 5.61
N SER A 21 9.72 -5.51 6.36
CA SER A 21 8.65 -4.55 6.64
C SER A 21 9.02 -3.16 6.13
N GLN A 22 8.06 -2.49 5.51
CA GLN A 22 8.28 -1.16 4.98
C GLN A 22 6.98 -0.37 4.92
N SER A 23 6.95 0.76 5.64
CA SER A 23 5.76 1.60 5.68
C SER A 23 6.05 2.97 5.07
N PHE A 24 5.08 3.51 4.33
CA PHE A 24 5.23 4.81 3.71
C PHE A 24 4.09 5.75 4.10
N GLU A 25 4.43 7.02 4.35
CA GLU A 25 3.43 8.00 4.74
C GLU A 25 3.12 8.95 3.59
N GLU A 26 4.15 9.28 2.81
CA GLU A 26 4.00 10.18 1.67
C GLU A 26 3.91 9.40 0.37
N THR A 27 3.51 10.09 -0.70
CA THR A 27 3.39 9.45 -2.01
C THR A 27 4.73 8.93 -2.51
N THR A 28 4.88 7.62 -2.51
CA THR A 28 6.12 6.98 -2.95
C THR A 28 6.09 6.71 -4.45
N SER A 29 7.26 6.79 -5.07
CA SER A 29 7.37 6.56 -6.51
C SER A 29 8.11 5.26 -6.80
N GLN A 30 9.07 4.92 -5.94
CA GLN A 30 9.85 3.70 -6.10
C GLN A 30 9.94 2.94 -4.78
N ILE A 31 9.96 1.62 -4.87
CA ILE A 31 10.05 0.76 -3.69
C ILE A 31 11.46 0.22 -3.50
N ASP A 32 11.83 -0.04 -2.25
CA ASP A 32 13.15 -0.57 -1.94
C ASP A 32 13.45 -1.81 -2.78
N ASP A 33 14.28 -1.64 -3.80
CA ASP A 33 14.66 -2.74 -4.68
C ASP A 33 13.41 -3.46 -5.19
N SER A 34 12.33 -2.70 -5.37
CA SER A 34 11.08 -3.27 -5.85
C SER A 34 10.71 -4.54 -5.08
N PHE A 35 10.96 -4.51 -3.77
CA PHE A 35 10.66 -5.65 -2.92
C PHE A 35 9.17 -5.98 -2.95
N SER A 36 8.86 -7.19 -3.42
CA SER A 36 7.47 -7.64 -3.52
C SER A 36 6.75 -7.45 -2.19
N THR A 37 5.43 -7.36 -2.25
CA THR A 37 4.61 -7.18 -1.05
C THR A 37 3.53 -8.25 -0.95
N LYS A 38 3.61 -9.07 0.08
CA LYS A 38 2.63 -10.14 0.29
C LYS A 38 1.43 -9.62 1.06
N SER A 39 1.67 -8.75 2.03
CA SER A 39 0.60 -8.19 2.84
C SER A 39 0.78 -6.69 3.01
N CYS A 40 -0.30 -5.99 3.35
CA CYS A 40 -0.25 -4.55 3.54
C CYS A 40 -1.09 -4.14 4.75
N ARG A 41 -0.93 -2.89 5.17
CA ARG A 41 -1.67 -2.37 6.31
C ARG A 41 -2.04 -0.91 6.11
N VAL A 42 -3.30 -0.65 5.78
CA VAL A 42 -3.78 0.70 5.55
C VAL A 42 -4.44 1.26 6.81
N SER A 43 -4.17 2.53 7.09
CA SER A 43 -4.74 3.19 8.27
C SER A 43 -4.73 4.71 8.09
N GLY A 44 -5.91 5.27 7.82
CA GLY A 44 -6.03 6.71 7.64
C GLY A 44 -6.12 7.09 6.18
N GLY A 45 -7.08 6.49 5.46
CA GLY A 45 -7.26 6.79 4.06
C GLY A 45 -6.89 5.62 3.17
N SER A 46 -7.12 5.78 1.86
CA SER A 46 -6.81 4.72 0.90
C SER A 46 -5.40 4.87 0.36
N TRP A 47 -4.90 3.82 -0.28
CA TRP A 47 -3.56 3.84 -0.85
C TRP A 47 -3.50 3.02 -2.14
N VAL A 48 -3.24 3.68 -3.25
CA VAL A 48 -3.15 3.01 -4.55
C VAL A 48 -1.72 2.55 -4.83
N VAL A 49 -1.58 1.30 -5.22
CA VAL A 49 -0.27 0.74 -5.54
C VAL A 49 -0.17 0.35 -7.02
N TYR A 50 0.79 0.94 -7.71
CA TYR A 50 0.99 0.66 -9.13
C TYR A 50 2.17 -0.29 -9.34
N ASP A 51 1.95 -1.33 -10.12
CA ASP A 51 2.99 -2.31 -10.40
C ASP A 51 4.11 -1.69 -11.22
N GLY A 52 3.85 -0.52 -11.80
CA GLY A 52 4.84 0.16 -12.59
C GLY A 52 5.36 1.41 -11.93
N GLU A 53 6.54 1.88 -12.35
CA GLU A 53 7.14 3.07 -11.79
C GLU A 53 6.47 4.32 -12.33
N ASN A 54 6.56 5.42 -11.57
CA ASN A 54 5.96 6.68 -11.99
C ASN A 54 4.44 6.58 -12.01
N PHE A 55 3.90 5.77 -11.12
CA PHE A 55 2.45 5.57 -11.03
C PHE A 55 1.87 5.22 -12.41
N THR A 56 2.50 4.27 -13.08
CA THR A 56 2.05 3.84 -14.40
C THR A 56 1.49 2.42 -14.36
N GLY A 57 0.87 2.01 -15.45
CA GLY A 57 0.30 0.67 -15.53
C GLY A 57 -1.02 0.56 -14.78
N ASN A 58 -1.26 -0.59 -14.16
CA ASN A 58 -2.50 -0.81 -13.42
C ASN A 58 -2.43 -0.15 -12.05
N GLN A 59 -3.60 0.14 -11.49
CA GLN A 59 -3.67 0.78 -10.17
C GLN A 59 -4.65 0.03 -9.27
N TYR A 60 -4.27 -0.15 -8.02
CA TYR A 60 -5.10 -0.86 -7.05
C TYR A 60 -5.16 -0.10 -5.73
N VAL A 61 -6.36 0.38 -5.38
CA VAL A 61 -6.55 1.12 -4.14
C VAL A 61 -6.76 0.18 -2.97
N LEU A 62 -6.28 0.58 -1.78
CA LEU A 62 -6.42 -0.22 -0.58
C LEU A 62 -7.22 0.52 0.48
N GLU A 63 -8.31 -0.09 0.94
CA GLU A 63 -9.15 0.52 1.96
C GLU A 63 -8.52 0.38 3.34
N GLU A 64 -9.16 0.97 4.34
CA GLU A 64 -8.65 0.92 5.72
C GLU A 64 -8.89 -0.46 6.33
N GLY A 65 -7.82 -1.16 6.61
CA GLY A 65 -7.93 -2.49 7.21
C GLY A 65 -6.66 -3.30 7.06
N HIS A 66 -6.33 -4.07 8.08
CA HIS A 66 -5.13 -4.91 8.06
C HIS A 66 -5.29 -6.07 7.08
N TYR A 67 -4.53 -6.02 5.99
CA TYR A 67 -4.60 -7.06 4.98
C TYR A 67 -3.49 -8.09 5.18
N PRO A 68 -3.87 -9.27 5.72
CA PRO A 68 -2.92 -10.36 5.98
C PRO A 68 -2.41 -11.00 4.70
N CYS A 69 -3.27 -11.06 3.69
CA CYS A 69 -2.89 -11.65 2.40
C CYS A 69 -3.35 -10.76 1.25
N LEU A 70 -2.90 -11.09 0.04
CA LEU A 70 -3.27 -10.33 -1.16
C LEU A 70 -4.71 -10.60 -1.55
N SER A 71 -5.09 -11.87 -1.57
CA SER A 71 -6.45 -12.27 -1.94
C SER A 71 -7.46 -11.28 -1.38
N ALA A 72 -7.39 -11.04 -0.08
CA ALA A 72 -8.30 -10.12 0.59
C ALA A 72 -8.21 -8.73 -0.01
N MET A 73 -7.00 -8.34 -0.42
CA MET A 73 -6.77 -7.02 -1.00
C MET A 73 -7.29 -6.98 -2.43
N GLY A 74 -7.27 -8.13 -3.11
CA GLY A 74 -7.74 -8.19 -4.48
C GLY A 74 -6.61 -8.42 -5.47
N CYS A 75 -5.44 -7.85 -5.17
CA CYS A 75 -4.27 -7.99 -6.04
C CYS A 75 -4.01 -9.46 -6.37
N PRO A 76 -3.56 -9.72 -7.60
CA PRO A 76 -3.27 -11.07 -8.07
C PRO A 76 -2.03 -11.67 -7.39
N PRO A 77 -1.93 -13.00 -7.39
CA PRO A 77 -0.80 -13.71 -6.79
C PRO A 77 0.49 -13.51 -7.56
N GLY A 78 1.28 -12.53 -7.14
CA GLY A 78 2.55 -12.26 -7.80
C GLY A 78 2.64 -10.83 -8.30
N ALA A 79 2.21 -9.89 -7.47
CA ALA A 79 2.25 -8.48 -7.84
C ALA A 79 3.26 -7.72 -6.99
N THR A 80 4.12 -6.94 -7.65
CA THR A 80 5.14 -6.17 -6.94
C THR A 80 4.88 -4.67 -7.10
N PHE A 81 4.57 -4.02 -5.98
CA PHE A 81 4.31 -2.59 -5.98
C PHE A 81 5.60 -1.79 -6.18
N LYS A 82 5.52 -0.75 -7.00
CA LYS A 82 6.68 0.08 -7.27
C LYS A 82 6.43 1.52 -6.82
N SER A 83 5.18 1.96 -6.91
CA SER A 83 4.81 3.31 -6.51
C SER A 83 3.53 3.30 -5.69
N LEU A 84 3.42 4.24 -4.76
CA LEU A 84 2.25 4.34 -3.90
C LEU A 84 1.61 5.72 -4.02
N ARG A 85 0.32 5.80 -3.70
CA ARG A 85 -0.42 7.06 -3.77
C ARG A 85 -1.40 7.18 -2.61
N PHE A 86 -1.14 8.11 -1.71
CA PHE A 86 -2.01 8.33 -0.56
C PHE A 86 -3.22 9.18 -0.94
N ILE A 87 -4.37 8.53 -1.05
CA ILE A 87 -5.61 9.22 -1.41
C ILE A 87 -6.39 9.62 -0.17
N SER A 88 -6.33 10.90 0.17
CA SER A 88 -7.03 11.42 1.34
C SER A 88 -8.53 11.12 1.25
N GLY A 89 -8.98 10.16 2.03
CA GLY A 89 -10.39 9.79 2.03
C GLY A 89 -11.21 10.64 2.97
N PRO A 90 -11.03 10.42 4.28
CA PRO A 90 -11.75 11.16 5.33
C PRO A 90 -11.31 12.61 5.41
N SER A 91 -10.36 12.99 4.56
CA SER A 91 -9.85 14.36 4.54
C SER A 91 -10.01 14.98 3.16
N SER A 92 -10.53 16.21 3.14
CA SER A 92 -10.74 16.92 1.88
C SER A 92 -9.44 17.47 1.34
N GLY A 93 -8.92 16.84 0.28
CA GLY A 93 -7.68 17.28 -0.31
C GLY A 93 -6.56 17.41 0.71
N GLY A 1 -0.83 10.86 18.49
CA GLY A 1 -1.47 11.21 17.24
C GLY A 1 -2.96 10.94 17.25
N SER A 2 -3.72 11.86 17.85
CA SER A 2 -5.17 11.72 17.93
C SER A 2 -5.80 11.87 16.54
N SER A 3 -5.39 12.88 15.81
CA SER A 3 -5.92 13.14 14.48
C SER A 3 -4.97 12.63 13.41
N GLY A 4 -5.48 11.77 12.53
CA GLY A 4 -4.66 11.21 11.47
C GLY A 4 -4.92 11.87 10.13
N SER A 5 -4.19 12.96 9.86
CA SER A 5 -4.35 13.69 8.61
C SER A 5 -3.65 12.96 7.47
N SER A 6 -2.33 12.80 7.60
CA SER A 6 -1.54 12.13 6.58
C SER A 6 -1.59 10.61 6.76
N GLY A 7 -2.33 9.94 5.89
CA GLY A 7 -2.45 8.50 5.97
C GLY A 7 -1.10 7.81 6.08
N GLN A 8 -1.12 6.53 6.46
CA GLN A 8 0.11 5.77 6.62
C GLN A 8 -0.08 4.33 6.16
N ILE A 9 0.77 3.89 5.23
CA ILE A 9 0.69 2.53 4.70
C ILE A 9 1.89 1.70 5.13
N HIS A 10 1.63 0.46 5.53
CA HIS A 10 2.69 -0.44 5.96
C HIS A 10 2.68 -1.73 5.15
N LEU A 11 3.68 -1.90 4.30
CA LEU A 11 3.79 -3.09 3.47
C LEU A 11 4.65 -4.16 4.13
N PHE A 12 4.41 -5.41 3.78
CA PHE A 12 5.17 -6.52 4.35
C PHE A 12 5.64 -7.48 3.25
N SER A 13 6.95 -7.63 3.14
CA SER A 13 7.54 -8.52 2.13
C SER A 13 6.88 -9.89 2.17
N GLU A 14 6.80 -10.46 3.36
CA GLU A 14 6.19 -11.78 3.54
C GLU A 14 4.74 -11.66 3.98
N PRO A 15 3.96 -12.72 3.73
CA PRO A 15 2.54 -12.76 4.09
C PRO A 15 2.32 -12.83 5.59
N GLN A 16 1.10 -12.55 6.03
CA GLN A 16 0.76 -12.59 7.45
C GLN A 16 1.56 -11.55 8.23
N PHE A 17 1.87 -10.43 7.57
CA PHE A 17 2.63 -9.36 8.20
C PHE A 17 3.93 -9.90 8.80
N GLN A 18 4.59 -10.79 8.07
CA GLN A 18 5.84 -11.38 8.53
C GLN A 18 7.00 -10.97 7.64
N GLY A 19 8.20 -11.42 7.98
CA GLY A 19 9.37 -11.09 7.20
C GLY A 19 9.68 -9.61 7.22
N HIS A 20 10.15 -9.08 6.09
CA HIS A 20 10.48 -7.66 6.00
C HIS A 20 9.22 -6.81 5.90
N SER A 21 9.33 -5.54 6.30
CA SER A 21 8.19 -4.64 6.27
C SER A 21 8.65 -3.21 5.96
N GLN A 22 7.89 -2.51 5.13
CA GLN A 22 8.22 -1.14 4.75
C GLN A 22 6.96 -0.28 4.70
N SER A 23 6.94 0.78 5.51
CA SER A 23 5.80 1.68 5.56
C SER A 23 6.15 3.04 4.97
N PHE A 24 5.19 3.65 4.28
CA PHE A 24 5.41 4.95 3.67
C PHE A 24 4.37 5.96 4.15
N GLU A 25 4.79 6.85 5.04
CA GLU A 25 3.90 7.87 5.60
C GLU A 25 3.38 8.78 4.49
N GLU A 26 4.27 9.13 3.55
CA GLU A 26 3.90 10.00 2.44
C GLU A 26 3.85 9.23 1.13
N THR A 27 3.49 9.92 0.05
CA THR A 27 3.40 9.30 -1.26
C THR A 27 4.75 8.71 -1.68
N THR A 28 4.70 7.60 -2.40
CA THR A 28 5.92 6.93 -2.87
C THR A 28 5.92 6.79 -4.38
N SER A 29 7.11 6.86 -4.98
CA SER A 29 7.25 6.74 -6.42
C SER A 29 7.94 5.43 -6.79
N GLN A 30 8.84 4.98 -5.93
CA GLN A 30 9.58 3.73 -6.16
C GLN A 30 9.79 2.97 -4.87
N ILE A 31 9.55 1.67 -4.90
CA ILE A 31 9.72 0.83 -3.72
C ILE A 31 11.15 0.30 -3.62
N ASP A 32 11.62 0.12 -2.40
CA ASP A 32 12.97 -0.37 -2.16
C ASP A 32 13.22 -1.66 -2.94
N ASP A 33 13.94 -1.55 -4.05
CA ASP A 33 14.25 -2.70 -4.89
C ASP A 33 12.97 -3.44 -5.28
N SER A 34 11.88 -2.69 -5.43
CA SER A 34 10.60 -3.27 -5.81
C SER A 34 10.31 -4.53 -4.98
N PHE A 35 10.69 -4.49 -3.71
CA PHE A 35 10.48 -5.63 -2.81
C PHE A 35 9.03 -6.07 -2.84
N SER A 36 8.79 -7.29 -3.31
CA SER A 36 7.44 -7.83 -3.38
C SER A 36 6.73 -7.72 -2.04
N THR A 37 5.41 -7.56 -2.09
CA THR A 37 4.61 -7.44 -0.87
C THR A 37 3.37 -8.32 -0.94
N LYS A 38 3.34 -9.36 -0.10
CA LYS A 38 2.21 -10.27 -0.07
C LYS A 38 1.10 -9.74 0.84
N SER A 39 1.49 -8.96 1.84
CA SER A 39 0.53 -8.38 2.77
C SER A 39 0.84 -6.91 3.03
N CYS A 40 -0.20 -6.14 3.34
CA CYS A 40 -0.05 -4.72 3.61
C CYS A 40 -0.92 -4.28 4.78
N ARG A 41 -0.74 -3.05 5.22
CA ARG A 41 -1.51 -2.51 6.34
C ARG A 41 -1.83 -1.03 6.13
N VAL A 42 -3.09 -0.75 5.80
CA VAL A 42 -3.53 0.62 5.57
C VAL A 42 -4.12 1.23 6.83
N SER A 43 -3.61 2.40 7.22
CA SER A 43 -4.09 3.08 8.41
C SER A 43 -3.97 4.60 8.25
N GLY A 44 -5.11 5.25 8.01
CA GLY A 44 -5.11 6.69 7.84
C GLY A 44 -5.52 7.10 6.44
N GLY A 45 -6.42 6.34 5.83
CA GLY A 45 -6.87 6.65 4.49
C GLY A 45 -6.56 5.54 3.50
N SER A 46 -6.98 5.74 2.25
CA SER A 46 -6.75 4.74 1.21
C SER A 46 -5.38 4.94 0.56
N TRP A 47 -4.91 3.92 -0.14
CA TRP A 47 -3.62 3.97 -0.80
C TRP A 47 -3.64 3.19 -2.11
N VAL A 48 -3.25 3.85 -3.19
CA VAL A 48 -3.22 3.21 -4.51
C VAL A 48 -1.81 2.72 -4.86
N VAL A 49 -1.70 1.43 -5.12
CA VAL A 49 -0.42 0.84 -5.47
C VAL A 49 -0.38 0.44 -6.94
N TYR A 50 0.64 0.92 -7.65
CA TYR A 50 0.79 0.62 -9.07
C TYR A 50 1.89 -0.41 -9.29
N ASP A 51 1.68 -1.31 -10.25
CA ASP A 51 2.66 -2.34 -10.56
C ASP A 51 3.70 -1.82 -11.54
N GLY A 52 3.79 -0.50 -11.66
CA GLY A 52 4.75 0.10 -12.58
C GLY A 52 5.37 1.36 -12.01
N GLU A 53 6.66 1.55 -12.25
CA GLU A 53 7.36 2.73 -11.77
C GLU A 53 6.73 4.01 -12.31
N ASN A 54 6.76 5.06 -11.50
CA ASN A 54 6.19 6.35 -11.90
C ASN A 54 4.67 6.25 -12.02
N PHE A 55 4.06 5.46 -11.13
CA PHE A 55 2.61 5.28 -11.15
C PHE A 55 2.13 4.83 -12.53
N THR A 56 2.90 3.96 -13.17
CA THR A 56 2.56 3.46 -14.50
C THR A 56 1.96 2.06 -14.41
N GLY A 57 1.26 1.67 -15.47
CA GLY A 57 0.64 0.34 -15.50
C GLY A 57 -0.75 0.34 -14.90
N ASN A 58 -0.99 -0.58 -13.97
CA ASN A 58 -2.29 -0.68 -13.33
C ASN A 58 -2.29 -0.01 -11.97
N GLN A 59 -3.45 0.04 -11.32
CA GLN A 59 -3.58 0.66 -10.01
C GLN A 59 -4.56 -0.10 -9.14
N TYR A 60 -4.21 -0.28 -7.86
CA TYR A 60 -5.07 -0.99 -6.93
C TYR A 60 -5.14 -0.26 -5.59
N VAL A 61 -6.31 0.31 -5.30
CA VAL A 61 -6.51 1.03 -4.05
C VAL A 61 -6.69 0.07 -2.88
N LEU A 62 -6.52 0.59 -1.67
CA LEU A 62 -6.67 -0.22 -0.46
C LEU A 62 -7.32 0.58 0.66
N GLU A 63 -8.40 0.06 1.21
CA GLU A 63 -9.10 0.73 2.29
C GLU A 63 -8.48 0.41 3.64
N GLU A 64 -8.84 1.18 4.66
CA GLU A 64 -8.30 0.97 6.00
C GLU A 64 -8.63 -0.42 6.51
N GLY A 65 -7.58 -1.23 6.71
CA GLY A 65 -7.78 -2.58 7.20
C GLY A 65 -6.51 -3.41 7.11
N HIS A 66 -6.42 -4.45 7.94
CA HIS A 66 -5.26 -5.32 7.95
C HIS A 66 -5.39 -6.42 6.90
N TYR A 67 -4.53 -6.36 5.88
CA TYR A 67 -4.54 -7.35 4.81
C TYR A 67 -3.45 -8.38 5.01
N PRO A 68 -3.85 -9.57 5.49
CA PRO A 68 -2.91 -10.68 5.74
C PRO A 68 -2.38 -11.28 4.45
N CYS A 69 -3.15 -11.17 3.38
CA CYS A 69 -2.75 -11.70 2.08
C CYS A 69 -3.16 -10.74 0.95
N LEU A 70 -2.79 -11.11 -0.27
CA LEU A 70 -3.11 -10.29 -1.44
C LEU A 70 -4.57 -10.46 -1.84
N SER A 71 -4.98 -11.71 -2.02
CA SER A 71 -6.35 -12.02 -2.41
C SER A 71 -7.33 -11.03 -1.77
N ALA A 72 -7.42 -11.07 -0.45
CA ALA A 72 -8.32 -10.19 0.28
C ALA A 72 -8.23 -8.76 -0.25
N MET A 73 -7.03 -8.34 -0.63
CA MET A 73 -6.81 -6.99 -1.15
C MET A 73 -7.34 -6.88 -2.59
N GLY A 74 -7.32 -8.00 -3.31
CA GLY A 74 -7.81 -8.00 -4.68
C GLY A 74 -6.70 -8.24 -5.68
N CYS A 75 -5.50 -7.73 -5.37
CA CYS A 75 -4.35 -7.89 -6.25
C CYS A 75 -4.15 -9.35 -6.64
N PRO A 76 -3.45 -9.58 -7.76
CA PRO A 76 -3.18 -10.94 -8.26
C PRO A 76 -2.19 -11.68 -7.37
N PRO A 77 -2.03 -12.99 -7.63
CA PRO A 77 -1.12 -13.85 -6.87
C PRO A 77 0.34 -13.52 -7.14
N GLY A 78 0.57 -12.48 -7.94
CA GLY A 78 1.93 -12.08 -8.28
C GLY A 78 2.04 -10.60 -8.58
N ALA A 79 1.47 -9.77 -7.72
CA ALA A 79 1.50 -8.33 -7.91
C ALA A 79 2.62 -7.70 -7.08
N THR A 80 3.37 -6.81 -7.70
CA THR A 80 4.48 -6.13 -7.02
C THR A 80 4.31 -4.62 -7.09
N PHE A 81 4.01 -4.00 -5.95
CA PHE A 81 3.82 -2.56 -5.88
C PHE A 81 5.14 -1.84 -6.15
N LYS A 82 5.06 -0.80 -6.98
CA LYS A 82 6.24 -0.01 -7.34
C LYS A 82 6.09 1.43 -6.88
N SER A 83 4.86 1.92 -6.89
CA SER A 83 4.57 3.30 -6.48
C SER A 83 3.29 3.37 -5.68
N LEU A 84 3.21 4.35 -4.77
CA LEU A 84 2.03 4.52 -3.94
C LEU A 84 1.43 5.91 -4.13
N ARG A 85 0.21 6.09 -3.66
CA ARG A 85 -0.49 7.37 -3.78
C ARG A 85 -1.57 7.51 -2.71
N PHE A 86 -1.31 8.36 -1.72
CA PHE A 86 -2.25 8.59 -0.64
C PHE A 86 -3.47 9.37 -1.13
N ILE A 87 -4.59 8.68 -1.29
CA ILE A 87 -5.81 9.31 -1.76
C ILE A 87 -6.35 10.30 -0.72
N SER A 88 -6.84 9.78 0.40
CA SER A 88 -7.38 10.61 1.46
C SER A 88 -7.61 9.80 2.73
N GLY A 89 -7.74 10.49 3.85
CA GLY A 89 -7.97 9.82 5.12
C GLY A 89 -9.32 10.16 5.73
N PRO A 90 -9.50 9.77 7.00
CA PRO A 90 -10.75 10.02 7.73
C PRO A 90 -10.95 11.51 8.04
N SER A 91 -10.01 12.33 7.58
CA SER A 91 -10.07 13.77 7.81
C SER A 91 -10.75 14.49 6.65
N SER A 92 -11.92 15.06 6.91
CA SER A 92 -12.67 15.77 5.88
C SER A 92 -11.80 16.82 5.21
N GLY A 93 -11.12 17.63 6.02
CA GLY A 93 -10.26 18.67 5.48
C GLY A 93 -8.84 18.20 5.29
N GLY A 1 4.28 24.07 9.86
CA GLY A 1 4.34 22.76 9.26
C GLY A 1 4.03 22.78 7.77
N SER A 2 4.69 21.90 7.02
CA SER A 2 4.48 21.83 5.58
C SER A 2 3.05 21.41 5.25
N SER A 3 2.55 20.41 5.99
CA SER A 3 1.20 19.92 5.77
C SER A 3 0.67 19.23 7.03
N GLY A 4 -0.65 19.15 7.14
CA GLY A 4 -1.26 18.51 8.30
C GLY A 4 -1.08 17.01 8.29
N SER A 5 -2.02 16.29 8.89
CA SER A 5 -1.96 14.84 8.95
C SER A 5 -2.05 14.23 7.56
N SER A 6 -1.52 13.02 7.42
CA SER A 6 -1.52 12.32 6.13
C SER A 6 -1.71 10.82 6.33
N GLY A 7 -2.18 10.15 5.29
CA GLY A 7 -2.39 8.71 5.36
C GLY A 7 -1.10 7.95 5.57
N GLN A 8 -1.21 6.69 5.97
CA GLN A 8 -0.04 5.85 6.21
C GLN A 8 -0.32 4.41 5.81
N ILE A 9 0.67 3.78 5.17
CA ILE A 9 0.54 2.39 4.74
C ILE A 9 1.71 1.55 5.23
N HIS A 10 1.44 0.27 5.50
CA HIS A 10 2.48 -0.64 5.97
C HIS A 10 2.52 -1.90 5.10
N LEU A 11 3.57 -2.00 4.30
CA LEU A 11 3.74 -3.16 3.42
C LEU A 11 4.68 -4.19 4.03
N PHE A 12 4.44 -5.46 3.73
CA PHE A 12 5.26 -6.54 4.26
C PHE A 12 5.63 -7.53 3.16
N SER A 13 6.92 -7.78 3.00
CA SER A 13 7.40 -8.71 1.98
C SER A 13 6.72 -10.07 2.12
N GLU A 14 6.59 -10.53 3.36
CA GLU A 14 5.96 -11.82 3.63
C GLU A 14 4.52 -11.63 4.11
N PRO A 15 3.69 -12.67 3.93
CA PRO A 15 2.28 -12.65 4.33
C PRO A 15 2.13 -12.66 5.85
N GLN A 16 0.92 -12.35 6.32
CA GLN A 16 0.64 -12.34 7.75
C GLN A 16 1.49 -11.28 8.46
N PHE A 17 1.76 -10.19 7.77
CA PHE A 17 2.57 -9.11 8.33
C PHE A 17 3.89 -9.64 8.88
N GLN A 18 4.53 -10.52 8.11
CA GLN A 18 5.80 -11.11 8.51
C GLN A 18 6.91 -10.75 7.52
N GLY A 19 8.11 -11.21 7.81
CA GLY A 19 9.24 -10.92 6.93
C GLY A 19 9.56 -9.45 6.87
N HIS A 20 10.14 -9.01 5.75
CA HIS A 20 10.50 -7.61 5.57
C HIS A 20 9.29 -6.71 5.80
N SER A 21 9.56 -5.48 6.25
CA SER A 21 8.49 -4.52 6.51
C SER A 21 8.88 -3.13 6.03
N GLN A 22 7.94 -2.46 5.36
CA GLN A 22 8.19 -1.12 4.84
C GLN A 22 6.94 -0.26 4.95
N SER A 23 7.04 0.83 5.71
CA SER A 23 5.91 1.74 5.90
C SER A 23 6.17 3.07 5.20
N PHE A 24 5.11 3.61 4.59
CA PHE A 24 5.22 4.89 3.88
C PHE A 24 4.23 5.91 4.44
N GLU A 25 4.75 7.04 4.90
CA GLU A 25 3.91 8.09 5.47
C GLU A 25 3.43 9.04 4.38
N GLU A 26 4.27 9.27 3.37
CA GLU A 26 3.94 10.15 2.27
C GLU A 26 3.88 9.39 0.95
N THR A 27 3.45 10.08 -0.10
CA THR A 27 3.35 9.46 -1.42
C THR A 27 4.68 8.87 -1.87
N THR A 28 4.64 7.66 -2.40
CA THR A 28 5.85 6.99 -2.87
C THR A 28 5.81 6.75 -4.38
N SER A 29 6.97 6.81 -5.01
CA SER A 29 7.06 6.63 -6.46
C SER A 29 7.93 5.41 -6.78
N GLN A 30 8.77 5.01 -5.82
CA GLN A 30 9.65 3.86 -6.01
C GLN A 30 9.69 3.00 -4.75
N ILE A 31 9.86 1.69 -4.94
CA ILE A 31 9.92 0.76 -3.82
C ILE A 31 11.31 0.16 -3.68
N ASP A 32 11.70 -0.15 -2.45
CA ASP A 32 13.00 -0.74 -2.17
C ASP A 32 13.26 -1.93 -3.08
N ASP A 33 14.07 -1.71 -4.12
CA ASP A 33 14.40 -2.77 -5.07
C ASP A 33 13.14 -3.52 -5.50
N SER A 34 12.02 -2.81 -5.55
CA SER A 34 10.75 -3.42 -5.93
C SER A 34 10.43 -4.63 -5.06
N PHE A 35 10.75 -4.52 -3.77
CA PHE A 35 10.51 -5.61 -2.83
C PHE A 35 9.05 -6.04 -2.88
N SER A 36 8.82 -7.29 -3.27
CA SER A 36 7.47 -7.84 -3.37
C SER A 36 6.73 -7.68 -2.05
N THR A 37 5.41 -7.78 -2.10
CA THR A 37 4.58 -7.65 -0.90
C THR A 37 3.35 -8.54 -0.98
N LYS A 38 3.20 -9.44 0.00
CA LYS A 38 2.06 -10.35 0.03
C LYS A 38 0.97 -9.82 0.95
N SER A 39 1.37 -9.03 1.96
CA SER A 39 0.43 -8.47 2.91
C SER A 39 0.65 -6.97 3.07
N CYS A 40 -0.39 -6.26 3.46
CA CYS A 40 -0.31 -4.81 3.65
C CYS A 40 -1.20 -4.36 4.80
N ARG A 41 -0.95 -3.16 5.30
CA ARG A 41 -1.74 -2.61 6.41
C ARG A 41 -1.96 -1.12 6.23
N VAL A 42 -3.16 -0.75 5.77
CA VAL A 42 -3.51 0.64 5.56
C VAL A 42 -3.98 1.30 6.85
N SER A 43 -3.59 2.56 7.04
CA SER A 43 -3.98 3.30 8.24
C SER A 43 -3.88 4.81 7.99
N GLY A 44 -5.04 5.44 7.87
CA GLY A 44 -5.09 6.87 7.64
C GLY A 44 -5.58 7.22 6.24
N GLY A 45 -6.47 6.39 5.72
CA GLY A 45 -7.02 6.64 4.39
C GLY A 45 -6.71 5.50 3.42
N SER A 46 -7.00 5.74 2.14
CA SER A 46 -6.75 4.73 1.12
C SER A 46 -5.37 4.91 0.50
N TRP A 47 -4.88 3.88 -0.17
CA TRP A 47 -3.58 3.93 -0.81
C TRP A 47 -3.59 3.18 -2.14
N VAL A 48 -3.20 3.87 -3.21
CA VAL A 48 -3.16 3.27 -4.54
C VAL A 48 -1.77 2.75 -4.87
N VAL A 49 -1.69 1.47 -5.22
CA VAL A 49 -0.42 0.85 -5.56
C VAL A 49 -0.34 0.55 -7.06
N TYR A 50 0.71 1.02 -7.70
CA TYR A 50 0.90 0.80 -9.13
C TYR A 50 2.06 -0.17 -9.38
N ASP A 51 1.80 -1.19 -10.18
CA ASP A 51 2.81 -2.19 -10.51
C ASP A 51 3.97 -1.56 -11.29
N GLY A 52 3.72 -0.35 -11.82
CA GLY A 52 4.74 0.34 -12.58
C GLY A 52 5.32 1.52 -11.84
N GLU A 53 6.58 1.84 -12.13
CA GLU A 53 7.24 2.96 -11.48
C GLU A 53 6.68 4.29 -11.97
N ASN A 54 6.79 5.32 -11.14
CA ASN A 54 6.29 6.65 -11.48
C ASN A 54 4.76 6.64 -11.58
N PHE A 55 4.12 5.84 -10.74
CA PHE A 55 2.67 5.74 -10.72
C PHE A 55 2.14 5.40 -12.11
N THR A 56 2.79 4.44 -12.76
CA THR A 56 2.38 4.01 -14.10
C THR A 56 1.75 2.62 -14.06
N GLY A 57 1.28 2.15 -15.22
CA GLY A 57 0.67 0.85 -15.29
C GLY A 57 -0.69 0.80 -14.61
N ASN A 58 -1.04 -0.35 -14.07
CA ASN A 58 -2.31 -0.53 -13.39
C ASN A 58 -2.29 0.13 -12.00
N GLN A 59 -3.43 0.12 -11.33
CA GLN A 59 -3.55 0.70 -10.00
C GLN A 59 -4.54 -0.07 -9.15
N TYR A 60 -4.18 -0.29 -7.88
CA TYR A 60 -5.04 -1.02 -6.97
C TYR A 60 -5.13 -0.30 -5.61
N VAL A 61 -6.30 0.25 -5.31
CA VAL A 61 -6.52 0.96 -4.06
C VAL A 61 -6.66 0.00 -2.90
N LEU A 62 -6.49 0.50 -1.68
CA LEU A 62 -6.61 -0.32 -0.49
C LEU A 62 -7.30 0.44 0.63
N GLU A 63 -8.39 -0.13 1.14
CA GLU A 63 -9.15 0.49 2.22
C GLU A 63 -8.44 0.32 3.56
N GLU A 64 -8.77 1.19 4.51
CA GLU A 64 -8.17 1.14 5.83
C GLU A 64 -8.48 -0.19 6.51
N GLY A 65 -7.44 -1.00 6.73
CA GLY A 65 -7.63 -2.29 7.37
C GLY A 65 -6.35 -3.11 7.40
N HIS A 66 -6.46 -4.35 7.87
CA HIS A 66 -5.31 -5.24 7.94
C HIS A 66 -5.42 -6.35 6.91
N TYR A 67 -4.54 -6.32 5.91
CA TYR A 67 -4.55 -7.32 4.85
C TYR A 67 -3.46 -8.37 5.09
N PRO A 68 -3.86 -9.54 5.60
CA PRO A 68 -2.94 -10.64 5.88
C PRO A 68 -2.38 -11.28 4.61
N CYS A 69 -3.19 -11.29 3.56
CA CYS A 69 -2.78 -11.87 2.28
C CYS A 69 -3.24 -11.00 1.12
N LEU A 70 -2.78 -11.33 -0.08
CA LEU A 70 -3.14 -10.57 -1.27
C LEU A 70 -4.59 -10.82 -1.66
N SER A 71 -4.99 -12.10 -1.65
CA SER A 71 -6.36 -12.47 -2.00
C SER A 71 -7.36 -11.50 -1.40
N ALA A 72 -7.27 -11.31 -0.08
CA ALA A 72 -8.17 -10.40 0.62
C ALA A 72 -8.12 -9.00 0.01
N MET A 73 -6.94 -8.59 -0.43
CA MET A 73 -6.76 -7.27 -1.03
C MET A 73 -7.30 -7.25 -2.46
N GLY A 74 -7.33 -8.43 -3.09
CA GLY A 74 -7.83 -8.52 -4.45
C GLY A 74 -6.71 -8.72 -5.46
N CYS A 75 -5.56 -8.13 -5.18
CA CYS A 75 -4.41 -8.24 -6.08
C CYS A 75 -4.12 -9.70 -6.41
N PRO A 76 -3.63 -9.94 -7.65
CA PRO A 76 -3.31 -11.29 -8.12
C PRO A 76 -2.09 -11.87 -7.42
N PRO A 77 -1.85 -13.17 -7.63
CA PRO A 77 -0.72 -13.88 -7.03
C PRO A 77 0.62 -13.44 -7.62
N GLY A 78 0.57 -12.45 -8.52
CA GLY A 78 1.79 -11.96 -9.14
C GLY A 78 1.78 -10.45 -9.29
N ALA A 79 1.55 -9.74 -8.19
CA ALA A 79 1.52 -8.29 -8.21
C ALA A 79 2.65 -7.70 -7.37
N THR A 80 3.40 -6.77 -7.94
CA THR A 80 4.51 -6.14 -7.24
C THR A 80 4.39 -4.62 -7.29
N PHE A 81 4.04 -4.02 -6.15
CA PHE A 81 3.89 -2.57 -6.06
C PHE A 81 5.21 -1.87 -6.35
N LYS A 82 5.16 -0.85 -7.19
CA LYS A 82 6.35 -0.09 -7.55
C LYS A 82 6.23 1.37 -7.10
N SER A 83 4.99 1.84 -6.97
CA SER A 83 4.74 3.21 -6.56
C SER A 83 3.43 3.31 -5.78
N LEU A 84 3.37 4.27 -4.85
CA LEU A 84 2.18 4.46 -4.04
C LEU A 84 1.64 5.88 -4.21
N ARG A 85 0.37 6.07 -3.84
CA ARG A 85 -0.27 7.38 -3.95
C ARG A 85 -1.44 7.50 -2.98
N PHE A 86 -1.27 8.32 -1.96
CA PHE A 86 -2.32 8.52 -0.95
C PHE A 86 -3.50 9.27 -1.55
N ILE A 87 -4.69 8.70 -1.39
CA ILE A 87 -5.91 9.31 -1.92
C ILE A 87 -6.52 10.28 -0.91
N SER A 88 -7.03 9.74 0.19
CA SER A 88 -7.64 10.56 1.24
C SER A 88 -7.90 9.73 2.49
N GLY A 89 -8.20 10.42 3.59
CA GLY A 89 -8.47 9.74 4.84
C GLY A 89 -9.94 9.45 5.04
N PRO A 90 -10.30 8.97 6.24
CA PRO A 90 -11.68 8.65 6.58
C PRO A 90 -12.55 9.89 6.72
N SER A 91 -11.94 11.06 6.54
CA SER A 91 -12.65 12.32 6.65
C SER A 91 -12.91 12.93 5.27
N SER A 92 -14.03 13.62 5.12
CA SER A 92 -14.39 14.24 3.86
C SER A 92 -14.64 15.73 4.04
N GLY A 93 -13.90 16.54 3.29
CA GLY A 93 -14.06 17.99 3.39
C GLY A 93 -15.26 18.48 2.60
N GLY A 1 1.61 11.01 11.16
CA GLY A 1 2.37 9.79 10.97
C GLY A 1 2.03 8.75 12.01
N SER A 2 1.68 7.54 11.55
CA SER A 2 1.32 6.45 12.44
C SER A 2 0.19 6.87 13.39
N SER A 3 -0.80 7.57 12.84
CA SER A 3 -1.93 8.03 13.63
C SER A 3 -3.25 7.66 12.96
N GLY A 4 -4.35 7.86 13.68
CA GLY A 4 -5.66 7.54 13.15
C GLY A 4 -6.09 8.52 12.06
N SER A 5 -5.85 9.79 12.30
CA SER A 5 -6.22 10.83 11.34
C SER A 5 -5.29 10.83 10.13
N SER A 6 -3.99 10.87 10.41
CA SER A 6 -2.99 10.88 9.34
C SER A 6 -2.98 9.54 8.61
N GLY A 7 -2.66 9.58 7.32
CA GLY A 7 -2.61 8.36 6.53
C GLY A 7 -1.24 7.72 6.53
N GLN A 8 -1.20 6.40 6.61
CA GLN A 8 0.07 5.67 6.62
C GLN A 8 -0.12 4.25 6.10
N ILE A 9 0.76 3.84 5.19
CA ILE A 9 0.68 2.50 4.61
C ILE A 9 1.90 1.66 5.02
N HIS A 10 1.66 0.41 5.37
CA HIS A 10 2.72 -0.50 5.77
C HIS A 10 2.69 -1.78 4.95
N LEU A 11 3.72 -1.97 4.13
CA LEU A 11 3.81 -3.16 3.28
C LEU A 11 4.69 -4.22 3.93
N PHE A 12 4.40 -5.48 3.62
CA PHE A 12 5.17 -6.59 4.18
C PHE A 12 5.52 -7.60 3.08
N SER A 13 6.82 -7.80 2.85
CA SER A 13 7.28 -8.73 1.83
C SER A 13 6.62 -10.09 2.01
N GLU A 14 6.55 -10.56 3.25
CA GLU A 14 5.93 -11.85 3.55
C GLU A 14 4.49 -11.67 4.01
N PRO A 15 3.68 -12.73 3.83
CA PRO A 15 2.27 -12.71 4.22
C PRO A 15 2.09 -12.72 5.74
N GLN A 16 0.88 -12.35 6.18
CA GLN A 16 0.58 -12.30 7.61
C GLN A 16 1.46 -11.26 8.32
N PHE A 17 1.78 -10.19 7.62
CA PHE A 17 2.60 -9.13 8.17
C PHE A 17 3.91 -9.70 8.75
N GLN A 18 4.53 -10.58 7.99
CA GLN A 18 5.78 -11.21 8.42
C GLN A 18 6.94 -10.78 7.53
N GLY A 19 8.13 -11.28 7.83
CA GLY A 19 9.31 -10.94 7.04
C GLY A 19 9.59 -9.45 7.03
N HIS A 20 10.26 -8.99 5.99
CA HIS A 20 10.59 -7.57 5.87
C HIS A 20 9.34 -6.72 5.72
N SER A 21 9.32 -5.58 6.39
CA SER A 21 8.17 -4.67 6.35
C SER A 21 8.62 -3.22 6.16
N GLN A 22 7.79 -2.44 5.48
CA GLN A 22 8.11 -1.04 5.22
C GLN A 22 6.88 -0.16 5.43
N SER A 23 7.10 1.13 5.66
CA SER A 23 6.01 2.07 5.87
C SER A 23 6.26 3.37 5.12
N PHE A 24 5.20 3.91 4.53
CA PHE A 24 5.31 5.15 3.77
C PHE A 24 4.28 6.17 4.25
N GLU A 25 4.74 7.15 5.01
CA GLU A 25 3.85 8.19 5.54
C GLU A 25 3.36 9.10 4.42
N GLU A 26 4.21 9.34 3.43
CA GLU A 26 3.86 10.19 2.30
C GLU A 26 3.85 9.39 1.00
N THR A 27 3.38 10.03 -0.07
CA THR A 27 3.31 9.38 -1.37
C THR A 27 4.68 8.85 -1.80
N THR A 28 4.68 7.72 -2.49
CA THR A 28 5.92 7.11 -2.97
C THR A 28 5.87 6.84 -4.47
N SER A 29 7.02 6.94 -5.11
CA SER A 29 7.11 6.72 -6.56
C SER A 29 7.88 5.43 -6.85
N GLN A 30 8.84 5.10 -6.00
CA GLN A 30 9.63 3.89 -6.17
C GLN A 30 9.74 3.12 -4.86
N ILE A 31 9.67 1.79 -4.96
CA ILE A 31 9.75 0.95 -3.78
C ILE A 31 11.17 0.43 -3.59
N ASP A 32 11.57 0.26 -2.32
CA ASP A 32 12.90 -0.23 -1.99
C ASP A 32 13.21 -1.52 -2.75
N ASP A 33 14.05 -1.40 -3.78
CA ASP A 33 14.43 -2.56 -4.58
C ASP A 33 13.20 -3.30 -5.08
N SER A 34 12.12 -2.56 -5.32
CA SER A 34 10.87 -3.15 -5.79
C SER A 34 10.52 -4.41 -4.99
N PHE A 35 10.81 -4.37 -3.69
CA PHE A 35 10.54 -5.50 -2.82
C PHE A 35 9.05 -5.86 -2.85
N SER A 36 8.75 -7.08 -3.29
CA SER A 36 7.37 -7.54 -3.36
C SER A 36 6.68 -7.42 -2.01
N THR A 37 5.36 -7.59 -2.01
CA THR A 37 4.58 -7.51 -0.78
C THR A 37 3.32 -8.37 -0.86
N LYS A 38 3.29 -9.41 -0.05
CA LYS A 38 2.14 -10.32 -0.02
C LYS A 38 1.03 -9.77 0.85
N SER A 39 1.40 -8.95 1.82
CA SER A 39 0.42 -8.35 2.73
C SER A 39 0.77 -6.89 3.02
N CYS A 40 -0.26 -6.08 3.26
CA CYS A 40 -0.06 -4.67 3.55
C CYS A 40 -0.93 -4.23 4.72
N ARG A 41 -0.73 -2.99 5.16
CA ARG A 41 -1.48 -2.44 6.29
C ARG A 41 -1.73 -0.95 6.12
N VAL A 42 -2.96 -0.60 5.80
CA VAL A 42 -3.33 0.80 5.62
C VAL A 42 -3.94 1.40 6.88
N SER A 43 -3.69 2.68 7.11
CA SER A 43 -4.21 3.36 8.29
C SER A 43 -4.34 4.87 8.04
N GLY A 44 -5.57 5.35 7.95
CA GLY A 44 -5.80 6.76 7.71
C GLY A 44 -5.95 7.08 6.24
N GLY A 45 -7.01 6.57 5.62
CA GLY A 45 -7.25 6.83 4.22
C GLY A 45 -6.82 5.67 3.34
N SER A 46 -7.32 5.62 2.12
CA SER A 46 -6.98 4.57 1.18
C SER A 46 -5.64 4.82 0.53
N TRP A 47 -5.08 3.80 -0.12
CA TRP A 47 -3.80 3.91 -0.80
C TRP A 47 -3.80 3.17 -2.12
N VAL A 48 -3.21 3.77 -3.14
CA VAL A 48 -3.14 3.15 -4.46
C VAL A 48 -1.78 2.53 -4.71
N VAL A 49 -1.77 1.26 -5.11
CA VAL A 49 -0.53 0.54 -5.38
C VAL A 49 -0.44 0.16 -6.85
N TYR A 50 0.56 0.70 -7.54
CA TYR A 50 0.76 0.41 -8.95
C TYR A 50 1.87 -0.64 -9.14
N ASP A 51 1.84 -1.31 -10.29
CA ASP A 51 2.84 -2.33 -10.60
C ASP A 51 3.96 -1.75 -11.45
N GLY A 52 3.76 -0.54 -11.95
CA GLY A 52 4.77 0.10 -12.78
C GLY A 52 5.39 1.31 -12.10
N GLU A 53 6.47 1.82 -12.69
CA GLU A 53 7.15 2.98 -12.12
C GLU A 53 6.45 4.27 -12.54
N ASN A 54 6.54 5.28 -11.68
CA ASN A 54 5.91 6.57 -11.95
C ASN A 54 4.40 6.42 -12.10
N PHE A 55 3.81 5.56 -11.27
CA PHE A 55 2.37 5.32 -11.29
C PHE A 55 1.92 4.93 -12.70
N THR A 56 2.69 4.05 -13.34
CA THR A 56 2.37 3.60 -14.69
C THR A 56 1.72 2.21 -14.66
N GLY A 57 1.02 1.87 -15.73
CA GLY A 57 0.36 0.57 -15.80
C GLY A 57 -0.99 0.56 -15.12
N ASN A 58 -1.22 -0.45 -14.28
CA ASN A 58 -2.48 -0.56 -13.57
C ASN A 58 -2.37 0.03 -12.17
N GLN A 59 -3.49 0.04 -11.45
CA GLN A 59 -3.51 0.58 -10.09
C GLN A 59 -4.56 -0.14 -9.24
N TYR A 60 -4.25 -0.33 -7.96
CA TYR A 60 -5.17 -1.00 -7.05
C TYR A 60 -5.21 -0.28 -5.71
N VAL A 61 -6.39 0.27 -5.39
CA VAL A 61 -6.58 1.00 -4.13
C VAL A 61 -6.75 0.04 -2.97
N LEU A 62 -6.60 0.55 -1.75
CA LEU A 62 -6.74 -0.27 -0.55
C LEU A 62 -7.45 0.51 0.55
N GLU A 63 -8.52 -0.09 1.09
CA GLU A 63 -9.30 0.55 2.15
C GLU A 63 -8.58 0.42 3.48
N GLU A 64 -8.97 1.26 4.45
CA GLU A 64 -8.36 1.26 5.77
C GLU A 64 -8.60 -0.08 6.47
N GLY A 65 -7.53 -0.75 6.85
CA GLY A 65 -7.65 -2.03 7.53
C GLY A 65 -6.34 -2.81 7.54
N HIS A 66 -6.43 -4.12 7.69
CA HIS A 66 -5.25 -4.98 7.73
C HIS A 66 -5.39 -6.13 6.73
N TYR A 67 -4.56 -6.10 5.70
CA TYR A 67 -4.58 -7.15 4.69
C TYR A 67 -3.50 -8.19 4.94
N PRO A 68 -3.91 -9.35 5.48
CA PRO A 68 -2.99 -10.45 5.80
C PRO A 68 -2.45 -11.12 4.54
N CYS A 69 -3.21 -11.01 3.45
CA CYS A 69 -2.81 -11.61 2.18
C CYS A 69 -3.21 -10.72 1.01
N LEU A 70 -2.77 -11.10 -0.18
CA LEU A 70 -3.09 -10.33 -1.40
C LEU A 70 -4.53 -10.54 -1.81
N SER A 71 -4.96 -11.79 -1.87
CA SER A 71 -6.33 -12.13 -2.24
C SER A 71 -7.32 -11.13 -1.65
N ALA A 72 -7.35 -11.07 -0.32
CA ALA A 72 -8.24 -10.16 0.39
C ALA A 72 -8.20 -8.76 -0.22
N MET A 73 -7.01 -8.35 -0.65
CA MET A 73 -6.84 -7.03 -1.26
C MET A 73 -7.38 -7.01 -2.67
N GLY A 74 -7.41 -8.17 -3.33
CA GLY A 74 -7.92 -8.26 -4.68
C GLY A 74 -6.83 -8.53 -5.69
N CYS A 75 -5.63 -8.02 -5.42
CA CYS A 75 -4.50 -8.21 -6.32
C CYS A 75 -4.30 -9.69 -6.64
N PRO A 76 -3.88 -9.98 -7.87
CA PRO A 76 -3.64 -11.35 -8.33
C PRO A 76 -2.42 -11.98 -7.66
N PRO A 77 -2.29 -13.31 -7.78
CA PRO A 77 -1.17 -14.05 -7.20
C PRO A 77 0.14 -13.77 -7.92
N GLY A 78 0.84 -12.72 -7.48
CA GLY A 78 2.11 -12.36 -8.09
C GLY A 78 2.14 -10.92 -8.55
N ALA A 79 1.65 -10.02 -7.71
CA ALA A 79 1.64 -8.59 -8.03
C ALA A 79 2.62 -7.82 -7.17
N THR A 80 3.51 -7.07 -7.83
CA THR A 80 4.51 -6.29 -7.12
C THR A 80 4.22 -4.79 -7.24
N PHE A 81 4.42 -4.06 -6.14
CA PHE A 81 4.17 -2.63 -6.11
C PHE A 81 5.46 -1.85 -6.37
N LYS A 82 5.38 -0.85 -7.22
CA LYS A 82 6.54 -0.02 -7.54
C LYS A 82 6.33 1.42 -7.08
N SER A 83 5.08 1.86 -7.08
CA SER A 83 4.75 3.22 -6.66
C SER A 83 3.51 3.22 -5.77
N LEU A 84 3.42 4.22 -4.89
CA LEU A 84 2.30 4.34 -3.98
C LEU A 84 1.65 5.72 -4.09
N ARG A 85 0.42 5.83 -3.62
CA ARG A 85 -0.31 7.09 -3.67
C ARG A 85 -1.31 7.18 -2.51
N PHE A 86 -0.97 7.98 -1.51
CA PHE A 86 -1.82 8.16 -0.34
C PHE A 86 -3.15 8.82 -0.74
N ILE A 87 -4.23 8.05 -0.66
CA ILE A 87 -5.55 8.56 -1.00
C ILE A 87 -6.23 9.21 0.20
N SER A 88 -6.21 10.54 0.24
CA SER A 88 -6.82 11.28 1.33
C SER A 88 -8.33 11.10 1.33
N GLY A 89 -8.82 10.31 2.27
CA GLY A 89 -10.25 10.07 2.37
C GLY A 89 -10.92 10.94 3.40
N PRO A 90 -11.57 10.32 4.40
CA PRO A 90 -12.26 11.04 5.48
C PRO A 90 -11.30 11.75 6.41
N SER A 91 -11.81 12.73 7.15
CA SER A 91 -10.99 13.50 8.09
C SER A 91 -11.77 13.80 9.36
N SER A 92 -11.07 14.32 10.37
CA SER A 92 -11.69 14.65 11.65
C SER A 92 -11.44 16.11 12.01
N GLY A 93 -12.40 16.72 12.67
CA GLY A 93 -12.27 18.12 13.06
C GLY A 93 -11.21 18.31 14.13
N GLY A 1 -6.64 17.59 -0.83
CA GLY A 1 -7.29 18.06 0.36
C GLY A 1 -6.33 18.74 1.33
N SER A 2 -6.83 19.07 2.52
CA SER A 2 -6.02 19.73 3.53
C SER A 2 -5.13 18.72 4.25
N SER A 3 -5.77 17.75 4.91
CA SER A 3 -5.03 16.72 5.65
C SER A 3 -5.83 15.43 5.72
N GLY A 4 -5.15 14.33 6.02
CA GLY A 4 -5.82 13.04 6.11
C GLY A 4 -5.35 12.24 7.31
N SER A 5 -5.38 12.86 8.48
CA SER A 5 -4.95 12.19 9.71
C SER A 5 -3.55 11.58 9.54
N SER A 6 -2.71 12.28 8.79
CA SER A 6 -1.35 11.81 8.54
C SER A 6 -1.36 10.39 7.96
N GLY A 7 -2.23 10.17 6.98
CA GLY A 7 -2.33 8.87 6.35
C GLY A 7 -0.99 8.18 6.26
N GLN A 8 -1.01 6.85 6.25
CA GLN A 8 0.22 6.06 6.16
C GLN A 8 -0.08 4.63 5.74
N ILE A 9 0.91 3.97 5.15
CA ILE A 9 0.75 2.58 4.71
C ILE A 9 1.89 1.71 5.22
N HIS A 10 1.58 0.44 5.46
CA HIS A 10 2.58 -0.50 5.95
C HIS A 10 2.59 -1.77 5.11
N LEU A 11 3.64 -1.93 4.30
CA LEU A 11 3.78 -3.09 3.44
C LEU A 11 4.65 -4.16 4.09
N PHE A 12 4.41 -5.42 3.72
CA PHE A 12 5.17 -6.53 4.28
C PHE A 12 5.61 -7.49 3.17
N SER A 13 6.92 -7.62 3.02
CA SER A 13 7.48 -8.51 1.99
C SER A 13 6.80 -9.87 2.02
N GLU A 14 6.70 -10.45 3.21
CA GLU A 14 6.08 -11.76 3.38
C GLU A 14 4.62 -11.61 3.80
N PRO A 15 3.82 -12.65 3.51
CA PRO A 15 2.39 -12.66 3.85
C PRO A 15 2.15 -12.77 5.35
N GLN A 16 0.94 -12.44 5.79
CA GLN A 16 0.59 -12.51 7.20
C GLN A 16 1.39 -11.49 8.00
N PHE A 17 1.71 -10.36 7.38
CA PHE A 17 2.47 -9.30 8.04
C PHE A 17 3.77 -9.86 8.62
N GLN A 18 4.46 -10.66 7.82
CA GLN A 18 5.73 -11.26 8.24
C GLN A 18 6.87 -10.82 7.34
N GLY A 19 8.08 -11.27 7.66
CA GLY A 19 9.23 -10.90 6.87
C GLY A 19 9.50 -9.40 6.88
N HIS A 20 10.27 -8.94 5.90
CA HIS A 20 10.59 -7.51 5.80
C HIS A 20 9.32 -6.66 5.83
N SER A 21 9.47 -5.42 6.25
CA SER A 21 8.33 -4.50 6.34
C SER A 21 8.77 -3.07 6.06
N GLN A 22 7.96 -2.36 5.28
CA GLN A 22 8.26 -0.96 4.94
C GLN A 22 7.02 -0.10 5.03
N SER A 23 7.17 1.10 5.59
CA SER A 23 6.06 2.02 5.74
C SER A 23 6.33 3.33 5.01
N PHE A 24 5.30 3.91 4.40
CA PHE A 24 5.43 5.16 3.68
C PHE A 24 4.36 6.16 4.12
N GLU A 25 4.78 7.41 4.31
CA GLU A 25 3.87 8.46 4.73
C GLU A 25 3.53 9.39 3.56
N GLU A 26 4.50 9.57 2.66
CA GLU A 26 4.31 10.45 1.51
C GLU A 26 4.12 9.62 0.24
N THR A 27 3.59 10.26 -0.80
CA THR A 27 3.35 9.60 -2.07
C THR A 27 4.66 9.06 -2.66
N THR A 28 4.85 7.74 -2.55
CA THR A 28 6.04 7.10 -3.07
C THR A 28 5.88 6.74 -4.54
N SER A 29 7.00 6.72 -5.27
CA SER A 29 6.97 6.39 -6.69
C SER A 29 7.80 5.13 -6.96
N GLN A 30 8.77 4.86 -6.10
CA GLN A 30 9.62 3.68 -6.25
C GLN A 30 9.78 2.95 -4.93
N ILE A 31 9.64 1.64 -4.97
CA ILE A 31 9.76 0.82 -3.77
C ILE A 31 11.21 0.36 -3.57
N ASP A 32 11.62 0.28 -2.30
CA ASP A 32 12.98 -0.14 -1.97
C ASP A 32 13.33 -1.44 -2.68
N ASP A 33 14.11 -1.34 -3.76
CA ASP A 33 14.51 -2.51 -4.53
C ASP A 33 13.30 -3.28 -5.02
N SER A 34 12.21 -2.56 -5.29
CA SER A 34 10.98 -3.19 -5.76
C SER A 34 10.66 -4.43 -4.95
N PHE A 35 10.92 -4.37 -3.65
CA PHE A 35 10.66 -5.49 -2.75
C PHE A 35 9.19 -5.91 -2.83
N SER A 36 8.97 -7.15 -3.27
CA SER A 36 7.61 -7.67 -3.39
C SER A 36 6.83 -7.50 -2.08
N THR A 37 5.51 -7.56 -2.18
CA THR A 37 4.65 -7.40 -1.01
C THR A 37 3.42 -8.30 -1.11
N LYS A 38 3.30 -9.25 -0.19
CA LYS A 38 2.17 -10.16 -0.17
C LYS A 38 1.03 -9.61 0.68
N SER A 39 1.39 -8.90 1.75
CA SER A 39 0.41 -8.32 2.64
C SER A 39 0.67 -6.83 2.86
N CYS A 40 -0.36 -6.11 3.26
CA CYS A 40 -0.25 -4.67 3.50
C CYS A 40 -1.16 -4.22 4.64
N ARG A 41 -0.93 -3.02 5.14
CA ARG A 41 -1.72 -2.47 6.23
C ARG A 41 -2.02 -0.99 6.01
N VAL A 42 -3.27 -0.69 5.69
CA VAL A 42 -3.67 0.70 5.45
C VAL A 42 -4.14 1.36 6.75
N SER A 43 -3.59 2.53 7.05
CA SER A 43 -3.94 3.26 8.26
C SER A 43 -4.02 4.76 7.98
N GLY A 44 -5.23 5.26 7.86
CA GLY A 44 -5.43 6.68 7.59
C GLY A 44 -5.58 6.99 6.11
N GLY A 45 -6.76 6.66 5.56
CA GLY A 45 -7.00 6.90 4.15
C GLY A 45 -6.59 5.73 3.29
N SER A 46 -7.15 5.67 2.08
CA SER A 46 -6.84 4.59 1.14
C SER A 46 -5.49 4.81 0.49
N TRP A 47 -4.95 3.75 -0.12
CA TRP A 47 -3.66 3.84 -0.79
C TRP A 47 -3.68 3.06 -2.11
N VAL A 48 -3.11 3.67 -3.15
CA VAL A 48 -3.07 3.02 -4.46
C VAL A 48 -1.68 2.49 -4.76
N VAL A 49 -1.62 1.25 -5.25
CA VAL A 49 -0.34 0.62 -5.58
C VAL A 49 -0.28 0.25 -7.06
N TYR A 50 0.69 0.81 -7.76
CA TYR A 50 0.85 0.54 -9.19
C TYR A 50 2.01 -0.43 -9.42
N ASP A 51 1.75 -1.46 -10.23
CA ASP A 51 2.77 -2.46 -10.54
C ASP A 51 3.91 -1.84 -11.33
N GLY A 52 3.66 -0.66 -11.91
CA GLY A 52 4.67 0.01 -12.70
C GLY A 52 5.27 1.19 -11.96
N GLU A 53 6.45 1.63 -12.40
CA GLU A 53 7.14 2.76 -11.78
C GLU A 53 6.53 4.08 -12.25
N ASN A 54 6.70 5.12 -11.43
CA ASN A 54 6.18 6.44 -11.75
C ASN A 54 4.65 6.41 -11.83
N PHE A 55 4.04 5.55 -11.02
CA PHE A 55 2.59 5.42 -10.99
C PHE A 55 2.05 5.09 -12.39
N THR A 56 2.70 4.14 -13.05
CA THR A 56 2.28 3.73 -14.38
C THR A 56 1.65 2.34 -14.36
N GLY A 57 1.05 1.94 -15.49
CA GLY A 57 0.42 0.64 -15.58
C GLY A 57 -0.92 0.60 -14.89
N ASN A 58 -1.17 -0.47 -14.14
CA ASN A 58 -2.43 -0.63 -13.42
C ASN A 58 -2.35 -0.02 -12.03
N GLN A 59 -3.49 0.09 -11.37
CA GLN A 59 -3.54 0.67 -10.03
C GLN A 59 -4.57 -0.07 -9.16
N TYR A 60 -4.18 -0.39 -7.93
CA TYR A 60 -5.06 -1.09 -7.01
C TYR A 60 -5.12 -0.37 -5.66
N VAL A 61 -6.28 0.22 -5.37
CA VAL A 61 -6.47 0.94 -4.11
C VAL A 61 -6.62 -0.03 -2.95
N LEU A 62 -6.47 0.48 -1.73
CA LEU A 62 -6.60 -0.33 -0.53
C LEU A 62 -7.32 0.43 0.58
N GLU A 63 -8.41 -0.13 1.07
CA GLU A 63 -9.18 0.50 2.13
C GLU A 63 -8.52 0.28 3.49
N GLU A 64 -8.81 1.18 4.43
CA GLU A 64 -8.24 1.08 5.77
C GLU A 64 -8.61 -0.25 6.43
N GLY A 65 -7.61 -0.95 6.95
CA GLY A 65 -7.85 -2.22 7.60
C GLY A 65 -6.61 -3.09 7.65
N HIS A 66 -6.81 -4.41 7.79
CA HIS A 66 -5.70 -5.35 7.85
C HIS A 66 -5.81 -6.39 6.75
N TYR A 67 -4.78 -6.47 5.91
CA TYR A 67 -4.75 -7.42 4.82
C TYR A 67 -3.63 -8.45 4.99
N PRO A 68 -4.01 -9.66 5.44
CA PRO A 68 -3.05 -10.75 5.66
C PRO A 68 -2.48 -11.29 4.36
N CYS A 69 -3.31 -11.33 3.32
CA CYS A 69 -2.89 -11.84 2.03
C CYS A 69 -3.42 -10.95 0.90
N LEU A 70 -2.93 -11.20 -0.31
CA LEU A 70 -3.35 -10.42 -1.47
C LEU A 70 -4.82 -10.67 -1.80
N SER A 71 -5.21 -11.94 -1.79
CA SER A 71 -6.58 -12.32 -2.08
C SER A 71 -7.57 -11.33 -1.48
N ALA A 72 -7.43 -11.09 -0.17
CA ALA A 72 -8.30 -10.16 0.53
C ALA A 72 -8.24 -8.77 -0.10
N MET A 73 -7.05 -8.38 -0.54
CA MET A 73 -6.86 -7.07 -1.15
C MET A 73 -7.44 -7.05 -2.56
N GLY A 74 -7.47 -8.22 -3.21
CA GLY A 74 -8.00 -8.30 -4.56
C GLY A 74 -6.92 -8.54 -5.59
N CYS A 75 -5.73 -8.00 -5.34
CA CYS A 75 -4.61 -8.15 -6.25
C CYS A 75 -4.35 -9.62 -6.56
N PRO A 76 -3.93 -9.90 -7.81
CA PRO A 76 -3.64 -11.26 -8.25
C PRO A 76 -2.40 -11.85 -7.58
N PRO A 77 -2.26 -13.19 -7.65
CA PRO A 77 -1.12 -13.90 -7.06
C PRO A 77 0.18 -13.63 -7.81
N GLY A 78 0.84 -12.53 -7.48
CA GLY A 78 2.08 -12.18 -8.13
C GLY A 78 2.14 -10.71 -8.53
N ALA A 79 1.71 -9.84 -7.63
CA ALA A 79 1.71 -8.41 -7.91
C ALA A 79 2.77 -7.69 -7.07
N THR A 80 3.69 -7.01 -7.76
CA THR A 80 4.76 -6.29 -7.08
C THR A 80 4.58 -4.78 -7.23
N PHE A 81 4.18 -4.13 -6.14
CA PHE A 81 3.97 -2.69 -6.15
C PHE A 81 5.30 -1.94 -6.34
N LYS A 82 5.28 -0.90 -7.17
CA LYS A 82 6.46 -0.11 -7.43
C LYS A 82 6.27 1.33 -6.98
N SER A 83 5.03 1.81 -7.03
CA SER A 83 4.72 3.17 -6.63
C SER A 83 3.47 3.21 -5.75
N LEU A 84 3.41 4.17 -4.84
CA LEU A 84 2.28 4.30 -3.94
C LEU A 84 1.67 5.70 -4.05
N ARG A 85 0.43 5.84 -3.59
CA ARG A 85 -0.26 7.12 -3.63
C ARG A 85 -1.25 7.24 -2.48
N PHE A 86 -0.94 8.11 -1.52
CA PHE A 86 -1.80 8.32 -0.37
C PHE A 86 -3.11 8.99 -0.77
N ILE A 87 -4.20 8.25 -0.66
CA ILE A 87 -5.52 8.78 -1.01
C ILE A 87 -6.23 9.36 0.20
N SER A 88 -6.28 10.69 0.27
CA SER A 88 -6.92 11.37 1.39
C SER A 88 -8.43 11.06 1.42
N GLY A 89 -8.81 10.17 2.32
CA GLY A 89 -10.21 9.79 2.44
C GLY A 89 -10.99 10.74 3.34
N PRO A 90 -11.79 10.17 4.25
CA PRO A 90 -12.60 10.95 5.19
C PRO A 90 -11.75 11.65 6.25
N SER A 91 -10.52 11.19 6.40
CA SER A 91 -9.60 11.78 7.37
C SER A 91 -9.51 13.29 7.20
N SER A 92 -10.01 14.03 8.18
CA SER A 92 -9.99 15.49 8.14
C SER A 92 -9.94 16.08 9.53
N GLY A 93 -8.87 16.81 9.82
CA GLY A 93 -8.71 17.42 11.13
C GLY A 93 -8.33 16.41 12.19
N GLY A 1 -9.36 2.67 16.65
CA GLY A 1 -8.28 2.77 17.61
C GLY A 1 -7.40 3.98 17.37
N SER A 2 -6.29 3.78 16.66
CA SER A 2 -5.37 4.86 16.37
C SER A 2 -6.00 5.88 15.41
N SER A 3 -5.53 7.12 15.49
CA SER A 3 -6.06 8.19 14.64
C SER A 3 -5.44 8.11 13.24
N GLY A 4 -6.29 8.11 12.23
CA GLY A 4 -5.82 8.03 10.85
C GLY A 4 -6.18 9.27 10.05
N SER A 5 -5.56 10.39 10.39
CA SER A 5 -5.83 11.65 9.70
C SER A 5 -4.80 11.90 8.60
N SER A 6 -3.52 11.66 8.93
CA SER A 6 -2.44 11.85 7.97
C SER A 6 -2.33 10.66 7.03
N GLY A 7 -2.83 9.50 7.49
CA GLY A 7 -2.76 8.30 6.68
C GLY A 7 -1.36 7.71 6.62
N GLN A 8 -1.27 6.39 6.68
CA GLN A 8 0.01 5.70 6.63
C GLN A 8 -0.16 4.26 6.17
N ILE A 9 0.71 3.84 5.26
CA ILE A 9 0.66 2.47 4.73
C ILE A 9 1.87 1.66 5.19
N HIS A 10 1.63 0.40 5.53
CA HIS A 10 2.71 -0.49 5.98
C HIS A 10 2.71 -1.79 5.19
N LEU A 11 3.68 -1.92 4.28
CA LEU A 11 3.78 -3.11 3.45
C LEU A 11 4.68 -4.15 4.12
N PHE A 12 4.48 -5.42 3.76
CA PHE A 12 5.26 -6.51 4.33
C PHE A 12 5.72 -7.47 3.23
N SER A 13 7.04 -7.57 3.06
CA SER A 13 7.61 -8.45 2.04
C SER A 13 6.90 -9.80 2.04
N GLU A 14 6.81 -10.42 3.21
CA GLU A 14 6.16 -11.72 3.35
C GLU A 14 4.70 -11.56 3.69
N PRO A 15 3.90 -12.59 3.37
CA PRO A 15 2.45 -12.59 3.65
C PRO A 15 2.14 -12.68 5.14
N GLN A 16 0.90 -12.39 5.50
CA GLN A 16 0.47 -12.44 6.89
C GLN A 16 1.23 -11.41 7.73
N PHE A 17 1.56 -10.29 7.10
CA PHE A 17 2.29 -9.22 7.79
C PHE A 17 3.57 -9.76 8.43
N GLN A 18 4.30 -10.57 7.69
CA GLN A 18 5.54 -11.16 8.18
C GLN A 18 6.72 -10.75 7.30
N GLY A 19 7.91 -11.20 7.68
CA GLY A 19 9.10 -10.87 6.91
C GLY A 19 9.42 -9.40 6.94
N HIS A 20 10.19 -8.94 5.95
CA HIS A 20 10.57 -7.54 5.85
C HIS A 20 9.33 -6.64 5.81
N SER A 21 9.46 -5.43 6.34
CA SER A 21 8.35 -4.49 6.36
C SER A 21 8.81 -3.09 5.94
N GLN A 22 7.94 -2.36 5.26
CA GLN A 22 8.26 -1.01 4.80
C GLN A 22 7.03 -0.12 4.83
N SER A 23 7.17 1.06 5.44
CA SER A 23 6.07 2.00 5.54
C SER A 23 6.34 3.25 4.70
N PHE A 24 5.27 3.87 4.21
CA PHE A 24 5.40 5.07 3.39
C PHE A 24 4.36 6.11 3.80
N GLU A 25 4.82 7.21 4.40
CA GLU A 25 3.94 8.27 4.84
C GLU A 25 3.89 9.40 3.81
N GLU A 26 4.36 9.11 2.60
CA GLU A 26 4.38 10.09 1.52
C GLU A 26 4.22 9.42 0.16
N THR A 27 3.71 10.17 -0.81
CA THR A 27 3.51 9.64 -2.15
C THR A 27 4.81 9.13 -2.74
N THR A 28 4.97 7.82 -2.78
CA THR A 28 6.17 7.19 -3.32
C THR A 28 5.97 6.78 -4.77
N SER A 29 7.07 6.72 -5.52
CA SER A 29 7.00 6.34 -6.93
C SER A 29 7.81 5.07 -7.17
N GLN A 30 8.77 4.79 -6.29
CA GLN A 30 9.61 3.61 -6.42
C GLN A 30 9.74 2.90 -5.07
N ILE A 31 9.74 1.57 -5.11
CA ILE A 31 9.86 0.76 -3.90
C ILE A 31 11.30 0.30 -3.69
N ASP A 32 11.70 0.20 -2.43
CA ASP A 32 13.05 -0.23 -2.09
C ASP A 32 13.40 -1.53 -2.79
N ASP A 33 14.19 -1.44 -3.85
CA ASP A 33 14.59 -2.62 -4.62
C ASP A 33 13.37 -3.41 -5.10
N SER A 34 12.29 -2.68 -5.37
CA SER A 34 11.05 -3.31 -5.82
C SER A 34 10.72 -4.55 -4.99
N PHE A 35 11.02 -4.47 -3.69
CA PHE A 35 10.76 -5.57 -2.78
C PHE A 35 9.31 -6.04 -2.89
N SER A 36 9.12 -7.31 -3.25
CA SER A 36 7.78 -7.88 -3.39
C SER A 36 6.95 -7.61 -2.14
N THR A 37 5.62 -7.59 -2.31
CA THR A 37 4.72 -7.35 -1.20
C THR A 37 3.47 -8.22 -1.32
N LYS A 38 3.31 -9.14 -0.37
CA LYS A 38 2.16 -10.03 -0.37
C LYS A 38 1.03 -9.46 0.50
N SER A 39 1.41 -8.77 1.56
CA SER A 39 0.43 -8.18 2.47
C SER A 39 0.67 -6.69 2.63
N CYS A 40 -0.31 -5.99 3.21
CA CYS A 40 -0.21 -4.55 3.41
C CYS A 40 -1.02 -4.12 4.62
N ARG A 41 -0.86 -2.85 5.01
CA ARG A 41 -1.58 -2.32 6.16
C ARG A 41 -1.98 -0.86 5.92
N VAL A 42 -3.29 -0.60 5.90
CA VAL A 42 -3.80 0.74 5.69
C VAL A 42 -4.34 1.33 6.98
N SER A 43 -4.07 2.62 7.19
CA SER A 43 -4.53 3.31 8.39
C SER A 43 -4.60 4.82 8.15
N GLY A 44 -5.81 5.33 7.97
CA GLY A 44 -5.98 6.76 7.74
C GLY A 44 -6.03 7.10 6.27
N GLY A 45 -7.07 6.62 5.58
CA GLY A 45 -7.21 6.90 4.17
C GLY A 45 -6.83 5.71 3.31
N SER A 46 -7.11 5.81 2.01
CA SER A 46 -6.80 4.73 1.08
C SER A 46 -5.40 4.90 0.51
N TRP A 47 -4.89 3.84 -0.11
CA TRP A 47 -3.56 3.87 -0.71
C TRP A 47 -3.52 3.06 -2.00
N VAL A 48 -3.26 3.74 -3.11
CA VAL A 48 -3.19 3.09 -4.41
C VAL A 48 -1.79 2.56 -4.69
N VAL A 49 -1.71 1.33 -5.19
CA VAL A 49 -0.44 0.70 -5.50
C VAL A 49 -0.36 0.32 -6.98
N TYR A 50 0.62 0.89 -7.67
CA TYR A 50 0.81 0.61 -9.09
C TYR A 50 2.00 -0.32 -9.31
N ASP A 51 1.74 -1.49 -9.88
CA ASP A 51 2.79 -2.47 -10.15
C ASP A 51 3.84 -1.88 -11.08
N GLY A 52 3.55 -0.71 -11.65
CA GLY A 52 4.48 -0.07 -12.54
C GLY A 52 5.25 1.06 -11.87
N GLU A 53 6.36 1.46 -12.48
CA GLU A 53 7.18 2.54 -11.93
C GLU A 53 6.63 3.90 -12.32
N ASN A 54 6.80 4.88 -11.44
CA ASN A 54 6.31 6.23 -11.70
C ASN A 54 4.80 6.24 -11.85
N PHE A 55 4.12 5.47 -11.02
CA PHE A 55 2.67 5.38 -11.05
C PHE A 55 2.19 4.93 -12.43
N THR A 56 2.79 3.88 -12.95
CA THR A 56 2.42 3.34 -14.26
C THR A 56 1.82 1.95 -14.13
N GLY A 57 1.10 1.53 -15.17
CA GLY A 57 0.47 0.22 -15.16
C GLY A 57 -0.87 0.23 -14.45
N ASN A 58 -1.22 -0.91 -13.87
CA ASN A 58 -2.49 -1.03 -13.15
C ASN A 58 -2.44 -0.33 -11.81
N GLN A 59 -3.60 -0.11 -11.20
CA GLN A 59 -3.67 0.55 -9.91
C GLN A 59 -4.72 -0.11 -9.01
N TYR A 60 -4.32 -0.47 -7.80
CA TYR A 60 -5.21 -1.12 -6.86
C TYR A 60 -5.27 -0.33 -5.54
N VAL A 61 -6.44 0.23 -5.25
CA VAL A 61 -6.62 1.00 -4.02
C VAL A 61 -6.74 0.08 -2.81
N LEU A 62 -6.33 0.58 -1.65
CA LEU A 62 -6.38 -0.18 -0.42
C LEU A 62 -7.10 0.59 0.69
N GLU A 63 -8.16 0.01 1.22
CA GLU A 63 -8.93 0.65 2.29
C GLU A 63 -8.44 0.19 3.66
N GLU A 64 -8.86 0.90 4.70
CA GLU A 64 -8.47 0.57 6.06
C GLU A 64 -8.81 -0.89 6.38
N GLY A 65 -7.80 -1.64 6.83
CA GLY A 65 -8.01 -3.03 7.16
C GLY A 65 -6.75 -3.87 6.99
N HIS A 66 -6.45 -4.69 7.98
CA HIS A 66 -5.27 -5.54 7.95
C HIS A 66 -5.37 -6.56 6.82
N TYR A 67 -4.54 -6.38 5.79
CA TYR A 67 -4.55 -7.29 4.65
C TYR A 67 -3.49 -8.38 4.82
N PRO A 68 -3.95 -9.60 5.13
CA PRO A 68 -3.07 -10.75 5.32
C PRO A 68 -2.43 -11.22 4.02
N CYS A 69 -3.21 -11.21 2.94
CA CYS A 69 -2.70 -11.63 1.63
C CYS A 69 -3.27 -10.73 0.52
N LEU A 70 -2.83 -10.97 -0.71
CA LEU A 70 -3.28 -10.19 -1.85
C LEU A 70 -4.76 -10.47 -2.14
N SER A 71 -5.14 -11.74 -2.09
CA SER A 71 -6.52 -12.13 -2.36
C SER A 71 -7.49 -11.16 -1.68
N ALA A 72 -7.37 -11.02 -0.37
CA ALA A 72 -8.23 -10.13 0.39
C ALA A 72 -8.19 -8.71 -0.17
N MET A 73 -7.01 -8.30 -0.62
CA MET A 73 -6.83 -6.96 -1.18
C MET A 73 -7.46 -6.87 -2.58
N GLY A 74 -7.47 -7.99 -3.29
CA GLY A 74 -8.04 -8.01 -4.63
C GLY A 74 -6.98 -7.99 -5.71
N CYS A 75 -5.75 -8.34 -5.34
CA CYS A 75 -4.64 -8.37 -6.29
C CYS A 75 -4.34 -9.79 -6.73
N PRO A 76 -3.79 -9.93 -7.95
CA PRO A 76 -3.44 -11.23 -8.53
C PRO A 76 -2.26 -11.87 -7.81
N PRO A 77 -2.10 -13.19 -8.00
CA PRO A 77 -1.01 -13.96 -7.38
C PRO A 77 0.35 -13.61 -7.99
N GLY A 78 0.42 -12.47 -8.66
CA GLY A 78 1.66 -12.04 -9.27
C GLY A 78 1.73 -10.54 -9.49
N ALA A 79 1.54 -9.79 -8.41
CA ALA A 79 1.57 -8.33 -8.48
C ALA A 79 2.66 -7.76 -7.58
N THR A 80 3.42 -6.81 -8.09
CA THR A 80 4.49 -6.18 -7.33
C THR A 80 4.40 -4.67 -7.39
N PHE A 81 3.88 -4.07 -6.32
CA PHE A 81 3.74 -2.62 -6.24
C PHE A 81 5.09 -1.92 -6.41
N LYS A 82 5.13 -0.89 -7.24
CA LYS A 82 6.35 -0.14 -7.48
C LYS A 82 6.19 1.31 -7.04
N SER A 83 4.95 1.79 -7.01
CA SER A 83 4.68 3.17 -6.61
C SER A 83 3.43 3.23 -5.74
N LEU A 84 3.36 4.26 -4.90
CA LEU A 84 2.22 4.44 -4.00
C LEU A 84 1.63 5.84 -4.14
N ARG A 85 0.40 6.01 -3.68
CA ARG A 85 -0.28 7.30 -3.75
C ARG A 85 -1.27 7.46 -2.61
N PHE A 86 -0.92 8.29 -1.63
CA PHE A 86 -1.78 8.53 -0.48
C PHE A 86 -2.97 9.40 -0.86
N ILE A 87 -4.15 8.78 -0.92
CA ILE A 87 -5.36 9.50 -1.28
C ILE A 87 -5.87 10.33 -0.10
N SER A 88 -5.83 9.75 1.10
CA SER A 88 -6.29 10.43 2.30
C SER A 88 -7.80 10.65 2.25
N GLY A 89 -8.53 9.60 1.91
CA GLY A 89 -9.97 9.70 1.84
C GLY A 89 -10.53 10.74 2.79
N PRO A 90 -10.75 10.34 4.06
CA PRO A 90 -11.29 11.23 5.08
C PRO A 90 -10.29 12.31 5.49
N SER A 91 -10.78 13.53 5.66
CA SER A 91 -9.93 14.66 6.05
C SER A 91 -10.75 15.74 6.74
N SER A 92 -10.06 16.72 7.33
CA SER A 92 -10.72 17.81 8.02
C SER A 92 -10.23 19.16 7.50
N GLY A 93 -11.18 20.00 7.09
CA GLY A 93 -10.84 21.31 6.57
C GLY A 93 -10.53 21.29 5.09
N GLY A 1 2.97 17.21 -1.07
CA GLY A 1 2.52 16.12 -0.23
C GLY A 1 1.01 16.09 -0.07
N SER A 2 0.55 16.42 1.13
CA SER A 2 -0.89 16.43 1.42
C SER A 2 -1.20 17.36 2.59
N SER A 3 -2.11 18.30 2.36
CA SER A 3 -2.51 19.24 3.40
C SER A 3 -3.33 18.57 4.48
N GLY A 4 -4.40 17.89 4.07
CA GLY A 4 -5.26 17.21 5.02
C GLY A 4 -4.51 16.16 5.81
N SER A 5 -5.24 15.15 6.28
CA SER A 5 -4.64 14.08 7.07
C SER A 5 -3.74 13.21 6.20
N SER A 6 -2.48 13.08 6.62
CA SER A 6 -1.51 12.27 5.88
C SER A 6 -1.65 10.79 6.23
N GLY A 7 -2.29 10.04 5.33
CA GLY A 7 -2.48 8.62 5.57
C GLY A 7 -1.18 7.89 5.76
N GLN A 8 -1.26 6.62 6.17
CA GLN A 8 -0.07 5.80 6.39
C GLN A 8 -0.32 4.35 5.97
N ILE A 9 0.67 3.76 5.33
CA ILE A 9 0.56 2.37 4.88
C ILE A 9 1.77 1.55 5.33
N HIS A 10 1.55 0.27 5.55
CA HIS A 10 2.61 -0.63 5.98
C HIS A 10 2.65 -1.90 5.12
N LEU A 11 3.74 -2.09 4.39
CA LEU A 11 3.89 -3.25 3.53
C LEU A 11 4.80 -4.29 4.17
N PHE A 12 4.58 -5.56 3.85
CA PHE A 12 5.38 -6.64 4.39
C PHE A 12 5.82 -7.61 3.29
N SER A 13 7.11 -7.64 3.01
CA SER A 13 7.66 -8.51 1.98
C SER A 13 6.98 -9.87 2.00
N GLU A 14 6.82 -10.42 3.20
CA GLU A 14 6.18 -11.73 3.37
C GLU A 14 4.73 -11.57 3.80
N PRO A 15 3.91 -12.62 3.57
CA PRO A 15 2.50 -12.61 3.93
C PRO A 15 2.29 -12.67 5.44
N GLN A 16 1.05 -12.41 5.87
CA GLN A 16 0.72 -12.43 7.29
C GLN A 16 1.60 -11.47 8.06
N PHE A 17 1.92 -10.33 7.45
CA PHE A 17 2.75 -9.32 8.08
C PHE A 17 4.05 -9.94 8.61
N GLN A 18 4.66 -10.79 7.80
CA GLN A 18 5.90 -11.46 8.18
C GLN A 18 7.06 -10.97 7.32
N GLY A 19 8.26 -11.48 7.60
CA GLY A 19 9.43 -11.09 6.84
C GLY A 19 9.69 -9.59 6.91
N HIS A 20 10.38 -9.06 5.90
CA HIS A 20 10.69 -7.65 5.85
C HIS A 20 9.41 -6.81 5.81
N SER A 21 9.52 -5.56 6.25
CA SER A 21 8.38 -4.66 6.27
C SER A 21 8.81 -3.22 6.02
N GLN A 22 7.97 -2.47 5.32
CA GLN A 22 8.26 -1.07 5.00
C GLN A 22 7.00 -0.22 5.08
N SER A 23 7.07 0.84 5.88
CA SER A 23 5.93 1.74 6.05
C SER A 23 6.17 3.06 5.33
N PHE A 24 5.10 3.62 4.75
CA PHE A 24 5.19 4.87 4.02
C PHE A 24 4.19 5.89 4.57
N GLU A 25 4.70 7.03 5.02
CA GLU A 25 3.85 8.08 5.57
C GLU A 25 3.35 9.01 4.46
N GLU A 26 4.21 9.25 3.48
CA GLU A 26 3.85 10.12 2.35
C GLU A 26 3.77 9.33 1.05
N THR A 27 3.30 9.98 0.00
CA THR A 27 3.16 9.34 -1.31
C THR A 27 4.50 8.84 -1.82
N THR A 28 4.57 7.55 -2.14
CA THR A 28 5.80 6.96 -2.65
C THR A 28 5.73 6.76 -4.15
N SER A 29 6.87 6.93 -4.83
CA SER A 29 6.92 6.77 -6.27
C SER A 29 7.75 5.54 -6.64
N GLN A 30 8.66 5.15 -5.76
CA GLN A 30 9.50 3.99 -6.00
C GLN A 30 9.69 3.18 -4.71
N ILE A 31 9.51 1.87 -4.82
CA ILE A 31 9.66 0.99 -3.67
C ILE A 31 11.10 0.49 -3.54
N ASP A 32 11.54 0.33 -2.29
CA ASP A 32 12.90 -0.14 -2.02
C ASP A 32 13.19 -1.42 -2.79
N ASP A 33 13.95 -1.30 -3.87
CA ASP A 33 14.30 -2.46 -4.69
C ASP A 33 13.05 -3.19 -5.15
N SER A 34 11.96 -2.46 -5.35
CA SER A 34 10.71 -3.05 -5.78
C SER A 34 10.40 -4.32 -4.98
N PHE A 35 10.74 -4.30 -3.71
CA PHE A 35 10.50 -5.44 -2.83
C PHE A 35 9.03 -5.85 -2.87
N SER A 36 8.78 -7.07 -3.33
CA SER A 36 7.41 -7.59 -3.42
C SER A 36 6.69 -7.43 -2.08
N THR A 37 5.36 -7.56 -2.11
CA THR A 37 4.55 -7.44 -0.91
C THR A 37 3.27 -8.27 -1.03
N LYS A 38 3.14 -9.25 -0.14
CA LYS A 38 1.97 -10.11 -0.14
C LYS A 38 0.89 -9.57 0.79
N SER A 39 1.32 -8.89 1.86
CA SER A 39 0.39 -8.32 2.81
C SER A 39 0.68 -6.84 3.04
N CYS A 40 -0.34 -6.10 3.45
CA CYS A 40 -0.20 -4.67 3.70
C CYS A 40 -1.09 -4.22 4.85
N ARG A 41 -0.83 -3.02 5.38
CA ARG A 41 -1.61 -2.48 6.48
C ARG A 41 -1.95 -1.02 6.23
N VAL A 42 -3.20 -0.77 5.83
CA VAL A 42 -3.66 0.59 5.56
C VAL A 42 -4.17 1.26 6.83
N SER A 43 -3.69 2.46 7.08
CA SER A 43 -4.10 3.21 8.27
C SER A 43 -3.92 4.72 8.05
N GLY A 44 -5.02 5.44 7.93
CA GLY A 44 -4.96 6.87 7.72
C GLY A 44 -5.61 7.29 6.42
N GLY A 45 -5.80 6.34 5.51
CA GLY A 45 -6.42 6.64 4.23
C GLY A 45 -6.18 5.56 3.21
N SER A 46 -6.54 5.83 1.96
CA SER A 46 -6.37 4.87 0.87
C SER A 46 -4.99 5.00 0.24
N TRP A 47 -4.54 3.93 -0.40
CA TRP A 47 -3.23 3.92 -1.06
C TRP A 47 -3.27 3.12 -2.36
N VAL A 48 -2.96 3.79 -3.47
CA VAL A 48 -2.96 3.13 -4.76
C VAL A 48 -1.60 2.50 -5.06
N VAL A 49 -1.57 1.17 -5.12
CA VAL A 49 -0.34 0.45 -5.39
C VAL A 49 -0.24 0.07 -6.87
N TYR A 50 0.68 0.71 -7.57
CA TYR A 50 0.88 0.45 -8.99
C TYR A 50 2.05 -0.51 -9.21
N ASP A 51 1.84 -1.51 -10.07
CA ASP A 51 2.86 -2.49 -10.37
C ASP A 51 4.02 -1.86 -11.14
N GLY A 52 3.77 -0.68 -11.70
CA GLY A 52 4.80 0.02 -12.46
C GLY A 52 5.27 1.27 -11.76
N GLU A 53 6.43 1.79 -12.19
CA GLU A 53 6.99 3.00 -11.60
C GLU A 53 6.28 4.25 -12.12
N ASN A 54 6.29 5.30 -11.31
CA ASN A 54 5.65 6.55 -11.69
C ASN A 54 4.14 6.38 -11.80
N PHE A 55 3.57 5.57 -10.91
CA PHE A 55 2.13 5.32 -10.91
C PHE A 55 1.67 4.87 -12.29
N THR A 56 2.44 3.99 -12.92
CA THR A 56 2.09 3.49 -14.25
C THR A 56 1.45 2.12 -14.18
N GLY A 57 1.01 1.61 -15.32
CA GLY A 57 0.37 0.30 -15.34
C GLY A 57 -0.95 0.28 -14.61
N ASN A 58 -1.27 -0.86 -13.99
CA ASN A 58 -2.51 -1.01 -13.24
C ASN A 58 -2.47 -0.20 -11.95
N GLN A 59 -3.63 -0.03 -11.33
CA GLN A 59 -3.73 0.72 -10.09
C GLN A 59 -4.75 0.10 -9.15
N TYR A 60 -4.36 -0.13 -7.90
CA TYR A 60 -5.25 -0.72 -6.91
C TYR A 60 -5.13 0.01 -5.58
N VAL A 61 -6.23 0.62 -5.15
CA VAL A 61 -6.27 1.36 -3.89
C VAL A 61 -6.63 0.44 -2.73
N LEU A 62 -6.04 0.70 -1.57
CA LEU A 62 -6.31 -0.10 -0.38
C LEU A 62 -6.89 0.75 0.74
N GLU A 63 -8.07 0.39 1.23
CA GLU A 63 -8.72 1.12 2.29
C GLU A 63 -8.18 0.69 3.66
N GLU A 64 -8.52 1.46 4.69
CA GLU A 64 -8.06 1.15 6.05
C GLU A 64 -8.47 -0.26 6.45
N GLY A 65 -7.48 -1.13 6.65
CA GLY A 65 -7.75 -2.50 7.04
C GLY A 65 -6.54 -3.39 6.91
N HIS A 66 -6.37 -4.30 7.88
CA HIS A 66 -5.24 -5.21 7.86
C HIS A 66 -5.43 -6.29 6.80
N TYR A 67 -4.51 -6.34 5.83
CA TYR A 67 -4.57 -7.32 4.77
C TYR A 67 -3.48 -8.37 4.92
N PRO A 68 -3.87 -9.56 5.43
CA PRO A 68 -2.95 -10.67 5.65
C PRO A 68 -2.46 -11.27 4.33
N CYS A 69 -3.30 -11.21 3.30
CA CYS A 69 -2.95 -11.75 2.00
C CYS A 69 -3.28 -10.75 0.89
N LEU A 70 -2.95 -11.12 -0.34
CA LEU A 70 -3.22 -10.25 -1.50
C LEU A 70 -4.67 -10.36 -1.94
N SER A 71 -5.16 -11.60 -2.06
CA SER A 71 -6.54 -11.84 -2.47
C SER A 71 -7.48 -10.85 -1.79
N ALA A 72 -7.50 -10.89 -0.46
CA ALA A 72 -8.37 -10.00 0.31
C ALA A 72 -8.27 -8.57 -0.19
N MET A 73 -7.08 -8.17 -0.63
CA MET A 73 -6.86 -6.82 -1.15
C MET A 73 -7.46 -6.67 -2.54
N GLY A 74 -7.55 -7.78 -3.27
CA GLY A 74 -8.09 -7.74 -4.61
C GLY A 74 -7.01 -7.68 -5.68
N CYS A 75 -5.80 -8.07 -5.31
CA CYS A 75 -4.68 -8.06 -6.25
C CYS A 75 -4.37 -9.46 -6.74
N PRO A 76 -3.77 -9.56 -7.93
CA PRO A 76 -3.40 -10.83 -8.55
C PRO A 76 -2.26 -11.53 -7.81
N PRO A 77 -2.12 -12.85 -8.03
CA PRO A 77 -1.08 -13.66 -7.39
C PRO A 77 0.31 -13.32 -7.92
N GLY A 78 0.97 -12.37 -7.27
CA GLY A 78 2.31 -11.98 -7.69
C GLY A 78 2.38 -10.52 -8.11
N ALA A 79 1.70 -9.66 -7.36
CA ALA A 79 1.68 -8.23 -7.67
C ALA A 79 2.73 -7.48 -6.83
N THR A 80 3.79 -7.03 -7.49
CA THR A 80 4.84 -6.30 -6.81
C THR A 80 4.66 -4.80 -6.96
N PHE A 81 4.20 -4.15 -5.90
CA PHE A 81 3.99 -2.71 -5.92
C PHE A 81 5.30 -1.96 -6.14
N LYS A 82 5.26 -0.94 -7.00
CA LYS A 82 6.45 -0.15 -7.31
C LYS A 82 6.25 1.30 -6.89
N SER A 83 4.99 1.73 -6.83
CA SER A 83 4.67 3.10 -6.45
C SER A 83 3.37 3.16 -5.66
N LEU A 84 3.25 4.15 -4.79
CA LEU A 84 2.06 4.31 -3.96
C LEU A 84 1.46 5.70 -4.15
N ARG A 85 0.18 5.84 -3.80
CA ARG A 85 -0.51 7.12 -3.92
C ARG A 85 -1.60 7.25 -2.87
N PHE A 86 -1.49 8.26 -2.02
CA PHE A 86 -2.48 8.49 -0.98
C PHE A 86 -3.71 9.20 -1.52
N ILE A 87 -4.88 8.65 -1.23
CA ILE A 87 -6.14 9.23 -1.69
C ILE A 87 -6.73 10.17 -0.65
N SER A 88 -7.22 9.60 0.44
CA SER A 88 -7.82 10.39 1.52
C SER A 88 -8.06 9.52 2.76
N GLY A 89 -8.22 10.18 3.90
CA GLY A 89 -8.45 9.45 5.14
C GLY A 89 -9.90 9.05 5.31
N PRO A 90 -10.16 8.16 6.29
CA PRO A 90 -11.51 7.67 6.58
C PRO A 90 -12.39 8.75 7.20
N SER A 91 -11.76 9.67 7.91
CA SER A 91 -12.49 10.76 8.56
C SER A 91 -12.54 11.99 7.67
N SER A 92 -11.43 12.28 6.99
CA SER A 92 -11.36 13.44 6.10
C SER A 92 -12.56 13.49 5.17
N GLY A 93 -12.92 12.33 4.61
CA GLY A 93 -14.05 12.27 3.71
C GLY A 93 -14.13 13.48 2.79
N GLY A 1 -3.06 22.57 19.71
CA GLY A 1 -3.80 21.43 19.17
C GLY A 1 -3.79 21.41 17.66
N SER A 2 -3.33 20.30 17.08
CA SER A 2 -3.27 20.15 15.64
C SER A 2 -3.97 18.88 15.19
N SER A 3 -4.10 18.70 13.88
CA SER A 3 -4.76 17.53 13.32
C SER A 3 -3.91 16.91 12.21
N GLY A 4 -3.33 15.75 12.49
CA GLY A 4 -2.51 15.08 11.52
C GLY A 4 -3.33 14.28 10.52
N SER A 5 -3.39 12.97 10.71
CA SER A 5 -4.14 12.09 9.82
C SER A 5 -3.66 12.23 8.38
N SER A 6 -2.34 12.24 8.20
CA SER A 6 -1.74 12.38 6.88
C SER A 6 -1.69 11.03 6.17
N GLY A 7 -2.46 10.07 6.67
CA GLY A 7 -2.49 8.75 6.08
C GLY A 7 -1.19 8.00 6.25
N GLN A 8 -1.27 6.68 6.30
CA GLN A 8 -0.09 5.84 6.49
C GLN A 8 -0.30 4.46 5.88
N ILE A 9 0.79 3.83 5.45
CA ILE A 9 0.72 2.50 4.85
C ILE A 9 1.97 1.69 5.18
N HIS A 10 1.76 0.46 5.65
CA HIS A 10 2.88 -0.42 6.00
C HIS A 10 2.79 -1.72 5.22
N LEU A 11 3.66 -1.86 4.22
CA LEU A 11 3.68 -3.06 3.40
C LEU A 11 4.57 -4.14 4.01
N PHE A 12 4.34 -5.38 3.63
CA PHE A 12 5.12 -6.51 4.16
C PHE A 12 5.54 -7.44 3.03
N SER A 13 6.85 -7.72 2.96
CA SER A 13 7.38 -8.60 1.94
C SER A 13 6.71 -9.97 1.99
N GLU A 14 6.57 -10.51 3.18
CA GLU A 14 5.95 -11.82 3.37
C GLU A 14 4.50 -11.67 3.83
N PRO A 15 3.70 -12.71 3.60
CA PRO A 15 2.28 -12.72 3.99
C PRO A 15 2.10 -12.78 5.50
N GLN A 16 0.90 -12.43 5.96
CA GLN A 16 0.60 -12.44 7.39
C GLN A 16 1.46 -11.44 8.14
N PHE A 17 1.79 -10.34 7.48
CA PHE A 17 2.62 -9.30 8.08
C PHE A 17 3.93 -9.87 8.60
N GLN A 18 4.57 -10.70 7.78
CA GLN A 18 5.84 -11.31 8.15
C GLN A 18 6.96 -10.86 7.24
N GLY A 19 8.18 -11.32 7.52
CA GLY A 19 9.32 -10.95 6.71
C GLY A 19 9.60 -9.45 6.75
N HIS A 20 10.38 -8.98 5.78
CA HIS A 20 10.71 -7.56 5.71
C HIS A 20 9.45 -6.71 5.58
N SER A 21 9.55 -5.45 5.98
CA SER A 21 8.43 -4.54 5.91
C SER A 21 8.87 -3.17 5.39
N GLN A 22 7.91 -2.39 4.89
CA GLN A 22 8.19 -1.07 4.36
C GLN A 22 7.00 -0.14 4.53
N SER A 23 7.21 0.95 5.28
CA SER A 23 6.14 1.91 5.53
C SER A 23 6.33 3.16 4.67
N PHE A 24 5.22 3.82 4.35
CA PHE A 24 5.26 5.02 3.53
C PHE A 24 4.23 6.04 4.01
N GLU A 25 4.70 7.08 4.69
CA GLU A 25 3.82 8.11 5.21
C GLU A 25 3.56 9.19 4.15
N GLU A 26 4.03 8.93 2.94
CA GLU A 26 3.85 9.87 1.83
C GLU A 26 3.75 9.14 0.50
N THR A 27 3.44 9.88 -0.56
CA THR A 27 3.31 9.31 -1.89
C THR A 27 4.68 8.91 -2.45
N THR A 28 4.89 7.61 -2.60
CA THR A 28 6.15 7.09 -3.12
C THR A 28 6.04 6.76 -4.61
N SER A 29 7.18 6.72 -5.29
CA SER A 29 7.20 6.42 -6.72
C SER A 29 7.99 5.14 -6.98
N GLN A 30 8.83 4.76 -6.03
CA GLN A 30 9.64 3.56 -6.16
C GLN A 30 9.71 2.80 -4.84
N ILE A 31 9.75 1.47 -4.92
CA ILE A 31 9.82 0.64 -3.73
C ILE A 31 11.24 0.14 -3.50
N ASP A 32 11.62 0.01 -2.24
CA ASP A 32 12.96 -0.47 -1.88
C ASP A 32 13.27 -1.78 -2.59
N ASP A 33 14.07 -1.69 -3.65
CA ASP A 33 14.46 -2.87 -4.41
C ASP A 33 13.22 -3.60 -4.94
N SER A 34 12.18 -2.84 -5.25
CA SER A 34 10.94 -3.41 -5.75
C SER A 34 10.54 -4.64 -4.95
N PHE A 35 10.88 -4.64 -3.66
CA PHE A 35 10.55 -5.75 -2.78
C PHE A 35 9.07 -6.10 -2.86
N SER A 36 8.78 -7.34 -3.27
CA SER A 36 7.40 -7.80 -3.40
C SER A 36 6.63 -7.55 -2.11
N THR A 37 5.30 -7.57 -2.22
CA THR A 37 4.44 -7.33 -1.06
C THR A 37 3.19 -8.22 -1.13
N LYS A 38 3.06 -9.11 -0.14
CA LYS A 38 1.92 -10.01 -0.09
C LYS A 38 0.83 -9.44 0.84
N SER A 39 1.25 -8.78 1.90
CA SER A 39 0.31 -8.20 2.86
C SER A 39 0.64 -6.73 3.11
N CYS A 40 -0.37 -5.97 3.53
CA CYS A 40 -0.20 -4.55 3.80
C CYS A 40 -1.07 -4.12 4.98
N ARG A 41 -0.82 -2.90 5.47
CA ARG A 41 -1.57 -2.37 6.60
C ARG A 41 -1.94 -0.91 6.35
N VAL A 42 -3.21 -0.67 6.03
CA VAL A 42 -3.69 0.68 5.78
C VAL A 42 -4.20 1.34 7.05
N SER A 43 -3.84 2.60 7.24
CA SER A 43 -4.26 3.35 8.43
C SER A 43 -4.21 4.85 8.17
N GLY A 44 -5.39 5.46 8.02
CA GLY A 44 -5.46 6.89 7.78
C GLY A 44 -5.85 7.21 6.35
N GLY A 45 -6.77 6.41 5.80
CA GLY A 45 -7.22 6.63 4.43
C GLY A 45 -6.89 5.47 3.52
N SER A 46 -7.14 5.64 2.23
CA SER A 46 -6.88 4.59 1.24
C SER A 46 -5.51 4.78 0.60
N TRP A 47 -5.02 3.73 -0.03
CA TRP A 47 -3.71 3.78 -0.69
C TRP A 47 -3.74 3.05 -2.03
N VAL A 48 -3.17 3.67 -3.05
CA VAL A 48 -3.14 3.08 -4.39
C VAL A 48 -1.75 2.58 -4.73
N VAL A 49 -1.66 1.32 -5.15
CA VAL A 49 -0.38 0.72 -5.52
C VAL A 49 -0.33 0.39 -7.01
N TYR A 50 0.68 0.91 -7.68
CA TYR A 50 0.85 0.68 -9.12
C TYR A 50 1.98 -0.31 -9.37
N ASP A 51 1.73 -1.26 -10.28
CA ASP A 51 2.73 -2.26 -10.62
C ASP A 51 3.86 -1.64 -11.44
N GLY A 52 3.66 -0.41 -11.89
CA GLY A 52 4.67 0.28 -12.67
C GLY A 52 5.40 1.34 -11.89
N GLU A 53 6.54 1.78 -12.40
CA GLU A 53 7.34 2.81 -11.75
C GLU A 53 6.80 4.20 -12.05
N ASN A 54 6.97 5.11 -11.10
CA ASN A 54 6.49 6.49 -11.27
C ASN A 54 4.98 6.52 -11.44
N PHE A 55 4.29 5.69 -10.67
CA PHE A 55 2.83 5.63 -10.74
C PHE A 55 2.36 5.25 -12.13
N THR A 56 2.99 4.22 -12.70
CA THR A 56 2.64 3.76 -14.04
C THR A 56 2.05 2.35 -13.99
N GLY A 57 1.33 1.99 -15.05
CA GLY A 57 0.73 0.67 -15.11
C GLY A 57 -0.63 0.62 -14.43
N ASN A 58 -1.00 -0.56 -13.93
CA ASN A 58 -2.27 -0.73 -13.25
C ASN A 58 -2.26 -0.08 -11.87
N GLN A 59 -3.40 -0.09 -11.19
CA GLN A 59 -3.51 0.50 -9.86
C GLN A 59 -4.49 -0.29 -9.00
N TYR A 60 -4.15 -0.46 -7.73
CA TYR A 60 -5.00 -1.20 -6.80
C TYR A 60 -5.11 -0.46 -5.47
N VAL A 61 -6.27 0.15 -5.23
CA VAL A 61 -6.50 0.88 -3.99
C VAL A 61 -6.68 -0.07 -2.81
N LEU A 62 -6.53 0.46 -1.60
CA LEU A 62 -6.68 -0.34 -0.39
C LEU A 62 -7.34 0.47 0.72
N GLU A 63 -8.44 -0.05 1.25
CA GLU A 63 -9.17 0.62 2.32
C GLU A 63 -8.51 0.35 3.67
N GLU A 64 -8.94 1.11 4.69
CA GLU A 64 -8.39 0.96 6.03
C GLU A 64 -8.67 -0.43 6.58
N GLY A 65 -7.61 -1.19 6.84
CA GLY A 65 -7.78 -2.53 7.38
C GLY A 65 -6.50 -3.35 7.28
N HIS A 66 -6.46 -4.46 8.01
CA HIS A 66 -5.29 -5.34 8.00
C HIS A 66 -5.44 -6.44 6.95
N TYR A 67 -4.64 -6.35 5.90
CA TYR A 67 -4.68 -7.34 4.83
C TYR A 67 -3.59 -8.40 5.01
N PRO A 68 -3.99 -9.59 5.47
CA PRO A 68 -3.07 -10.70 5.70
C PRO A 68 -2.52 -11.28 4.41
N CYS A 69 -3.34 -11.28 3.37
CA CYS A 69 -2.93 -11.81 2.06
C CYS A 69 -3.38 -10.87 0.94
N LEU A 70 -2.91 -11.15 -0.27
CA LEU A 70 -3.25 -10.33 -1.42
C LEU A 70 -4.71 -10.54 -1.83
N SER A 71 -5.13 -11.80 -1.88
CA SER A 71 -6.50 -12.13 -2.25
C SER A 71 -7.48 -11.13 -1.64
N ALA A 72 -7.45 -11.00 -0.32
CA ALA A 72 -8.33 -10.07 0.38
C ALA A 72 -8.21 -8.66 -0.20
N MET A 73 -7.01 -8.31 -0.65
CA MET A 73 -6.77 -6.99 -1.22
C MET A 73 -7.21 -6.94 -2.68
N GLY A 74 -7.98 -7.94 -3.09
CA GLY A 74 -8.46 -7.99 -4.47
C GLY A 74 -7.32 -7.99 -5.47
N CYS A 75 -6.13 -8.34 -5.01
CA CYS A 75 -4.96 -8.38 -5.88
C CYS A 75 -4.59 -9.81 -6.24
N PRO A 76 -3.99 -9.99 -7.42
CA PRO A 76 -3.58 -11.31 -7.91
C PRO A 76 -2.41 -11.88 -7.12
N PRO A 77 -2.15 -13.19 -7.29
CA PRO A 77 -1.06 -13.88 -6.60
C PRO A 77 0.31 -13.45 -7.12
N GLY A 78 0.32 -12.48 -8.03
CA GLY A 78 1.57 -12.00 -8.59
C GLY A 78 1.55 -10.51 -8.84
N ALA A 79 1.38 -9.73 -7.78
CA ALA A 79 1.33 -8.29 -7.89
C ALA A 79 2.47 -7.65 -7.09
N THR A 80 3.34 -6.92 -7.76
CA THR A 80 4.47 -6.27 -7.11
C THR A 80 4.35 -4.75 -7.22
N PHE A 81 3.97 -4.11 -6.12
CA PHE A 81 3.82 -2.66 -6.09
C PHE A 81 5.15 -1.97 -6.32
N LYS A 82 5.14 -0.92 -7.14
CA LYS A 82 6.35 -0.17 -7.45
C LYS A 82 6.23 1.27 -6.96
N SER A 83 5.01 1.77 -6.87
CA SER A 83 4.76 3.13 -6.41
C SER A 83 3.50 3.20 -5.56
N LEU A 84 3.37 4.29 -4.80
CA LEU A 84 2.21 4.48 -3.92
C LEU A 84 1.60 5.86 -4.13
N ARG A 85 0.35 6.01 -3.71
CA ARG A 85 -0.36 7.28 -3.86
C ARG A 85 -1.50 7.38 -2.85
N PHE A 86 -1.32 8.23 -1.84
CA PHE A 86 -2.34 8.41 -0.82
C PHE A 86 -3.55 9.15 -1.38
N ILE A 87 -4.62 8.39 -1.63
CA ILE A 87 -5.85 8.96 -2.16
C ILE A 87 -6.43 10.00 -1.22
N SER A 88 -6.93 9.54 -0.08
CA SER A 88 -7.53 10.43 0.92
C SER A 88 -7.78 9.70 2.23
N GLY A 89 -8.14 10.44 3.26
CA GLY A 89 -8.41 9.85 4.56
C GLY A 89 -9.82 10.09 5.03
N PRO A 90 -10.14 9.59 6.23
CA PRO A 90 -11.47 9.75 6.82
C PRO A 90 -11.76 11.18 7.23
N SER A 91 -12.76 11.79 6.58
CA SER A 91 -13.14 13.17 6.88
C SER A 91 -14.50 13.23 7.57
N SER A 92 -14.49 13.65 8.83
CA SER A 92 -15.72 13.74 9.61
C SER A 92 -16.53 14.97 9.18
N GLY A 93 -15.85 16.09 8.99
CA GLY A 93 -16.51 17.31 8.60
C GLY A 93 -17.05 18.09 9.78
N GLY A 1 -12.55 7.67 12.07
CA GLY A 1 -12.85 9.09 12.06
C GLY A 1 -11.63 9.93 11.72
N SER A 2 -10.71 10.04 12.68
CA SER A 2 -9.50 10.83 12.48
C SER A 2 -8.55 10.12 11.53
N SER A 3 -8.11 10.83 10.49
CA SER A 3 -7.19 10.27 9.50
C SER A 3 -6.09 9.46 10.18
N GLY A 4 -5.25 10.15 10.94
CA GLY A 4 -4.16 9.47 11.63
C GLY A 4 -2.81 9.72 10.97
N SER A 5 -2.11 10.75 11.44
CA SER A 5 -0.80 11.09 10.89
C SER A 5 -0.88 11.25 9.38
N SER A 6 -1.97 11.86 8.91
CA SER A 6 -2.16 12.08 7.47
C SER A 6 -2.11 10.76 6.71
N GLY A 7 -2.74 9.74 7.27
CA GLY A 7 -2.75 8.44 6.62
C GLY A 7 -1.38 7.80 6.59
N GLN A 8 -1.34 6.47 6.63
CA GLN A 8 -0.07 5.74 6.60
C GLN A 8 -0.29 4.31 6.12
N ILE A 9 0.71 3.76 5.43
CA ILE A 9 0.64 2.41 4.92
C ILE A 9 1.84 1.58 5.36
N HIS A 10 1.63 0.28 5.56
CA HIS A 10 2.70 -0.61 5.98
C HIS A 10 2.72 -1.87 5.12
N LEU A 11 3.72 -1.97 4.26
CA LEU A 11 3.87 -3.12 3.37
C LEU A 11 4.75 -4.19 4.01
N PHE A 12 4.47 -5.45 3.67
CA PHE A 12 5.25 -6.56 4.21
C PHE A 12 5.62 -7.55 3.11
N SER A 13 6.91 -7.67 2.83
CA SER A 13 7.40 -8.56 1.80
C SER A 13 6.70 -9.91 1.87
N GLU A 14 6.55 -10.43 3.09
CA GLU A 14 5.89 -11.71 3.30
C GLU A 14 4.45 -11.52 3.76
N PRO A 15 3.60 -12.51 3.49
CA PRO A 15 2.19 -12.48 3.88
C PRO A 15 1.99 -12.59 5.39
N GLN A 16 0.80 -12.25 5.86
CA GLN A 16 0.49 -12.31 7.28
C GLN A 16 1.35 -11.33 8.07
N PHE A 17 1.70 -10.21 7.43
CA PHE A 17 2.52 -9.20 8.08
C PHE A 17 3.81 -9.80 8.61
N GLN A 18 4.47 -10.61 7.78
CA GLN A 18 5.72 -11.25 8.16
C GLN A 18 6.86 -10.80 7.26
N GLY A 19 8.06 -11.30 7.55
CA GLY A 19 9.22 -10.94 6.75
C GLY A 19 9.47 -9.44 6.74
N HIS A 20 10.22 -8.99 5.74
CA HIS A 20 10.54 -7.56 5.62
C HIS A 20 9.26 -6.72 5.58
N SER A 21 9.36 -5.48 6.04
CA SER A 21 8.21 -4.59 6.06
C SER A 21 8.65 -3.15 5.80
N GLN A 22 7.90 -2.44 4.95
CA GLN A 22 8.21 -1.07 4.62
C GLN A 22 6.94 -0.21 4.61
N SER A 23 6.91 0.81 5.47
CA SER A 23 5.76 1.70 5.57
C SER A 23 6.07 3.05 4.93
N PHE A 24 5.07 3.65 4.31
CA PHE A 24 5.23 4.96 3.67
C PHE A 24 4.15 5.93 4.14
N GLU A 25 4.54 7.18 4.35
CA GLU A 25 3.61 8.21 4.80
C GLU A 25 3.29 9.19 3.66
N GLU A 26 4.28 9.41 2.80
CA GLU A 26 4.10 10.33 1.68
C GLU A 26 4.00 9.57 0.36
N THR A 27 3.33 10.17 -0.61
CA THR A 27 3.15 9.55 -1.92
C THR A 27 4.48 9.09 -2.49
N THR A 28 4.71 7.77 -2.50
CA THR A 28 5.95 7.22 -3.03
C THR A 28 5.81 6.84 -4.49
N SER A 29 6.91 6.87 -5.22
CA SER A 29 6.91 6.54 -6.64
C SER A 29 7.79 5.32 -6.91
N GLN A 30 8.78 5.11 -6.05
CA GLN A 30 9.69 3.99 -6.20
C GLN A 30 9.81 3.21 -4.89
N ILE A 31 9.60 1.89 -4.97
CA ILE A 31 9.69 1.04 -3.79
C ILE A 31 11.12 0.58 -3.55
N ASP A 32 11.50 0.45 -2.28
CA ASP A 32 12.83 0.02 -1.92
C ASP A 32 13.22 -1.26 -2.67
N ASP A 33 14.03 -1.11 -3.70
CA ASP A 33 14.47 -2.25 -4.50
C ASP A 33 13.28 -3.02 -5.04
N SER A 34 12.18 -2.32 -5.31
CA SER A 34 10.97 -2.94 -5.82
C SER A 34 10.66 -4.22 -5.05
N PHE A 35 10.92 -4.20 -3.74
CA PHE A 35 10.67 -5.36 -2.89
C PHE A 35 9.19 -5.76 -2.97
N SER A 36 8.95 -6.98 -3.46
CA SER A 36 7.59 -7.49 -3.58
C SER A 36 6.85 -7.41 -2.26
N THR A 37 5.52 -7.40 -2.32
CA THR A 37 4.71 -7.33 -1.12
C THR A 37 3.44 -8.17 -1.26
N LYS A 38 3.24 -9.08 -0.32
CA LYS A 38 2.06 -9.96 -0.33
C LYS A 38 0.99 -9.43 0.60
N SER A 39 1.40 -8.69 1.62
CA SER A 39 0.46 -8.13 2.59
C SER A 39 0.79 -6.67 2.89
N CYS A 40 -0.22 -5.91 3.29
CA CYS A 40 -0.04 -4.50 3.60
C CYS A 40 -0.93 -4.09 4.77
N ARG A 41 -0.74 -2.86 5.26
CA ARG A 41 -1.51 -2.34 6.37
C ARG A 41 -1.89 -0.88 6.14
N VAL A 42 -3.16 -0.65 5.86
CA VAL A 42 -3.66 0.71 5.63
C VAL A 42 -4.25 1.32 6.89
N SER A 43 -3.93 2.57 7.15
CA SER A 43 -4.43 3.27 8.33
C SER A 43 -4.54 4.76 8.08
N GLY A 44 -5.77 5.26 7.98
CA GLY A 44 -5.98 6.67 7.74
C GLY A 44 -6.02 7.01 6.27
N GLY A 45 -7.04 6.53 5.58
CA GLY A 45 -7.17 6.80 4.16
C GLY A 45 -6.77 5.61 3.31
N SER A 46 -7.23 5.59 2.06
CA SER A 46 -6.90 4.50 1.14
C SER A 46 -5.51 4.67 0.57
N TRP A 47 -5.00 3.60 -0.05
CA TRP A 47 -3.67 3.64 -0.65
C TRP A 47 -3.66 2.90 -2.00
N VAL A 48 -3.10 3.57 -3.01
CA VAL A 48 -3.03 2.97 -4.35
C VAL A 48 -1.62 2.48 -4.65
N VAL A 49 -1.53 1.23 -5.11
CA VAL A 49 -0.24 0.64 -5.43
C VAL A 49 -0.19 0.21 -6.90
N TYR A 50 0.76 0.78 -7.64
CA TYR A 50 0.91 0.46 -9.06
C TYR A 50 2.03 -0.55 -9.27
N ASP A 51 1.91 -1.35 -10.32
CA ASP A 51 2.92 -2.35 -10.63
C ASP A 51 4.07 -1.75 -11.43
N GLY A 52 3.83 -0.56 -11.99
CA GLY A 52 4.86 0.10 -12.77
C GLY A 52 5.42 1.33 -12.07
N GLU A 53 6.52 1.86 -12.59
CA GLU A 53 7.15 3.04 -12.00
C GLU A 53 6.44 4.31 -12.43
N ASN A 54 6.55 5.35 -11.61
CA ASN A 54 5.91 6.63 -11.90
C ASN A 54 4.40 6.49 -11.92
N PHE A 55 3.87 5.64 -11.05
CA PHE A 55 2.43 5.41 -10.96
C PHE A 55 1.86 5.03 -12.33
N THR A 56 2.52 4.09 -12.99
CA THR A 56 2.08 3.63 -14.31
C THR A 56 1.53 2.21 -14.24
N GLY A 57 0.83 1.81 -15.30
CA GLY A 57 0.28 0.46 -15.34
C GLY A 57 -0.96 0.32 -14.48
N ASN A 58 -1.22 -0.89 -14.00
CA ASN A 58 -2.38 -1.15 -13.17
C ASN A 58 -2.26 -0.43 -11.82
N GLN A 59 -3.30 -0.52 -11.01
CA GLN A 59 -3.31 0.11 -9.71
C GLN A 59 -4.28 -0.58 -8.76
N TYR A 60 -3.81 -0.88 -7.54
CA TYR A 60 -4.64 -1.55 -6.56
C TYR A 60 -4.85 -0.66 -5.33
N VAL A 61 -6.08 -0.20 -5.13
CA VAL A 61 -6.41 0.65 -3.99
C VAL A 61 -6.84 -0.18 -2.79
N LEU A 62 -6.12 -0.01 -1.67
CA LEU A 62 -6.43 -0.75 -0.45
C LEU A 62 -7.14 0.15 0.56
N GLU A 63 -8.32 -0.26 0.98
CA GLU A 63 -9.10 0.51 1.95
C GLU A 63 -8.57 0.28 3.37
N GLU A 64 -8.99 1.15 4.29
CA GLU A 64 -8.55 1.06 5.68
C GLU A 64 -8.86 -0.33 6.24
N GLY A 65 -7.80 -1.10 6.49
CA GLY A 65 -7.96 -2.44 7.03
C GLY A 65 -6.74 -3.31 6.82
N HIS A 66 -6.25 -3.92 7.89
CA HIS A 66 -5.07 -4.78 7.82
C HIS A 66 -5.29 -5.90 6.79
N TYR A 67 -4.49 -5.87 5.73
CA TYR A 67 -4.59 -6.87 4.68
C TYR A 67 -3.51 -7.95 4.85
N PRO A 68 -3.93 -9.10 5.37
CA PRO A 68 -3.02 -10.23 5.61
C PRO A 68 -2.55 -10.88 4.30
N CYS A 69 -3.42 -10.85 3.29
CA CYS A 69 -3.11 -11.43 1.99
C CYS A 69 -3.61 -10.55 0.86
N LEU A 70 -3.04 -10.71 -0.32
CA LEU A 70 -3.44 -9.93 -1.48
C LEU A 70 -4.92 -10.16 -1.82
N SER A 71 -5.33 -11.42 -1.77
CA SER A 71 -6.72 -11.77 -2.06
C SER A 71 -7.68 -10.71 -1.53
N ALA A 72 -7.64 -10.49 -0.22
CA ALA A 72 -8.51 -9.50 0.41
C ALA A 72 -8.37 -8.14 -0.27
N MET A 73 -7.15 -7.80 -0.68
CA MET A 73 -6.89 -6.54 -1.34
C MET A 73 -7.42 -6.55 -2.78
N GLY A 74 -7.43 -7.73 -3.39
CA GLY A 74 -7.91 -7.86 -4.74
C GLY A 74 -6.79 -7.91 -5.76
N CYS A 75 -5.59 -8.23 -5.29
CA CYS A 75 -4.41 -8.30 -6.16
C CYS A 75 -4.11 -9.75 -6.51
N PRO A 76 -3.52 -9.96 -7.71
CA PRO A 76 -3.15 -11.29 -8.19
C PRO A 76 -1.99 -11.89 -7.41
N PRO A 77 -1.86 -13.22 -7.45
CA PRO A 77 -0.81 -13.95 -6.76
C PRO A 77 0.57 -13.70 -7.37
N GLY A 78 1.24 -12.64 -6.93
CA GLY A 78 2.55 -12.32 -7.45
C GLY A 78 2.63 -10.90 -7.99
N ALA A 79 2.17 -9.95 -7.18
CA ALA A 79 2.20 -8.54 -7.58
C ALA A 79 3.26 -7.77 -6.80
N THR A 80 4.06 -6.99 -7.53
CA THR A 80 5.11 -6.20 -6.92
C THR A 80 4.90 -4.72 -7.14
N PHE A 81 4.44 -4.02 -6.10
CA PHE A 81 4.19 -2.59 -6.19
C PHE A 81 5.48 -1.82 -6.41
N LYS A 82 5.42 -0.80 -7.25
CA LYS A 82 6.59 0.02 -7.56
C LYS A 82 6.38 1.46 -7.11
N SER A 83 5.13 1.90 -7.10
CA SER A 83 4.80 3.25 -6.69
C SER A 83 3.57 3.27 -5.79
N LEU A 84 3.56 4.17 -4.82
CA LEU A 84 2.45 4.29 -3.88
C LEU A 84 1.77 5.65 -4.01
N ARG A 85 0.52 5.73 -3.56
CA ARG A 85 -0.23 6.97 -3.62
C ARG A 85 -1.27 7.02 -2.50
N PHE A 86 -1.03 7.87 -1.51
CA PHE A 86 -1.94 8.02 -0.39
C PHE A 86 -3.13 8.92 -0.76
N ILE A 87 -4.26 8.27 -1.03
CA ILE A 87 -5.47 9.01 -1.40
C ILE A 87 -6.24 9.47 -0.16
N SER A 88 -6.10 10.75 0.16
CA SER A 88 -6.78 11.32 1.33
C SER A 88 -8.27 11.01 1.29
N GLY A 89 -8.69 10.04 2.08
CA GLY A 89 -10.09 9.66 2.13
C GLY A 89 -10.43 8.57 1.13
N PRO A 90 -11.21 7.58 1.59
CA PRO A 90 -11.63 6.45 0.74
C PRO A 90 -12.61 6.87 -0.35
N SER A 91 -12.90 8.17 -0.40
CA SER A 91 -13.83 8.69 -1.39
C SER A 91 -13.23 8.64 -2.79
N SER A 92 -13.85 7.83 -3.66
CA SER A 92 -13.37 7.68 -5.03
C SER A 92 -13.63 8.95 -5.83
N GLY A 93 -14.87 9.41 -5.82
CA GLY A 93 -15.22 10.61 -6.56
C GLY A 93 -14.78 11.88 -5.85
N GLY A 1 2.27 1.95 20.23
CA GLY A 1 2.14 3.09 19.34
C GLY A 1 0.70 3.36 18.94
N SER A 2 0.26 4.59 19.16
CA SER A 2 -1.12 4.99 18.84
C SER A 2 -1.20 5.55 17.43
N SER A 3 -2.22 5.15 16.69
CA SER A 3 -2.42 5.62 15.33
C SER A 3 -2.56 7.14 15.29
N GLY A 4 -2.40 7.70 14.09
CA GLY A 4 -2.51 9.15 13.94
C GLY A 4 -3.52 9.54 12.88
N SER A 5 -3.67 10.84 12.65
CA SER A 5 -4.62 11.34 11.66
C SER A 5 -4.04 11.24 10.26
N SER A 6 -2.78 11.65 10.11
CA SER A 6 -2.10 11.61 8.82
C SER A 6 -2.07 10.18 8.27
N GLY A 7 -2.66 9.99 7.10
CA GLY A 7 -2.69 8.68 6.49
C GLY A 7 -1.32 8.02 6.47
N GLN A 8 -1.30 6.69 6.55
CA GLN A 8 -0.05 5.95 6.56
C GLN A 8 -0.27 4.51 6.11
N ILE A 9 0.70 3.94 5.41
CA ILE A 9 0.61 2.57 4.93
C ILE A 9 1.79 1.74 5.40
N HIS A 10 1.58 0.43 5.53
CA HIS A 10 2.64 -0.47 5.97
C HIS A 10 2.65 -1.74 5.13
N LEU A 11 3.66 -1.85 4.27
CA LEU A 11 3.80 -3.01 3.39
C LEU A 11 4.65 -4.10 4.05
N PHE A 12 4.43 -5.34 3.65
CA PHE A 12 5.19 -6.46 4.20
C PHE A 12 5.66 -7.40 3.09
N SER A 13 6.97 -7.54 2.96
CA SER A 13 7.55 -8.40 1.95
C SER A 13 6.90 -9.78 1.96
N GLU A 14 6.71 -10.32 3.16
CA GLU A 14 6.09 -11.63 3.31
C GLU A 14 4.63 -11.50 3.75
N PRO A 15 3.83 -12.54 3.45
CA PRO A 15 2.41 -12.57 3.80
C PRO A 15 2.19 -12.70 5.30
N GLN A 16 0.97 -12.39 5.74
CA GLN A 16 0.63 -12.48 7.15
C GLN A 16 1.45 -11.49 7.98
N PHE A 17 1.78 -10.35 7.38
CA PHE A 17 2.58 -9.34 8.06
C PHE A 17 3.87 -9.93 8.61
N GLN A 18 4.54 -10.73 7.78
CA GLN A 18 5.79 -11.35 8.19
C GLN A 18 6.96 -10.86 7.34
N GLY A 19 8.16 -11.35 7.64
CA GLY A 19 9.33 -10.94 6.89
C GLY A 19 9.56 -9.44 6.95
N HIS A 20 10.28 -8.92 5.95
CA HIS A 20 10.56 -7.49 5.89
C HIS A 20 9.29 -6.68 5.73
N SER A 21 9.33 -5.42 6.16
CA SER A 21 8.17 -4.54 6.07
C SER A 21 8.60 -3.10 5.85
N GLN A 22 7.89 -2.41 4.96
CA GLN A 22 8.20 -1.03 4.64
C GLN A 22 6.94 -0.16 4.70
N SER A 23 6.98 0.87 5.55
CA SER A 23 5.84 1.77 5.70
C SER A 23 6.11 3.11 5.01
N PHE A 24 5.09 3.64 4.36
CA PHE A 24 5.20 4.91 3.66
C PHE A 24 4.12 5.89 4.10
N GLU A 25 4.50 7.15 4.27
CA GLU A 25 3.56 8.18 4.70
C GLU A 25 3.26 9.15 3.56
N GLU A 26 4.26 9.39 2.72
CA GLU A 26 4.10 10.30 1.59
C GLU A 26 3.94 9.53 0.28
N THR A 27 3.51 10.23 -0.76
CA THR A 27 3.32 9.61 -2.07
C THR A 27 4.63 9.12 -2.66
N THR A 28 4.83 7.80 -2.66
CA THR A 28 6.04 7.21 -3.19
C THR A 28 5.88 6.81 -4.65
N SER A 29 6.96 6.85 -5.40
CA SER A 29 6.94 6.49 -6.81
C SER A 29 7.83 5.28 -7.09
N GLN A 30 8.73 5.01 -6.16
CA GLN A 30 9.65 3.89 -6.30
C GLN A 30 9.78 3.11 -4.99
N ILE A 31 9.86 1.79 -5.10
CA ILE A 31 9.99 0.94 -3.92
C ILE A 31 11.39 0.37 -3.80
N ASP A 32 11.85 0.21 -2.56
CA ASP A 32 13.19 -0.33 -2.30
C ASP A 32 13.40 -1.64 -3.05
N ASP A 33 14.13 -1.58 -4.16
CA ASP A 33 14.40 -2.76 -4.97
C ASP A 33 13.11 -3.46 -5.37
N SER A 34 12.06 -2.66 -5.56
CA SER A 34 10.76 -3.20 -5.96
C SER A 34 10.41 -4.44 -5.12
N PHE A 35 10.79 -4.41 -3.85
CA PHE A 35 10.52 -5.52 -2.95
C PHE A 35 9.04 -5.91 -2.98
N SER A 36 8.76 -7.12 -3.43
CA SER A 36 7.38 -7.60 -3.51
C SER A 36 6.68 -7.46 -2.16
N THR A 37 5.35 -7.47 -2.20
CA THR A 37 4.55 -7.35 -0.98
C THR A 37 3.30 -8.21 -1.06
N LYS A 38 3.21 -9.19 -0.16
CA LYS A 38 2.05 -10.08 -0.12
C LYS A 38 0.94 -9.50 0.75
N SER A 39 1.34 -8.72 1.76
CA SER A 39 0.37 -8.11 2.67
C SER A 39 0.68 -6.63 2.87
N CYS A 40 -0.32 -5.86 3.29
CA CYS A 40 -0.16 -4.44 3.52
C CYS A 40 -1.02 -3.97 4.69
N ARG A 41 -0.83 -2.72 5.10
CA ARG A 41 -1.59 -2.16 6.21
C ARG A 41 -1.97 -0.71 5.93
N VAL A 42 -3.28 -0.44 5.88
CA VAL A 42 -3.77 0.90 5.62
C VAL A 42 -4.30 1.56 6.90
N SER A 43 -3.90 2.80 7.12
CA SER A 43 -4.33 3.54 8.31
C SER A 43 -4.44 5.03 8.01
N GLY A 44 -5.68 5.52 7.93
CA GLY A 44 -5.90 6.92 7.65
C GLY A 44 -5.95 7.22 6.17
N GLY A 45 -6.97 6.70 5.49
CA GLY A 45 -7.11 6.92 4.06
C GLY A 45 -6.72 5.70 3.25
N SER A 46 -7.11 5.70 1.98
CA SER A 46 -6.82 4.58 1.10
C SER A 46 -5.41 4.71 0.51
N TRP A 47 -4.89 3.60 -0.01
CA TRP A 47 -3.56 3.59 -0.60
C TRP A 47 -3.55 2.83 -1.92
N VAL A 48 -3.00 3.47 -2.96
CA VAL A 48 -2.94 2.85 -4.28
C VAL A 48 -1.52 2.38 -4.59
N VAL A 49 -1.40 1.13 -5.02
CA VAL A 49 -0.11 0.55 -5.34
C VAL A 49 -0.06 0.11 -6.80
N TYR A 50 0.76 0.78 -7.59
CA TYR A 50 0.90 0.46 -9.01
C TYR A 50 2.05 -0.51 -9.24
N ASP A 51 1.85 -1.44 -10.16
CA ASP A 51 2.87 -2.43 -10.49
C ASP A 51 4.01 -1.81 -11.29
N GLY A 52 3.78 -0.60 -11.79
CA GLY A 52 4.78 0.09 -12.56
C GLY A 52 5.40 1.27 -11.82
N GLU A 53 6.49 1.80 -12.36
CA GLU A 53 7.17 2.93 -11.74
C GLU A 53 6.53 4.26 -12.14
N ASN A 54 6.64 5.26 -11.27
CA ASN A 54 6.06 6.57 -11.55
C ASN A 54 4.55 6.49 -11.64
N PHE A 55 3.95 5.62 -10.83
CA PHE A 55 2.50 5.44 -10.83
C PHE A 55 1.99 5.08 -12.22
N THR A 56 2.65 4.10 -12.84
CA THR A 56 2.27 3.66 -14.19
C THR A 56 1.77 2.22 -14.16
N GLY A 57 0.77 1.94 -14.98
CA GLY A 57 0.20 0.60 -15.04
C GLY A 57 -1.03 0.44 -14.17
N ASN A 58 -1.38 -0.80 -13.87
CA ASN A 58 -2.54 -1.08 -13.04
C ASN A 58 -2.48 -0.32 -11.72
N GLN A 59 -3.55 -0.41 -10.94
CA GLN A 59 -3.61 0.27 -9.64
C GLN A 59 -4.51 -0.48 -8.67
N TYR A 60 -4.01 -0.72 -7.46
CA TYR A 60 -4.78 -1.43 -6.45
C TYR A 60 -4.93 -0.57 -5.19
N VAL A 61 -6.15 -0.07 -4.98
CA VAL A 61 -6.44 0.76 -3.82
C VAL A 61 -6.86 -0.09 -2.61
N LEU A 62 -6.11 0.01 -1.53
CA LEU A 62 -6.41 -0.74 -0.32
C LEU A 62 -7.12 0.13 0.71
N GLU A 63 -8.30 -0.31 1.14
CA GLU A 63 -9.08 0.42 2.12
C GLU A 63 -8.48 0.28 3.52
N GLU A 64 -8.89 1.15 4.43
CA GLU A 64 -8.39 1.12 5.79
C GLU A 64 -8.76 -0.19 6.48
N GLY A 65 -7.75 -0.98 6.85
CA GLY A 65 -7.99 -2.25 7.50
C GLY A 65 -6.72 -3.06 7.65
N HIS A 66 -6.87 -4.38 7.57
CA HIS A 66 -5.73 -5.28 7.69
C HIS A 66 -5.76 -6.36 6.62
N TYR A 67 -4.89 -6.24 5.63
CA TYR A 67 -4.81 -7.20 4.54
C TYR A 67 -3.71 -8.22 4.77
N PRO A 68 -4.08 -9.42 5.22
CA PRO A 68 -3.13 -10.50 5.49
C PRO A 68 -2.51 -11.06 4.21
N CYS A 69 -3.26 -10.99 3.11
CA CYS A 69 -2.78 -11.49 1.82
C CYS A 69 -3.20 -10.56 0.70
N LEU A 70 -2.76 -10.87 -0.52
CA LEU A 70 -3.08 -10.06 -1.69
C LEU A 70 -4.52 -10.28 -2.11
N SER A 71 -4.93 -11.55 -2.14
CA SER A 71 -6.30 -11.90 -2.54
C SER A 71 -7.31 -10.90 -1.97
N ALA A 72 -7.40 -10.86 -0.65
CA ALA A 72 -8.32 -9.94 0.02
C ALA A 72 -8.25 -8.55 -0.59
N MET A 73 -7.03 -8.11 -0.89
CA MET A 73 -6.81 -6.79 -1.48
C MET A 73 -7.25 -6.77 -2.94
N GLY A 74 -7.24 -7.93 -3.58
CA GLY A 74 -7.64 -8.02 -4.97
C GLY A 74 -6.48 -8.37 -5.88
N CYS A 75 -5.27 -7.95 -5.50
CA CYS A 75 -4.08 -8.22 -6.30
C CYS A 75 -3.93 -9.71 -6.55
N PRO A 76 -3.33 -10.06 -7.70
CA PRO A 76 -3.12 -11.46 -8.10
C PRO A 76 -2.06 -12.15 -7.24
N PRO A 77 -1.98 -13.48 -7.34
CA PRO A 77 -1.02 -14.28 -6.58
C PRO A 77 0.42 -14.06 -7.05
N GLY A 78 1.08 -13.07 -6.46
CA GLY A 78 2.45 -12.77 -6.82
C GLY A 78 2.61 -11.40 -7.45
N ALA A 79 1.95 -10.41 -6.85
CA ALA A 79 2.01 -9.04 -7.35
C ALA A 79 3.12 -8.25 -6.65
N THR A 80 3.56 -7.18 -7.29
CA THR A 80 4.62 -6.33 -6.73
C THR A 80 4.32 -4.86 -6.96
N PHE A 81 4.43 -4.06 -5.91
CA PHE A 81 4.18 -2.63 -5.99
C PHE A 81 5.47 -1.86 -6.25
N LYS A 82 5.40 -0.85 -7.11
CA LYS A 82 6.56 -0.04 -7.45
C LYS A 82 6.36 1.40 -7.02
N SER A 83 5.10 1.81 -6.92
CA SER A 83 4.76 3.18 -6.51
C SER A 83 3.51 3.19 -5.64
N LEU A 84 3.43 4.18 -4.76
CA LEU A 84 2.29 4.32 -3.86
C LEU A 84 1.64 5.70 -4.00
N ARG A 85 0.35 5.76 -3.74
CA ARG A 85 -0.39 7.02 -3.83
C ARG A 85 -1.34 7.18 -2.66
N PHE A 86 -1.02 8.12 -1.77
CA PHE A 86 -1.85 8.37 -0.60
C PHE A 86 -3.10 9.16 -0.98
N ILE A 87 -4.24 8.46 -1.06
CA ILE A 87 -5.50 9.09 -1.41
C ILE A 87 -6.05 9.91 -0.24
N SER A 88 -5.80 9.44 0.98
CA SER A 88 -6.27 10.13 2.17
C SER A 88 -7.79 10.28 2.15
N GLY A 89 -8.47 9.27 1.62
CA GLY A 89 -9.92 9.31 1.55
C GLY A 89 -10.49 8.23 0.65
N PRO A 90 -11.10 7.20 1.27
CA PRO A 90 -11.69 6.08 0.54
C PRO A 90 -12.94 6.50 -0.23
N SER A 91 -13.27 7.77 -0.18
CA SER A 91 -14.45 8.30 -0.87
C SER A 91 -14.05 9.26 -1.98
N SER A 92 -14.81 9.25 -3.07
CA SER A 92 -14.53 10.11 -4.21
C SER A 92 -15.32 11.41 -4.10
N GLY A 93 -16.60 11.30 -3.75
CA GLY A 93 -17.43 12.47 -3.62
C GLY A 93 -17.73 13.12 -4.96
#